data_1G47
#
_entry.id   1G47
#
_cell.length_a   1.000
_cell.length_b   1.000
_cell.length_c   1.000
_cell.angle_alpha   90.00
_cell.angle_beta   90.00
_cell.angle_gamma   90.00
#
_symmetry.space_group_name_H-M   'P 1'
#
loop_
_entity.id
_entity.type
_entity.pdbx_description
1 polymer 'PINCH PROTEIN'
2 non-polymer 'ZINC ION'
#
_entity_poly.entity_id   1
_entity_poly.type   'polypeptide(L)'
_entity_poly.pdbx_seq_one_letter_code
;ISEFMANALASATCERCKGGFAPAEKIVNSNGELYHEQCFVCAQCFQQFPEGLFYEFEGRKYCEHDFQMLFAPCWIL
;
_entity_poly.pdbx_strand_id   A
#
loop_
_chem_comp.id
_chem_comp.type
_chem_comp.name
_chem_comp.formula
ZN non-polymer 'ZINC ION' 'Zn 2'
#
# COMPACT_ATOMS: atom_id res chain seq x y z
N MET A 5 -17.11 -15.28 -13.44
CA MET A 5 -16.72 -16.46 -12.62
C MET A 5 -16.69 -16.07 -11.14
N ALA A 6 -16.76 -17.04 -10.27
CA ALA A 6 -16.75 -16.76 -8.80
C ALA A 6 -17.93 -15.84 -8.44
N ASN A 7 -17.86 -15.17 -7.32
CA ASN A 7 -18.97 -14.27 -6.91
C ASN A 7 -18.91 -12.98 -7.73
N ALA A 8 -19.94 -12.17 -7.67
CA ALA A 8 -19.95 -10.89 -8.45
C ALA A 8 -18.86 -9.96 -7.90
N LEU A 9 -17.82 -9.74 -8.65
CA LEU A 9 -16.73 -8.84 -8.19
C LEU A 9 -17.16 -7.39 -8.37
N ALA A 10 -16.85 -6.55 -7.42
CA ALA A 10 -17.24 -5.12 -7.53
C ALA A 10 -16.30 -4.40 -8.51
N SER A 11 -15.13 -4.02 -8.07
CA SER A 11 -14.17 -3.33 -8.96
C SER A 11 -12.79 -3.25 -8.29
N ALA A 12 -11.82 -2.73 -8.98
CA ALA A 12 -10.45 -2.62 -8.38
C ALA A 12 -10.45 -1.53 -7.31
N THR A 13 -10.33 -1.91 -6.06
CA THR A 13 -10.33 -0.90 -4.97
C THR A 13 -9.06 -1.05 -4.13
N CYS A 14 -8.70 -0.01 -3.42
CA CYS A 14 -7.45 -0.05 -2.58
C CYS A 14 -7.57 -1.09 -1.47
N GLU A 15 -6.46 -1.42 -0.85
CA GLU A 15 -6.45 -2.42 0.24
C GLU A 15 -6.77 -1.73 1.58
N ARG A 16 -5.92 -0.84 2.01
CA ARG A 16 -6.15 -0.14 3.31
C ARG A 16 -7.11 1.04 3.13
N CYS A 17 -7.93 1.02 2.12
CA CYS A 17 -8.89 2.15 1.93
C CYS A 17 -10.05 1.71 1.01
N LYS A 18 -9.83 0.72 0.17
CA LYS A 18 -10.91 0.25 -0.74
C LYS A 18 -11.41 1.41 -1.60
N GLY A 19 -10.51 2.22 -2.09
CA GLY A 19 -10.93 3.36 -2.95
C GLY A 19 -10.89 2.91 -4.41
N GLY A 20 -12.01 2.98 -5.10
CA GLY A 20 -12.04 2.55 -6.52
C GLY A 20 -11.02 3.35 -7.33
N PHE A 21 -9.88 2.75 -7.62
CA PHE A 21 -8.84 3.48 -8.41
C PHE A 21 -8.67 2.80 -9.77
N ALA A 22 -7.69 3.21 -10.54
CA ALA A 22 -7.47 2.59 -11.88
C ALA A 22 -6.20 3.16 -12.53
N PRO A 23 -6.12 4.47 -12.65
CA PRO A 23 -4.95 5.12 -13.28
C PRO A 23 -3.67 4.78 -12.50
N ALA A 24 -2.54 4.75 -13.17
CA ALA A 24 -1.26 4.42 -12.49
C ALA A 24 -0.98 5.42 -11.36
N GLU A 25 -1.68 6.54 -11.36
CA GLU A 25 -1.47 7.55 -10.29
C GLU A 25 -2.25 7.12 -9.04
N LYS A 26 -3.47 6.68 -9.22
CA LYS A 26 -4.28 6.25 -8.06
C LYS A 26 -4.08 4.75 -7.81
N ILE A 27 -3.84 4.00 -8.86
CA ILE A 27 -3.65 2.53 -8.69
C ILE A 27 -2.16 2.23 -8.50
N VAL A 28 -1.83 1.48 -7.49
CA VAL A 28 -0.40 1.11 -7.24
C VAL A 28 -0.38 -0.32 -6.69
N ASN A 29 0.32 -1.21 -7.33
CA ASN A 29 0.36 -2.61 -6.83
C ASN A 29 1.76 -2.93 -6.32
N SER A 30 1.84 -3.74 -5.30
CA SER A 30 3.15 -4.11 -4.72
C SER A 30 2.98 -5.44 -3.97
N ASN A 31 3.89 -6.37 -4.17
CA ASN A 31 3.78 -7.70 -3.49
C ASN A 31 2.63 -8.49 -4.14
N GLY A 32 1.54 -7.84 -4.37
CA GLY A 32 0.36 -8.51 -4.98
C GLY A 32 -0.90 -7.74 -4.57
N GLU A 33 -0.81 -6.95 -3.53
CA GLU A 33 -1.98 -6.16 -3.06
C GLU A 33 -2.05 -4.85 -3.84
N LEU A 34 -3.10 -4.09 -3.66
CA LEU A 34 -3.24 -2.79 -4.38
C LEU A 34 -3.19 -1.65 -3.36
N TYR A 35 -2.50 -0.59 -3.68
CA TYR A 35 -2.39 0.56 -2.73
C TYR A 35 -2.56 1.87 -3.51
N HIS A 36 -2.85 2.94 -2.82
CA HIS A 36 -2.98 4.27 -3.48
C HIS A 36 -1.63 4.97 -3.36
N GLU A 37 -1.50 6.14 -3.91
CA GLU A 37 -0.21 6.86 -3.78
C GLU A 37 -0.11 7.44 -2.37
N GLN A 38 -1.11 7.21 -1.55
CA GLN A 38 -1.08 7.73 -0.16
C GLN A 38 -1.94 6.85 0.76
N CYS A 39 -1.80 5.56 0.63
CA CYS A 39 -2.56 4.62 1.50
C CYS A 39 -1.57 3.69 2.19
N PHE A 40 -0.41 3.53 1.59
CA PHE A 40 0.63 2.65 2.18
C PHE A 40 0.72 2.87 3.69
N VAL A 41 0.26 1.93 4.48
CA VAL A 41 0.30 2.10 5.98
C VAL A 41 1.24 1.06 6.60
N CYS A 42 1.50 1.19 7.87
CA CYS A 42 2.38 0.21 8.57
C CYS A 42 1.51 -0.92 9.13
N ALA A 43 1.71 -2.12 8.66
CA ALA A 43 0.89 -3.27 9.16
C ALA A 43 0.89 -3.29 10.70
N GLN A 44 1.79 -2.54 11.31
CA GLN A 44 1.85 -2.51 12.80
C GLN A 44 1.25 -1.20 13.33
N CYS A 45 1.90 -0.10 13.09
CA CYS A 45 1.38 1.22 13.58
C CYS A 45 0.31 1.76 12.63
N PHE A 46 0.12 1.11 11.51
CA PHE A 46 -0.92 1.58 10.53
C PHE A 46 -0.61 3.01 10.08
N GLN A 47 0.62 3.43 10.23
CA GLN A 47 1.00 4.81 9.82
C GLN A 47 0.97 4.88 8.29
N GLN A 48 0.08 5.68 7.74
CA GLN A 48 0.01 5.80 6.26
C GLN A 48 1.23 6.59 5.77
N PHE A 49 1.41 6.69 4.49
CA PHE A 49 2.58 7.45 3.97
C PHE A 49 2.42 7.69 2.46
N PRO A 50 2.66 8.92 2.05
CA PRO A 50 2.56 9.30 0.63
C PRO A 50 3.61 8.56 -0.21
N GLU A 51 4.07 9.16 -1.29
CA GLU A 51 5.08 8.50 -2.17
C GLU A 51 4.45 7.32 -2.91
N GLY A 52 3.61 6.56 -2.25
CA GLY A 52 2.96 5.41 -2.92
C GLY A 52 3.89 4.19 -2.87
N LEU A 53 4.82 4.18 -1.94
CA LEU A 53 5.76 3.02 -1.83
C LEU A 53 6.70 3.23 -0.64
N PHE A 54 6.88 2.21 0.16
CA PHE A 54 7.81 2.32 1.32
C PHE A 54 8.37 0.93 1.62
N TYR A 55 8.34 0.49 2.85
CA TYR A 55 8.87 -0.88 3.16
C TYR A 55 7.73 -1.88 3.11
N GLU A 56 7.05 -1.95 1.99
CA GLU A 56 5.91 -2.90 1.86
C GLU A 56 6.44 -4.33 1.67
N PHE A 57 5.59 -5.33 1.81
CA PHE A 57 6.06 -6.74 1.64
C PHE A 57 4.88 -7.64 1.23
N GLU A 58 5.16 -8.89 0.96
CA GLU A 58 4.09 -9.84 0.54
C GLU A 58 3.12 -10.12 1.69
N GLY A 59 1.88 -9.75 1.52
CA GLY A 59 0.86 -10.01 2.57
C GLY A 59 1.11 -9.12 3.79
N ARG A 60 2.17 -8.35 3.77
CA ARG A 60 2.46 -7.47 4.94
C ARG A 60 3.18 -6.22 4.44
N LYS A 61 2.79 -5.07 4.92
CA LYS A 61 3.46 -3.81 4.47
C LYS A 61 3.96 -3.04 5.69
N TYR A 62 4.99 -2.24 5.52
CA TYR A 62 5.52 -1.46 6.68
C TYR A 62 6.09 -0.14 6.20
N CYS A 63 6.00 0.88 7.02
CA CYS A 63 6.57 2.19 6.64
C CYS A 63 8.01 2.23 7.12
N GLU A 64 8.75 3.24 6.77
CA GLU A 64 10.17 3.32 7.22
C GLU A 64 10.21 3.49 8.74
N HIS A 65 9.09 3.42 9.41
CA HIS A 65 9.08 3.58 10.89
C HIS A 65 9.48 2.27 11.57
N ASP A 66 8.60 1.30 11.61
CA ASP A 66 8.94 0.00 12.27
C ASP A 66 10.19 -0.58 11.62
N PHE A 67 10.33 -0.39 10.34
CA PHE A 67 11.49 -0.96 9.61
C PHE A 67 12.78 -0.18 9.91
N GLN A 68 12.73 1.11 10.11
CA GLN A 68 14.01 1.83 10.43
C GLN A 68 14.47 1.38 11.82
N MET A 69 13.56 0.95 12.64
CA MET A 69 13.92 0.46 13.99
C MET A 69 14.71 -0.82 13.82
N LEU A 70 14.27 -1.66 12.91
CA LEU A 70 15.01 -2.93 12.64
C LEU A 70 16.35 -2.56 12.01
N PHE A 71 16.41 -1.37 11.45
CA PHE A 71 17.65 -0.89 10.80
C PHE A 71 17.96 -1.75 9.57
N ALA A 72 17.39 -1.41 8.44
CA ALA A 72 17.62 -2.20 7.20
C ALA A 72 18.10 -1.26 6.08
N PRO A 73 19.38 -0.98 6.07
CA PRO A 73 19.99 -0.10 5.06
C PRO A 73 19.81 -0.71 3.67
N CYS A 74 18.94 -0.15 2.87
CA CYS A 74 18.70 -0.68 1.49
C CYS A 74 18.22 -2.14 1.58
ZN ZN B . -6.42 3.52 -1.08
ZN ZN C . 4.93 2.00 11.05
N MET A 5 -16.53 0.13 -18.72
CA MET A 5 -17.58 -0.59 -19.49
C MET A 5 -18.56 -1.27 -18.52
N ALA A 6 -19.57 -1.91 -19.03
CA ALA A 6 -20.56 -2.59 -18.14
C ALA A 6 -19.89 -3.76 -17.43
N ASN A 7 -20.46 -4.21 -16.34
CA ASN A 7 -19.87 -5.35 -15.57
C ASN A 7 -18.46 -4.97 -15.10
N ALA A 8 -18.16 -3.70 -15.04
CA ALA A 8 -16.81 -3.26 -14.60
C ALA A 8 -16.94 -2.01 -13.72
N LEU A 9 -18.14 -1.63 -13.39
CA LEU A 9 -18.35 -0.42 -12.54
C LEU A 9 -17.93 -0.74 -11.09
N ALA A 10 -17.31 0.19 -10.43
CA ALA A 10 -16.86 -0.04 -9.02
C ALA A 10 -16.00 -1.31 -8.95
N SER A 11 -14.99 -1.39 -9.77
CA SER A 11 -14.11 -2.60 -9.76
C SER A 11 -12.70 -2.22 -9.28
N ALA A 12 -12.01 -3.14 -8.65
CA ALA A 12 -10.63 -2.84 -8.15
C ALA A 12 -10.68 -1.82 -7.02
N THR A 13 -10.38 -2.23 -5.82
CA THR A 13 -10.40 -1.28 -4.67
C THR A 13 -9.06 -1.34 -3.93
N CYS A 14 -8.72 -0.28 -3.24
CA CYS A 14 -7.42 -0.25 -2.49
C CYS A 14 -7.37 -1.34 -1.42
N GLU A 15 -6.18 -1.75 -1.06
CA GLU A 15 -6.02 -2.82 -0.04
C GLU A 15 -6.00 -2.20 1.36
N ARG A 16 -5.61 -0.95 1.46
CA ARG A 16 -5.53 -0.30 2.81
C ARG A 16 -6.70 0.67 2.99
N CYS A 17 -7.44 0.94 1.95
CA CYS A 17 -8.58 1.89 2.08
C CYS A 17 -9.79 1.38 1.29
N LYS A 18 -9.59 0.39 0.45
CA LYS A 18 -10.73 -0.16 -0.36
C LYS A 18 -11.37 0.96 -1.17
N GLY A 19 -10.57 1.84 -1.73
CA GLY A 19 -11.12 2.95 -2.55
C GLY A 19 -11.17 2.51 -4.01
N GLY A 20 -12.34 2.51 -4.60
CA GLY A 20 -12.47 2.07 -6.02
C GLY A 20 -11.57 2.94 -6.91
N PHE A 21 -10.40 2.44 -7.25
CA PHE A 21 -9.48 3.22 -8.11
C PHE A 21 -9.38 2.57 -9.49
N ALA A 22 -8.48 3.02 -10.32
CA ALA A 22 -8.33 2.43 -11.68
C ALA A 22 -7.13 3.06 -12.40
N PRO A 23 -7.13 4.36 -12.53
CA PRO A 23 -6.02 5.08 -13.22
C PRO A 23 -4.69 4.80 -12.50
N ALA A 24 -3.62 4.67 -13.25
CA ALA A 24 -2.29 4.38 -12.64
C ALA A 24 -1.96 5.46 -11.60
N GLU A 25 -2.61 6.60 -11.66
CA GLU A 25 -2.34 7.67 -10.68
C GLU A 25 -2.94 7.26 -9.33
N LYS A 26 -4.04 6.55 -9.35
CA LYS A 26 -4.68 6.10 -8.09
C LYS A 26 -4.43 4.60 -7.89
N ILE A 27 -4.10 3.90 -8.95
CA ILE A 27 -3.86 2.43 -8.84
C ILE A 27 -2.35 2.17 -8.72
N VAL A 28 -1.94 1.55 -7.64
CA VAL A 28 -0.50 1.24 -7.45
C VAL A 28 -0.39 -0.18 -6.87
N ASN A 29 0.23 -1.08 -7.57
CA ASN A 29 0.34 -2.47 -7.03
C ASN A 29 1.78 -2.73 -6.57
N SER A 30 1.93 -3.52 -5.55
CA SER A 30 3.29 -3.83 -5.02
C SER A 30 3.25 -5.21 -4.38
N ASN A 31 4.17 -6.08 -4.73
CA ASN A 31 4.19 -7.46 -4.16
C ASN A 31 3.03 -8.27 -4.74
N GLY A 32 1.89 -7.65 -4.87
CA GLY A 32 0.69 -8.35 -5.41
C GLY A 32 -0.57 -7.65 -4.91
N GLU A 33 -0.44 -6.87 -3.85
CA GLU A 33 -1.61 -6.14 -3.29
C GLU A 33 -1.78 -4.81 -4.04
N LEU A 34 -2.82 -4.09 -3.75
CA LEU A 34 -3.06 -2.78 -4.44
C LEU A 34 -2.99 -1.65 -3.41
N TYR A 35 -2.41 -0.54 -3.77
CA TYR A 35 -2.31 0.61 -2.83
C TYR A 35 -2.55 1.91 -3.58
N HIS A 36 -3.01 2.92 -2.89
CA HIS A 36 -3.22 4.25 -3.53
C HIS A 36 -1.92 5.02 -3.44
N GLU A 37 -1.88 6.18 -4.03
CA GLU A 37 -0.63 6.99 -3.94
C GLU A 37 -0.58 7.64 -2.55
N GLN A 38 -1.37 7.16 -1.63
CA GLN A 38 -1.38 7.73 -0.26
C GLN A 38 -2.14 6.78 0.66
N CYS A 39 -1.88 5.50 0.55
CA CYS A 39 -2.57 4.51 1.42
C CYS A 39 -1.52 3.57 2.01
N PHE A 40 -0.31 3.61 1.49
CA PHE A 40 0.78 2.74 2.02
C PHE A 40 0.87 2.94 3.54
N VAL A 41 0.32 2.04 4.32
CA VAL A 41 0.38 2.21 5.81
C VAL A 41 1.28 1.14 6.44
N CYS A 42 1.64 1.36 7.67
CA CYS A 42 2.51 0.40 8.41
C CYS A 42 1.61 -0.67 9.05
N ALA A 43 1.82 -1.92 8.73
CA ALA A 43 0.97 -3.01 9.30
C ALA A 43 0.86 -2.86 10.83
N GLN A 44 1.73 -2.11 11.45
CA GLN A 44 1.66 -1.94 12.94
C GLN A 44 1.20 -0.53 13.30
N CYS A 45 2.04 0.45 13.14
CA CYS A 45 1.64 1.85 13.48
C CYS A 45 0.58 2.36 12.50
N PHE A 46 0.32 1.62 11.46
CA PHE A 46 -0.70 2.04 10.45
C PHE A 46 -0.36 3.43 9.91
N GLN A 47 0.89 3.82 9.98
CA GLN A 47 1.28 5.15 9.46
C GLN A 47 1.23 5.13 7.94
N GLN A 48 0.33 5.88 7.34
CA GLN A 48 0.24 5.88 5.86
C GLN A 48 1.43 6.62 5.28
N PHE A 49 1.53 6.67 3.98
CA PHE A 49 2.68 7.37 3.35
C PHE A 49 2.34 7.62 1.86
N PRO A 50 2.38 8.89 1.48
CA PRO A 50 2.05 9.30 0.10
C PRO A 50 2.96 8.62 -0.93
N GLU A 51 2.43 7.62 -1.61
CA GLU A 51 3.22 6.88 -2.65
C GLU A 51 4.71 6.88 -2.30
N GLY A 52 5.02 6.62 -1.05
CA GLY A 52 6.44 6.61 -0.63
C GLY A 52 7.06 5.25 -0.92
N LEU A 53 6.24 4.25 -1.22
CA LEU A 53 6.78 2.89 -1.49
C LEU A 53 7.81 2.56 -0.40
N PHE A 54 7.34 2.33 0.79
CA PHE A 54 8.28 2.03 1.90
C PHE A 54 8.67 0.56 1.86
N TYR A 55 8.49 -0.15 2.94
CA TYR A 55 8.87 -1.59 2.94
C TYR A 55 7.60 -2.44 2.79
N GLU A 56 6.88 -2.25 1.72
CA GLU A 56 5.64 -3.04 1.49
C GLU A 56 6.05 -4.47 1.12
N PHE A 57 5.33 -5.46 1.58
CA PHE A 57 5.71 -6.86 1.25
C PHE A 57 4.46 -7.72 1.01
N GLU A 58 4.64 -8.99 0.75
CA GLU A 58 3.49 -9.89 0.48
C GLU A 58 2.68 -10.10 1.76
N GLY A 59 1.46 -9.63 1.78
CA GLY A 59 0.61 -9.81 3.00
C GLY A 59 1.14 -8.94 4.14
N ARG A 60 2.23 -8.25 3.91
CA ARG A 60 2.80 -7.39 5.00
C ARG A 60 3.03 -5.98 4.46
N LYS A 61 3.41 -5.07 5.33
CA LYS A 61 3.65 -3.66 4.89
C LYS A 61 4.28 -2.89 6.04
N TYR A 62 5.34 -2.17 5.78
CA TYR A 62 6.01 -1.41 6.87
C TYR A 62 6.57 -0.10 6.34
N CYS A 63 6.37 0.97 7.06
CA CYS A 63 6.93 2.28 6.62
C CYS A 63 8.35 2.38 7.16
N GLU A 64 9.09 3.37 6.75
CA GLU A 64 10.49 3.51 7.24
C GLU A 64 10.49 3.44 8.78
N HIS A 65 9.37 3.68 9.40
CA HIS A 65 9.32 3.62 10.89
C HIS A 65 9.55 2.18 11.37
N ASP A 66 8.61 1.31 11.11
CA ASP A 66 8.75 -0.11 11.57
C ASP A 66 10.09 -0.67 11.10
N PHE A 67 10.46 -0.41 9.88
CA PHE A 67 11.74 -0.95 9.36
C PHE A 67 12.93 -0.29 10.05
N GLN A 68 12.85 0.99 10.37
CA GLN A 68 14.02 1.63 11.05
C GLN A 68 14.09 1.13 12.49
N MET A 69 12.99 0.62 12.99
CA MET A 69 12.98 0.07 14.38
C MET A 69 13.81 -1.21 14.37
N LEU A 70 13.69 -1.97 13.32
CA LEU A 70 14.49 -3.23 13.19
C LEU A 70 15.92 -2.82 12.89
N PHE A 71 16.09 -1.64 12.36
CA PHE A 71 17.44 -1.12 12.01
C PHE A 71 18.06 -2.01 10.93
N ALA A 72 17.61 -1.87 9.71
CA ALA A 72 18.15 -2.70 8.60
C ALA A 72 18.41 -1.80 7.38
N PRO A 73 19.48 -1.03 7.44
CA PRO A 73 19.87 -0.12 6.35
C PRO A 73 20.19 -0.91 5.08
N CYS A 74 20.23 -2.22 5.18
CA CYS A 74 20.54 -3.06 3.99
C CYS A 74 19.78 -4.38 4.09
ZN ZN B . -6.52 3.36 -0.93
ZN ZN C . 5.17 2.20 10.85
N MET A 5 -19.98 -5.62 -23.22
CA MET A 5 -19.44 -6.95 -22.80
C MET A 5 -18.75 -6.82 -21.45
N ALA A 6 -18.84 -7.83 -20.63
CA ALA A 6 -18.18 -7.77 -19.29
C ALA A 6 -16.67 -8.04 -19.45
N ASN A 7 -15.84 -7.21 -18.87
CA ASN A 7 -14.38 -7.41 -18.97
C ASN A 7 -13.94 -8.53 -18.01
N ALA A 8 -12.74 -9.02 -18.17
CA ALA A 8 -12.25 -10.10 -17.26
C ALA A 8 -11.76 -9.49 -15.95
N LEU A 9 -12.63 -8.82 -15.24
CA LEU A 9 -12.25 -8.18 -13.95
C LEU A 9 -11.32 -7.00 -14.20
N ALA A 10 -11.61 -5.86 -13.62
CA ALA A 10 -10.75 -4.66 -13.84
C ALA A 10 -10.99 -3.66 -12.70
N SER A 11 -12.23 -3.50 -12.29
CA SER A 11 -12.53 -2.54 -11.19
C SER A 11 -11.94 -3.05 -9.88
N ALA A 12 -11.38 -2.17 -9.08
CA ALA A 12 -10.79 -2.60 -7.79
C ALA A 12 -10.71 -1.40 -6.83
N THR A 13 -10.50 -1.65 -5.57
CA THR A 13 -10.42 -0.52 -4.59
C THR A 13 -9.15 -0.65 -3.74
N CYS A 14 -8.76 0.41 -3.09
CA CYS A 14 -7.52 0.39 -2.25
C CYS A 14 -7.64 -0.64 -1.11
N GLU A 15 -6.53 -1.01 -0.53
CA GLU A 15 -6.54 -2.01 0.57
C GLU A 15 -6.87 -1.35 1.90
N ARG A 16 -6.16 -0.30 2.25
CA ARG A 16 -6.40 0.38 3.56
C ARG A 16 -7.50 1.43 3.44
N CYS A 17 -7.79 1.90 2.25
CA CYS A 17 -8.84 2.94 2.11
C CYS A 17 -10.00 2.44 1.24
N LYS A 18 -9.79 1.37 0.51
CA LYS A 18 -10.90 0.84 -0.36
C LYS A 18 -11.42 1.94 -1.26
N GLY A 19 -10.54 2.74 -1.80
CA GLY A 19 -10.98 3.84 -2.71
C GLY A 19 -10.94 3.33 -4.15
N GLY A 20 -12.06 3.36 -4.82
CA GLY A 20 -12.10 2.88 -6.24
C GLY A 20 -11.06 3.64 -7.06
N PHE A 21 -10.08 2.95 -7.56
CA PHE A 21 -9.01 3.62 -8.37
C PHE A 21 -8.84 2.91 -9.71
N ALA A 22 -7.82 3.26 -10.45
CA ALA A 22 -7.59 2.62 -11.78
C ALA A 22 -6.26 3.11 -12.38
N PRO A 23 -6.11 4.42 -12.52
CA PRO A 23 -4.88 5.01 -13.10
C PRO A 23 -3.65 4.59 -12.28
N ALA A 24 -2.58 4.24 -12.95
CA ALA A 24 -1.34 3.82 -12.22
C ALA A 24 -0.91 4.89 -11.21
N GLU A 25 -1.29 6.12 -11.45
CA GLU A 25 -0.92 7.21 -10.49
C GLU A 25 -1.75 7.05 -9.23
N LYS A 26 -2.86 6.38 -9.34
CA LYS A 26 -3.75 6.18 -8.16
C LYS A 26 -3.87 4.67 -7.89
N ILE A 27 -3.11 3.87 -8.59
CA ILE A 27 -3.20 2.39 -8.37
C ILE A 27 -1.79 1.82 -8.14
N VAL A 28 -1.64 1.04 -7.11
CA VAL A 28 -0.31 0.42 -6.80
C VAL A 28 -0.57 -0.99 -6.24
N ASN A 29 0.28 -1.92 -6.52
CA ASN A 29 0.07 -3.30 -6.01
C ASN A 29 1.39 -3.87 -5.48
N SER A 30 1.33 -4.55 -4.37
CA SER A 30 2.56 -5.14 -3.78
C SER A 30 2.15 -6.25 -2.79
N ASN A 31 2.39 -6.07 -1.52
CA ASN A 31 2.03 -7.10 -0.48
C ASN A 31 0.66 -7.74 -0.77
N GLY A 32 0.58 -8.59 -1.76
CA GLY A 32 -0.72 -9.24 -2.11
C GLY A 32 -1.87 -8.27 -1.88
N GLU A 33 -1.61 -6.99 -2.04
CA GLU A 33 -2.68 -5.97 -1.79
C GLU A 33 -2.55 -4.80 -2.76
N LEU A 34 -3.50 -3.90 -2.72
CA LEU A 34 -3.48 -2.71 -3.62
C LEU A 34 -3.47 -1.44 -2.77
N TYR A 35 -2.73 -0.44 -3.18
CA TYR A 35 -2.70 0.83 -2.38
C TYR A 35 -2.73 2.02 -3.34
N HIS A 36 -3.02 3.18 -2.81
CA HIS A 36 -3.03 4.43 -3.63
C HIS A 36 -1.62 5.01 -3.58
N GLU A 37 -1.42 6.15 -4.17
CA GLU A 37 -0.08 6.77 -4.10
C GLU A 37 0.11 7.41 -2.73
N GLN A 38 -0.90 7.31 -1.88
CA GLN A 38 -0.79 7.90 -0.52
C GLN A 38 -1.71 7.13 0.44
N CYS A 39 -1.61 5.83 0.42
CA CYS A 39 -2.45 4.99 1.33
C CYS A 39 -1.55 3.94 1.99
N PHE A 40 -0.44 3.64 1.38
CA PHE A 40 0.50 2.62 1.97
C PHE A 40 0.54 2.76 3.49
N VAL A 41 0.09 1.76 4.20
CA VAL A 41 0.07 1.84 5.70
C VAL A 41 0.98 0.78 6.30
N CYS A 42 1.32 0.94 7.55
CA CYS A 42 2.20 -0.06 8.24
C CYS A 42 1.34 -1.24 8.69
N ALA A 43 1.67 -2.42 8.25
CA ALA A 43 0.87 -3.63 8.66
C ALA A 43 0.83 -3.72 10.20
N GLN A 44 1.60 -2.91 10.88
CA GLN A 44 1.61 -2.95 12.37
C GLN A 44 0.98 -1.67 12.94
N CYS A 45 1.61 -0.54 12.73
CA CYS A 45 1.04 0.74 13.27
C CYS A 45 -0.03 1.29 12.34
N PHE A 46 -0.15 0.73 11.16
CA PHE A 46 -1.18 1.20 10.19
C PHE A 46 -0.95 2.68 9.87
N GLN A 47 0.27 3.14 9.98
CA GLN A 47 0.55 4.58 9.67
C GLN A 47 0.58 4.76 8.16
N GLN A 48 -0.21 5.66 7.64
CA GLN A 48 -0.24 5.90 6.17
C GLN A 48 1.10 6.51 5.74
N PHE A 49 1.38 6.50 4.48
CA PHE A 49 2.67 7.07 3.99
C PHE A 49 2.57 7.43 2.50
N PRO A 50 2.91 8.65 2.18
CA PRO A 50 2.87 9.14 0.78
C PRO A 50 3.90 8.38 -0.07
N GLU A 51 4.36 8.99 -1.14
CA GLU A 51 5.36 8.32 -2.03
C GLU A 51 4.69 7.18 -2.81
N GLY A 52 3.65 6.61 -2.28
CA GLY A 52 2.95 5.50 -2.99
C GLY A 52 3.84 4.25 -2.98
N LEU A 53 4.85 4.23 -2.14
CA LEU A 53 5.76 3.05 -2.07
C LEU A 53 6.79 3.27 -0.96
N PHE A 54 6.54 2.76 0.22
CA PHE A 54 7.52 2.93 1.33
C PHE A 54 8.27 1.61 1.56
N TYR A 55 8.13 1.01 2.71
CA TYR A 55 8.82 -0.29 2.95
C TYR A 55 7.82 -1.43 2.74
N GLU A 56 7.05 -1.35 1.68
CA GLU A 56 6.05 -2.42 1.39
C GLU A 56 6.78 -3.67 0.89
N PHE A 57 6.12 -4.80 0.88
CA PHE A 57 6.78 -6.05 0.40
C PHE A 57 5.71 -7.07 0.02
N GLU A 58 5.96 -7.85 -1.01
CA GLU A 58 4.95 -8.87 -1.45
C GLU A 58 4.56 -9.76 -0.27
N GLY A 59 5.42 -9.93 0.68
CA GLY A 59 5.09 -10.77 1.87
C GLY A 59 4.22 -9.95 2.81
N ARG A 60 4.62 -8.75 3.10
CA ARG A 60 3.84 -7.86 4.01
C ARG A 60 4.18 -6.41 3.68
N LYS A 61 3.37 -5.46 4.09
CA LYS A 61 3.69 -4.04 3.78
C LYS A 61 3.99 -3.28 5.08
N TYR A 62 5.01 -2.46 5.07
CA TYR A 62 5.38 -1.69 6.30
C TYR A 62 5.88 -0.31 5.90
N CYS A 63 5.80 0.64 6.80
CA CYS A 63 6.32 1.99 6.50
C CYS A 63 7.76 2.08 7.00
N GLU A 64 8.45 3.14 6.72
CA GLU A 64 9.85 3.26 7.20
C GLU A 64 9.87 3.41 8.72
N HIS A 65 8.75 3.20 9.38
CA HIS A 65 8.72 3.34 10.87
C HIS A 65 9.15 2.02 11.51
N ASP A 66 8.32 1.00 11.44
CA ASP A 66 8.69 -0.30 12.06
C ASP A 66 9.96 -0.82 11.41
N PHE A 67 10.14 -0.53 10.16
CA PHE A 67 11.33 -1.02 9.43
C PHE A 67 12.58 -0.19 9.75
N GLN A 68 12.47 1.10 9.95
CA GLN A 68 13.71 1.86 10.30
C GLN A 68 14.13 1.45 11.70
N MET A 69 13.19 0.98 12.48
CA MET A 69 13.51 0.52 13.86
C MET A 69 14.40 -0.72 13.74
N LEU A 70 14.06 -1.59 12.81
CA LEU A 70 14.91 -2.81 12.61
C LEU A 70 16.26 -2.33 12.07
N PHE A 71 16.25 -1.15 11.48
CA PHE A 71 17.50 -0.58 10.91
C PHE A 71 18.03 -1.48 9.80
N ALA A 72 17.14 -2.02 8.99
CA ALA A 72 17.59 -2.92 7.89
C ALA A 72 18.47 -2.13 6.91
N PRO A 73 19.67 -2.60 6.70
CA PRO A 73 20.63 -1.94 5.78
C PRO A 73 20.06 -1.92 4.35
N CYS A 74 18.97 -2.62 4.13
CA CYS A 74 18.37 -2.65 2.77
C CYS A 74 16.85 -2.53 2.88
ZN ZN B . -6.35 4.10 -1.02
ZN ZN C . 4.61 1.65 10.91
N MET A 5 -16.61 10.53 -6.95
CA MET A 5 -16.85 10.73 -8.41
C MET A 5 -16.00 9.73 -9.20
N ALA A 6 -16.46 9.36 -10.37
CA ALA A 6 -15.69 8.39 -11.21
C ALA A 6 -15.95 8.66 -12.69
N ASN A 7 -14.91 8.79 -13.47
CA ASN A 7 -15.10 9.06 -14.92
C ASN A 7 -15.54 7.78 -15.63
N ALA A 8 -14.74 6.75 -15.56
CA ALA A 8 -15.10 5.46 -16.23
C ALA A 8 -14.23 4.33 -15.69
N LEU A 9 -12.95 4.58 -15.56
CA LEU A 9 -12.03 3.53 -15.03
C LEU A 9 -12.27 3.35 -13.53
N ALA A 10 -13.09 2.40 -13.16
CA ALA A 10 -13.37 2.16 -11.71
C ALA A 10 -13.76 0.69 -11.50
N SER A 11 -12.98 -0.02 -10.73
CA SER A 11 -13.28 -1.46 -10.48
C SER A 11 -12.67 -1.88 -9.14
N ALA A 12 -11.43 -2.27 -9.15
CA ALA A 12 -10.76 -2.69 -7.88
C ALA A 12 -10.67 -1.49 -6.94
N THR A 13 -10.70 -1.72 -5.66
CA THR A 13 -10.62 -0.60 -4.69
C THR A 13 -9.38 -0.75 -3.80
N CYS A 14 -9.02 0.29 -3.09
CA CYS A 14 -7.82 0.22 -2.21
C CYS A 14 -8.05 -0.74 -1.05
N GLU A 15 -6.99 -1.12 -0.39
CA GLU A 15 -7.12 -2.07 0.76
C GLU A 15 -7.35 -1.28 2.05
N ARG A 16 -6.41 -0.44 2.41
CA ARG A 16 -6.53 0.35 3.66
C ARG A 16 -7.45 1.56 3.47
N CYS A 17 -8.26 1.57 2.44
CA CYS A 17 -9.17 2.73 2.23
C CYS A 17 -10.35 2.33 1.33
N LYS A 18 -10.17 1.33 0.49
CA LYS A 18 -11.28 0.87 -0.40
C LYS A 18 -11.72 2.00 -1.34
N GLY A 19 -10.78 2.63 -2.00
CA GLY A 19 -11.14 3.72 -2.95
C GLY A 19 -11.01 3.18 -4.38
N GLY A 20 -12.07 3.21 -5.13
CA GLY A 20 -12.02 2.69 -6.53
C GLY A 20 -10.92 3.40 -7.33
N PHE A 21 -9.80 2.73 -7.54
CA PHE A 21 -8.70 3.35 -8.33
C PHE A 21 -8.51 2.59 -9.64
N ALA A 22 -7.47 2.88 -10.37
CA ALA A 22 -7.24 2.17 -11.66
C ALA A 22 -5.92 2.64 -12.31
N PRO A 23 -5.77 3.94 -12.47
CA PRO A 23 -4.55 4.51 -13.09
C PRO A 23 -3.30 4.08 -12.33
N ALA A 24 -2.27 3.70 -13.04
CA ALA A 24 -1.01 3.23 -12.38
C ALA A 24 -0.51 4.29 -11.40
N GLU A 25 -0.85 5.53 -11.61
CA GLU A 25 -0.40 6.60 -10.67
C GLU A 25 -1.17 6.47 -9.36
N LYS A 26 -2.33 5.88 -9.42
CA LYS A 26 -3.15 5.70 -8.20
C LYS A 26 -3.36 4.21 -7.95
N ILE A 27 -2.54 3.38 -8.54
CA ILE A 27 -2.68 1.90 -8.35
C ILE A 27 -1.31 1.28 -8.07
N VAL A 28 -1.17 0.68 -6.92
CA VAL A 28 0.12 0.02 -6.55
C VAL A 28 -0.23 -1.34 -5.95
N ASN A 29 0.53 -2.37 -6.24
CA ASN A 29 0.18 -3.70 -5.68
C ASN A 29 1.40 -4.37 -5.06
N SER A 30 1.28 -4.74 -3.82
CA SER A 30 2.38 -5.41 -3.09
C SER A 30 1.77 -6.05 -1.84
N ASN A 31 2.51 -6.87 -1.13
CA ASN A 31 1.93 -7.52 0.10
C ASN A 31 0.53 -8.08 -0.22
N GLY A 32 0.32 -8.48 -1.46
CA GLY A 32 -1.01 -9.03 -1.85
C GLY A 32 -2.10 -7.98 -1.59
N GLU A 33 -1.72 -6.72 -1.57
CA GLU A 33 -2.71 -5.64 -1.31
C GLU A 33 -2.56 -4.53 -2.36
N LEU A 34 -3.60 -3.76 -2.55
CA LEU A 34 -3.54 -2.64 -3.54
C LEU A 34 -3.50 -1.31 -2.77
N TYR A 35 -2.48 -0.51 -2.97
CA TYR A 35 -2.41 0.79 -2.23
C TYR A 35 -2.57 1.97 -3.19
N HIS A 36 -3.13 3.05 -2.71
CA HIS A 36 -3.29 4.27 -3.54
C HIS A 36 -1.97 5.02 -3.51
N GLU A 37 -1.88 6.11 -4.20
CA GLU A 37 -0.62 6.90 -4.14
C GLU A 37 -0.65 7.69 -2.82
N GLN A 38 -1.62 7.41 -1.99
CA GLN A 38 -1.74 8.11 -0.68
C GLN A 38 -2.42 7.18 0.33
N CYS A 39 -1.98 5.96 0.40
CA CYS A 39 -2.57 4.98 1.36
C CYS A 39 -1.48 4.02 1.83
N PHE A 40 -0.25 4.22 1.42
CA PHE A 40 0.86 3.31 1.84
C PHE A 40 0.81 3.13 3.36
N VAL A 41 0.34 1.99 3.83
CA VAL A 41 0.24 1.76 5.31
C VAL A 41 1.22 0.67 5.78
N CYS A 42 1.47 0.62 7.06
CA CYS A 42 2.39 -0.40 7.64
C CYS A 42 1.56 -1.61 8.10
N ALA A 43 1.85 -2.79 7.60
CA ALA A 43 1.06 -4.00 8.02
C ALA A 43 0.98 -4.07 9.54
N GLN A 44 1.86 -3.42 10.25
CA GLN A 44 1.83 -3.46 11.74
C GLN A 44 1.16 -2.20 12.29
N CYS A 45 1.85 -1.09 12.27
CA CYS A 45 1.25 0.17 12.81
C CYS A 45 0.16 0.67 11.86
N PHE A 46 0.11 0.14 10.67
CA PHE A 46 -0.92 0.56 9.67
C PHE A 46 -0.88 2.08 9.46
N GLN A 47 0.20 2.71 9.84
CA GLN A 47 0.31 4.18 9.63
C GLN A 47 0.32 4.43 8.13
N GLN A 48 -0.61 5.20 7.62
CA GLN A 48 -0.66 5.46 6.16
C GLN A 48 0.43 6.44 5.76
N PHE A 49 0.69 6.53 4.49
CA PHE A 49 1.74 7.45 3.98
C PHE A 49 1.45 7.76 2.50
N PRO A 50 1.87 8.94 2.07
CA PRO A 50 1.66 9.37 0.67
C PRO A 50 2.41 8.45 -0.29
N GLU A 51 2.51 8.83 -1.54
CA GLU A 51 3.24 7.98 -2.53
C GLU A 51 4.73 8.13 -2.26
N GLY A 52 5.13 7.96 -1.02
CA GLY A 52 6.58 8.12 -0.67
C GLY A 52 7.33 6.81 -0.94
N LEU A 53 6.66 5.82 -1.49
CA LEU A 53 7.35 4.53 -1.76
C LEU A 53 8.09 4.08 -0.49
N PHE A 54 7.36 3.89 0.57
CA PHE A 54 7.98 3.47 1.86
C PHE A 54 8.56 2.06 1.73
N TYR A 55 7.93 1.05 2.31
CA TYR A 55 8.50 -0.31 2.20
C TYR A 55 7.39 -1.38 2.11
N GLU A 56 6.51 -1.28 1.15
CA GLU A 56 5.45 -2.33 1.01
C GLU A 56 6.09 -3.54 0.34
N PHE A 57 5.71 -4.73 0.70
CA PHE A 57 6.36 -5.93 0.06
C PHE A 57 5.40 -7.13 0.05
N GLU A 58 5.56 -8.00 -0.92
CA GLU A 58 4.68 -9.21 -1.01
C GLU A 58 4.81 -10.03 0.27
N GLY A 59 3.72 -10.24 0.95
CA GLY A 59 3.75 -11.04 2.21
C GLY A 59 3.58 -10.08 3.39
N ARG A 60 4.24 -8.95 3.34
CA ARG A 60 4.11 -7.96 4.45
C ARG A 60 4.43 -6.55 3.94
N LYS A 61 3.69 -5.57 4.39
CA LYS A 61 3.95 -4.16 3.95
C LYS A 61 4.51 -3.36 5.14
N TYR A 62 5.46 -2.49 4.90
CA TYR A 62 6.04 -1.71 6.03
C TYR A 62 6.23 -0.25 5.63
N CYS A 63 6.37 0.61 6.60
CA CYS A 63 6.60 2.05 6.31
C CYS A 63 7.98 2.44 6.82
N GLU A 64 8.31 3.70 6.78
CA GLU A 64 9.64 4.12 7.28
C GLU A 64 9.73 3.80 8.78
N HIS A 65 8.62 3.45 9.39
CA HIS A 65 8.64 3.13 10.84
C HIS A 65 9.11 1.69 11.06
N ASP A 66 8.34 0.72 10.60
CA ASP A 66 8.74 -0.70 10.81
C ASP A 66 10.10 -0.94 10.18
N PHE A 67 10.38 -0.32 9.07
CA PHE A 67 11.69 -0.53 8.40
C PHE A 67 12.81 0.14 9.22
N GLN A 68 12.60 1.34 9.71
CA GLN A 68 13.67 1.98 10.52
C GLN A 68 13.78 1.24 11.85
N MET A 69 12.76 0.52 12.20
CA MET A 69 12.78 -0.26 13.47
C MET A 69 13.82 -1.37 13.30
N LEU A 70 13.87 -1.96 12.14
CA LEU A 70 14.88 -3.02 11.88
C LEU A 70 16.24 -2.33 11.72
N PHE A 71 16.20 -1.06 11.38
CA PHE A 71 17.45 -0.28 11.19
C PHE A 71 18.22 -0.83 9.97
N ALA A 72 17.87 -0.37 8.79
CA ALA A 72 18.57 -0.85 7.57
C ALA A 72 18.65 0.29 6.55
N PRO A 73 19.47 1.26 6.85
CA PRO A 73 19.67 2.43 5.97
C PRO A 73 20.23 1.99 4.62
N CYS A 74 19.75 2.58 3.55
CA CYS A 74 20.24 2.20 2.20
C CYS A 74 21.67 2.72 2.01
ZN ZN B . -6.59 3.86 -0.86
ZN ZN C . 4.76 1.16 10.48
N MET A 5 -18.73 9.62 -8.85
CA MET A 5 -18.09 10.94 -9.12
C MET A 5 -17.20 11.32 -7.94
N ALA A 6 -16.07 11.91 -8.21
CA ALA A 6 -15.14 12.31 -7.12
C ALA A 6 -14.71 11.07 -6.32
N ASN A 7 -14.66 9.93 -6.96
CA ASN A 7 -14.25 8.68 -6.26
C ASN A 7 -13.72 7.67 -7.29
N ALA A 8 -14.27 7.68 -8.48
CA ALA A 8 -13.80 6.72 -9.53
C ALA A 8 -13.96 5.29 -9.03
N LEU A 9 -15.18 4.86 -8.82
CA LEU A 9 -15.41 3.46 -8.32
C LEU A 9 -14.70 2.46 -9.24
N ALA A 10 -14.85 2.63 -10.53
CA ALA A 10 -14.20 1.69 -11.50
C ALA A 10 -14.57 0.25 -11.16
N SER A 11 -13.69 -0.48 -10.51
CA SER A 11 -14.00 -1.89 -10.15
C SER A 11 -13.14 -2.30 -8.95
N ALA A 12 -11.85 -2.43 -9.16
CA ALA A 12 -10.94 -2.82 -8.05
C ALA A 12 -10.81 -1.66 -7.06
N THR A 13 -10.65 -1.96 -5.81
CA THR A 13 -10.52 -0.87 -4.79
C THR A 13 -9.19 -1.04 -4.04
N CYS A 14 -8.81 -0.05 -3.27
CA CYS A 14 -7.52 -0.11 -2.52
C CYS A 14 -7.56 -1.24 -1.49
N GLU A 15 -6.42 -1.73 -1.11
CA GLU A 15 -6.35 -2.85 -0.14
C GLU A 15 -6.46 -2.32 1.30
N ARG A 16 -5.86 -1.19 1.58
CA ARG A 16 -5.92 -0.65 2.97
C ARG A 16 -7.04 0.39 3.11
N CYS A 17 -7.45 1.01 2.03
CA CYS A 17 -8.53 2.03 2.12
C CYS A 17 -9.76 1.57 1.33
N LYS A 18 -9.61 0.59 0.48
CA LYS A 18 -10.77 0.09 -0.31
C LYS A 18 -11.39 1.26 -1.10
N GLY A 19 -10.55 2.07 -1.70
CA GLY A 19 -11.07 3.22 -2.49
C GLY A 19 -11.04 2.85 -3.97
N GLY A 20 -12.17 2.89 -4.62
CA GLY A 20 -12.21 2.54 -6.07
C GLY A 20 -11.17 3.37 -6.83
N PHE A 21 -10.25 2.72 -7.50
CA PHE A 21 -9.20 3.46 -8.26
C PHE A 21 -9.01 2.84 -9.63
N ALA A 22 -8.03 3.31 -10.37
CA ALA A 22 -7.79 2.75 -11.75
C ALA A 22 -6.53 3.38 -12.35
N PRO A 23 -6.49 4.70 -12.42
CA PRO A 23 -5.35 5.43 -12.99
C PRO A 23 -4.06 5.07 -12.24
N ALA A 24 -2.94 5.09 -12.91
CA ALA A 24 -1.64 4.75 -12.25
C ALA A 24 -1.41 5.66 -11.04
N GLU A 25 -2.06 6.80 -11.00
CA GLU A 25 -1.88 7.72 -9.84
C GLU A 25 -2.64 7.15 -8.65
N LYS A 26 -3.77 6.55 -8.89
CA LYS A 26 -4.57 5.96 -7.78
C LYS A 26 -4.23 4.47 -7.65
N ILE A 27 -3.85 3.84 -8.73
CA ILE A 27 -3.52 2.39 -8.68
C ILE A 27 -2.01 2.22 -8.45
N VAL A 28 -1.64 1.64 -7.35
CA VAL A 28 -0.20 1.42 -7.04
C VAL A 28 -0.04 0.03 -6.44
N ASN A 29 0.32 -0.94 -7.23
CA ASN A 29 0.46 -2.33 -6.70
C ASN A 29 1.82 -2.47 -6.02
N SER A 30 1.89 -3.34 -5.04
CA SER A 30 3.16 -3.56 -4.32
C SER A 30 3.08 -4.92 -3.62
N ASN A 31 4.09 -5.74 -3.77
CA ASN A 31 4.06 -7.10 -3.13
C ASN A 31 3.06 -7.98 -3.88
N GLY A 32 1.94 -7.42 -4.22
CA GLY A 32 0.88 -8.19 -4.94
C GLY A 32 -0.46 -7.52 -4.68
N GLU A 33 -0.56 -6.76 -3.63
CA GLU A 33 -1.84 -6.07 -3.30
C GLU A 33 -1.92 -4.74 -4.06
N LEU A 34 -2.99 -4.00 -3.87
CA LEU A 34 -3.15 -2.68 -4.55
C LEU A 34 -3.11 -1.58 -3.49
N TYR A 35 -2.43 -0.50 -3.79
CA TYR A 35 -2.35 0.62 -2.81
C TYR A 35 -2.54 1.95 -3.54
N HIS A 36 -2.96 2.95 -2.83
CA HIS A 36 -3.11 4.30 -3.44
C HIS A 36 -1.74 4.97 -3.29
N GLU A 37 -1.59 6.17 -3.78
CA GLU A 37 -0.29 6.84 -3.62
C GLU A 37 -0.16 7.32 -2.17
N GLN A 38 -1.20 7.16 -1.40
CA GLN A 38 -1.16 7.59 0.04
C GLN A 38 -1.96 6.59 0.87
N CYS A 39 -1.70 5.32 0.71
CA CYS A 39 -2.43 4.28 1.50
C CYS A 39 -1.43 3.25 2.02
N PHE A 40 -0.20 3.33 1.60
CA PHE A 40 0.83 2.36 2.07
C PHE A 40 0.93 2.48 3.60
N VAL A 41 0.04 1.83 4.32
CA VAL A 41 0.04 1.92 5.81
C VAL A 41 1.00 0.92 6.45
N CYS A 42 1.32 1.14 7.71
CA CYS A 42 2.24 0.23 8.44
C CYS A 42 1.40 -0.84 9.15
N ALA A 43 1.71 -2.09 8.93
CA ALA A 43 0.94 -3.19 9.59
C ALA A 43 0.97 -3.02 11.12
N GLN A 44 1.74 -2.08 11.61
CA GLN A 44 1.82 -1.86 13.09
C GLN A 44 1.27 -0.48 13.42
N CYS A 45 1.87 0.56 12.90
CA CYS A 45 1.38 1.95 13.20
C CYS A 45 0.38 2.39 12.12
N PHE A 46 0.02 1.48 11.23
CA PHE A 46 -0.95 1.81 10.13
C PHE A 46 -0.72 3.22 9.58
N GLN A 47 0.50 3.69 9.64
CA GLN A 47 0.79 5.05 9.09
C GLN A 47 0.99 4.90 7.59
N GLN A 48 0.24 5.63 6.80
CA GLN A 48 0.40 5.50 5.32
C GLN A 48 1.64 6.25 4.87
N PHE A 49 2.05 6.04 3.65
CA PHE A 49 3.25 6.73 3.13
C PHE A 49 2.95 7.29 1.72
N PRO A 50 2.94 8.60 1.62
CA PRO A 50 2.64 9.30 0.35
C PRO A 50 3.65 8.94 -0.74
N GLU A 51 4.72 8.28 -0.39
CA GLU A 51 5.73 7.92 -1.42
C GLU A 51 5.17 6.82 -2.34
N GLY A 52 4.06 6.24 -1.96
CA GLY A 52 3.44 5.18 -2.81
C GLY A 52 4.37 3.95 -2.94
N LEU A 53 5.30 3.81 -2.04
CA LEU A 53 6.24 2.65 -2.11
C LEU A 53 7.16 2.66 -0.89
N PHE A 54 6.74 2.06 0.19
CA PHE A 54 7.59 2.02 1.40
C PHE A 54 8.13 0.60 1.61
N TYR A 55 8.07 0.09 2.80
CA TYR A 55 8.57 -1.29 3.04
C TYR A 55 7.39 -2.27 3.02
N GLU A 56 6.75 -2.41 1.90
CA GLU A 56 5.59 -3.34 1.80
C GLU A 56 6.11 -4.78 1.86
N PHE A 57 5.23 -5.75 2.02
CA PHE A 57 5.67 -7.17 2.09
C PHE A 57 4.70 -8.05 1.29
N GLU A 58 5.18 -9.14 0.76
CA GLU A 58 4.32 -10.06 -0.04
C GLU A 58 3.14 -10.55 0.80
N GLY A 59 3.23 -10.43 2.09
CA GLY A 59 2.11 -10.89 2.98
C GLY A 59 1.92 -9.89 4.11
N ARG A 60 2.62 -8.77 4.06
CA ARG A 60 2.48 -7.74 5.13
C ARG A 60 2.71 -6.35 4.53
N LYS A 61 2.85 -5.36 5.36
CA LYS A 61 3.08 -3.97 4.85
C LYS A 61 3.68 -3.12 5.98
N TYR A 62 4.79 -2.48 5.73
CA TYR A 62 5.42 -1.64 6.79
C TYR A 62 6.01 -0.38 6.17
N CYS A 63 6.03 0.69 6.92
CA CYS A 63 6.64 1.93 6.41
C CYS A 63 8.09 1.96 6.89
N GLU A 64 8.86 2.93 6.48
CA GLU A 64 10.27 2.98 6.93
C GLU A 64 10.33 3.26 8.43
N HIS A 65 9.20 3.25 9.10
CA HIS A 65 9.20 3.54 10.57
C HIS A 65 9.56 2.26 11.35
N ASP A 66 8.67 1.31 11.41
CA ASP A 66 8.98 0.06 12.18
C ASP A 66 10.21 -0.62 11.57
N PHE A 67 10.36 -0.49 10.29
CA PHE A 67 11.50 -1.13 9.61
C PHE A 67 12.80 -0.39 9.90
N GLN A 68 12.77 0.92 10.03
CA GLN A 68 14.04 1.63 10.36
C GLN A 68 14.28 1.50 11.86
N MET A 69 13.25 1.20 12.60
CA MET A 69 13.38 1.02 14.07
C MET A 69 14.33 -0.15 14.28
N LEU A 70 14.13 -1.20 13.53
CA LEU A 70 15.04 -2.36 13.62
C LEU A 70 16.33 -1.96 12.91
N PHE A 71 16.18 -1.53 11.69
CA PHE A 71 17.35 -1.07 10.88
C PHE A 71 16.93 -1.00 9.41
N ALA A 72 16.84 -2.13 8.77
CA ALA A 72 16.43 -2.17 7.34
C ALA A 72 16.19 -3.62 6.92
N PRO A 73 15.23 -4.25 7.56
CA PRO A 73 14.89 -5.66 7.27
C PRO A 73 14.40 -5.78 5.83
N CYS A 74 15.02 -6.63 5.04
CA CYS A 74 14.58 -6.79 3.62
C CYS A 74 13.20 -7.48 3.60
ZN ZN B . -6.38 3.41 -0.89
ZN ZN C . 4.94 2.19 10.78
N MET A 5 -18.39 -8.93 -21.59
CA MET A 5 -17.85 -9.34 -22.92
C MET A 5 -17.05 -10.64 -22.77
N ALA A 6 -16.11 -10.66 -21.85
CA ALA A 6 -15.29 -11.90 -21.66
C ALA A 6 -14.75 -11.92 -20.22
N ASN A 7 -13.89 -11.01 -19.89
CA ASN A 7 -13.32 -10.98 -18.51
C ASN A 7 -13.99 -9.85 -17.71
N ALA A 8 -14.07 -10.00 -16.41
CA ALA A 8 -14.71 -8.94 -15.58
C ALA A 8 -13.65 -7.90 -15.17
N LEU A 9 -13.08 -8.04 -14.00
CA LEU A 9 -12.03 -7.08 -13.54
C LEU A 9 -12.54 -5.64 -13.71
N ALA A 10 -13.61 -5.29 -13.04
CA ALA A 10 -14.16 -3.91 -13.15
C ALA A 10 -13.18 -2.92 -12.53
N SER A 11 -13.01 -2.97 -11.23
CA SER A 11 -12.07 -2.03 -10.56
C SER A 11 -11.83 -2.50 -9.12
N ALA A 12 -10.61 -2.83 -8.78
CA ALA A 12 -10.31 -3.30 -7.40
C ALA A 12 -10.35 -2.10 -6.45
N THR A 13 -10.14 -2.34 -5.17
CA THR A 13 -10.16 -1.22 -4.18
C THR A 13 -8.85 -1.19 -3.40
N CYS A 14 -8.50 -0.06 -2.84
CA CYS A 14 -7.23 0.05 -2.07
C CYS A 14 -7.26 -0.86 -0.85
N GLU A 15 -6.12 -1.16 -0.29
CA GLU A 15 -6.06 -2.05 0.90
C GLU A 15 -6.57 -1.31 2.14
N ARG A 16 -5.88 -0.26 2.52
CA ARG A 16 -6.28 0.49 3.74
C ARG A 16 -7.47 1.41 3.48
N CYS A 17 -7.46 2.11 2.38
CA CYS A 17 -8.58 3.05 2.09
C CYS A 17 -9.72 2.35 1.34
N LYS A 18 -9.45 1.24 0.69
CA LYS A 18 -10.53 0.53 -0.06
C LYS A 18 -11.17 1.49 -1.07
N GLY A 19 -10.37 2.29 -1.73
CA GLY A 19 -10.92 3.23 -2.74
C GLY A 19 -10.94 2.56 -4.10
N GLY A 20 -12.09 2.47 -4.71
CA GLY A 20 -12.18 1.80 -6.05
C GLY A 20 -11.28 2.54 -7.04
N PHE A 21 -10.08 2.05 -7.25
CA PHE A 21 -9.16 2.72 -8.21
C PHE A 21 -9.02 1.86 -9.48
N ALA A 22 -8.12 2.21 -10.36
CA ALA A 22 -7.95 1.42 -11.60
C ALA A 22 -6.77 1.97 -12.44
N PRO A 23 -6.82 3.26 -12.74
CA PRO A 23 -5.75 3.90 -13.55
C PRO A 23 -4.39 3.77 -12.84
N ALA A 24 -3.33 3.72 -13.60
CA ALA A 24 -1.97 3.59 -12.99
C ALA A 24 -1.67 4.81 -12.10
N GLU A 25 -2.46 5.84 -12.20
CA GLU A 25 -2.24 7.05 -11.37
C GLU A 25 -2.82 6.81 -9.98
N LYS A 26 -4.01 6.27 -9.92
CA LYS A 26 -4.66 6.01 -8.61
C LYS A 26 -4.35 4.58 -8.16
N ILE A 27 -4.34 3.65 -9.07
CA ILE A 27 -4.04 2.23 -8.70
C ILE A 27 -2.52 2.07 -8.55
N VAL A 28 -2.10 1.48 -7.47
CA VAL A 28 -0.64 1.26 -7.25
C VAL A 28 -0.45 -0.09 -6.57
N ASN A 29 0.06 -1.06 -7.26
CA ASN A 29 0.25 -2.40 -6.64
C ASN A 29 1.70 -2.53 -6.16
N SER A 30 1.91 -3.30 -5.13
CA SER A 30 3.29 -3.48 -4.61
C SER A 30 3.36 -4.80 -3.84
N ASN A 31 4.31 -5.63 -4.16
CA ASN A 31 4.46 -6.95 -3.46
C ASN A 31 3.21 -7.81 -3.69
N GLY A 32 2.24 -7.32 -4.42
CA GLY A 32 1.01 -8.13 -4.68
C GLY A 32 -0.25 -7.39 -4.19
N GLU A 33 -0.15 -6.62 -3.14
CA GLU A 33 -1.35 -5.90 -2.63
C GLU A 33 -1.59 -4.63 -3.45
N LEU A 34 -2.67 -3.95 -3.20
CA LEU A 34 -2.98 -2.70 -3.96
C LEU A 34 -2.97 -1.50 -3.00
N TYR A 35 -2.44 -0.39 -3.44
CA TYR A 35 -2.41 0.83 -2.58
C TYR A 35 -2.57 2.07 -3.47
N HIS A 36 -2.80 3.20 -2.86
CA HIS A 36 -2.93 4.47 -3.63
C HIS A 36 -1.59 5.18 -3.53
N GLU A 37 -1.49 6.36 -4.08
CA GLU A 37 -0.20 7.09 -3.98
C GLU A 37 -0.09 7.67 -2.58
N GLN A 38 -1.16 7.56 -1.82
CA GLN A 38 -1.15 8.08 -0.41
C GLN A 38 -1.96 7.16 0.49
N CYS A 39 -1.69 5.87 0.43
CA CYS A 39 -2.43 4.91 1.30
C CYS A 39 -1.44 3.88 1.89
N PHE A 40 -0.26 3.81 1.32
CA PHE A 40 0.77 2.85 1.84
C PHE A 40 0.82 2.95 3.37
N VAL A 41 0.31 1.95 4.06
CA VAL A 41 0.30 2.00 5.55
C VAL A 41 1.15 0.89 6.15
N CYS A 42 1.43 1.00 7.43
CA CYS A 42 2.26 -0.04 8.12
C CYS A 42 1.33 -1.10 8.71
N ALA A 43 1.54 -2.35 8.36
CA ALA A 43 0.66 -3.43 8.90
C ALA A 43 0.73 -3.46 10.43
N GLN A 44 1.59 -2.67 11.02
CA GLN A 44 1.69 -2.66 12.51
C GLN A 44 1.15 -1.33 13.07
N CYS A 45 1.80 -0.23 12.76
CA CYS A 45 1.32 1.09 13.28
C CYS A 45 0.24 1.66 12.33
N PHE A 46 0.05 1.04 11.20
CA PHE A 46 -0.97 1.53 10.23
C PHE A 46 -0.65 2.98 9.83
N GLN A 47 0.59 3.38 9.99
CA GLN A 47 0.98 4.76 9.62
C GLN A 47 0.98 4.87 8.09
N GLN A 48 0.20 5.77 7.55
CA GLN A 48 0.15 5.92 6.07
C GLN A 48 1.33 6.80 5.63
N PHE A 49 1.83 6.58 4.44
CA PHE A 49 2.99 7.38 3.96
C PHE A 49 2.75 7.84 2.52
N PRO A 50 2.70 9.14 2.32
CA PRO A 50 2.48 9.72 0.99
C PRO A 50 3.67 9.42 0.07
N GLU A 51 4.65 8.70 0.59
CA GLU A 51 5.85 8.36 -0.23
C GLU A 51 5.41 7.64 -1.51
N GLY A 52 4.27 7.00 -1.48
CA GLY A 52 3.79 6.27 -2.70
C GLY A 52 4.42 4.88 -2.74
N LEU A 53 5.44 4.65 -1.96
CA LEU A 53 6.11 3.32 -1.95
C LEU A 53 7.21 3.31 -0.88
N PHE A 54 6.86 3.05 0.34
CA PHE A 54 7.88 3.01 1.43
C PHE A 54 8.46 1.60 1.55
N TYR A 55 8.10 0.86 2.58
CA TYR A 55 8.64 -0.52 2.73
C TYR A 55 7.49 -1.53 2.87
N GLU A 56 6.61 -1.57 1.89
CA GLU A 56 5.48 -2.56 1.95
C GLU A 56 6.02 -3.95 1.61
N PHE A 57 5.28 -4.98 1.90
CA PHE A 57 5.78 -6.36 1.60
C PHE A 57 4.61 -7.26 1.18
N GLU A 58 4.90 -8.45 0.74
CA GLU A 58 3.82 -9.39 0.31
C GLU A 58 3.07 -9.92 1.53
N GLY A 59 1.77 -9.80 1.53
CA GLY A 59 0.96 -10.31 2.68
C GLY A 59 1.11 -9.36 3.88
N ARG A 60 1.94 -8.37 3.77
CA ARG A 60 2.13 -7.42 4.91
C ARG A 60 2.53 -6.05 4.37
N LYS A 61 3.01 -5.18 5.21
CA LYS A 61 3.42 -3.82 4.75
C LYS A 61 4.10 -3.07 5.90
N TYR A 62 5.10 -2.30 5.61
CA TYR A 62 5.80 -1.54 6.68
C TYR A 62 6.26 -0.18 6.16
N CYS A 63 6.36 0.77 7.03
CA CYS A 63 6.82 2.13 6.62
C CYS A 63 8.24 2.33 7.13
N GLU A 64 8.78 3.51 7.00
CA GLU A 64 10.16 3.75 7.50
C GLU A 64 10.19 3.51 9.01
N HIS A 65 9.04 3.31 9.62
CA HIS A 65 9.01 3.07 11.09
C HIS A 65 9.32 1.61 11.39
N ASP A 66 8.43 0.71 11.05
CA ASP A 66 8.68 -0.72 11.34
C ASP A 66 10.00 -1.16 10.72
N PHE A 67 10.27 -0.73 9.52
CA PHE A 67 11.55 -1.12 8.86
C PHE A 67 12.75 -0.50 9.58
N GLN A 68 12.68 0.74 9.99
CA GLN A 68 13.87 1.32 10.70
C GLN A 68 13.96 0.66 12.08
N MET A 69 12.88 0.09 12.54
CA MET A 69 12.91 -0.60 13.86
C MET A 69 13.83 -1.81 13.71
N LEU A 70 13.77 -2.46 12.58
CA LEU A 70 14.66 -3.62 12.32
C LEU A 70 16.05 -3.08 11.97
N PHE A 71 16.08 -1.80 11.61
CA PHE A 71 17.38 -1.15 11.24
C PHE A 71 18.03 -1.92 10.09
N ALA A 72 17.29 -2.16 9.04
CA ALA A 72 17.85 -2.90 7.86
C ALA A 72 17.51 -2.12 6.58
N PRO A 73 18.41 -1.25 6.19
CA PRO A 73 18.24 -0.43 4.98
C PRO A 73 18.16 -1.31 3.72
N CYS A 74 18.39 -2.59 3.88
CA CYS A 74 18.33 -3.51 2.71
C CYS A 74 16.88 -3.63 2.21
ZN ZN B . -6.26 3.84 -1.06
ZN ZN C . 4.87 1.56 10.77
N MET A 5 -14.89 -3.73 -13.95
CA MET A 5 -15.60 -5.05 -14.00
C MET A 5 -16.51 -5.18 -12.77
N ALA A 6 -17.38 -6.16 -12.77
CA ALA A 6 -18.31 -6.35 -11.61
C ALA A 6 -19.07 -5.06 -11.34
N ASN A 7 -20.04 -4.76 -12.17
CA ASN A 7 -20.84 -3.51 -11.98
C ASN A 7 -21.89 -3.73 -10.88
N ALA A 8 -21.49 -4.25 -9.75
CA ALA A 8 -22.44 -4.49 -8.63
C ALA A 8 -21.67 -4.65 -7.32
N LEU A 9 -20.62 -5.42 -7.33
CA LEU A 9 -19.82 -5.62 -6.09
C LEU A 9 -18.74 -4.53 -6.01
N ALA A 10 -17.77 -4.59 -6.88
CA ALA A 10 -16.67 -3.57 -6.86
C ALA A 10 -15.81 -3.74 -8.12
N SER A 11 -14.87 -2.84 -8.32
CA SER A 11 -13.99 -2.95 -9.52
C SER A 11 -12.57 -2.49 -9.14
N ALA A 12 -11.81 -3.35 -8.52
CA ALA A 12 -10.42 -2.98 -8.12
C ALA A 12 -10.46 -1.85 -7.08
N THR A 13 -10.32 -2.19 -5.83
CA THR A 13 -10.36 -1.14 -4.76
C THR A 13 -9.07 -1.21 -3.92
N CYS A 14 -8.76 -0.16 -3.21
CA CYS A 14 -7.53 -0.15 -2.37
C CYS A 14 -7.62 -1.18 -1.25
N GLU A 15 -6.50 -1.55 -0.70
CA GLU A 15 -6.47 -2.55 0.40
C GLU A 15 -6.60 -1.86 1.76
N ARG A 16 -5.92 -0.75 1.94
CA ARG A 16 -5.98 -0.03 3.25
C ARG A 16 -6.98 1.13 3.16
N CYS A 17 -7.88 1.09 2.21
CA CYS A 17 -8.88 2.19 2.09
C CYS A 17 -10.08 1.72 1.26
N LYS A 18 -9.87 0.75 0.39
CA LYS A 18 -10.98 0.23 -0.46
C LYS A 18 -11.51 1.34 -1.38
N GLY A 19 -10.62 2.09 -1.96
CA GLY A 19 -11.06 3.18 -2.88
C GLY A 19 -11.02 2.65 -4.32
N GLY A 20 -12.13 2.64 -4.99
CA GLY A 20 -12.16 2.13 -6.39
C GLY A 20 -11.17 2.91 -7.25
N PHE A 21 -10.01 2.34 -7.49
CA PHE A 21 -8.99 3.05 -8.32
C PHE A 21 -8.81 2.30 -9.64
N ALA A 22 -7.80 2.66 -10.41
CA ALA A 22 -7.58 1.98 -11.72
C ALA A 22 -6.33 2.56 -12.41
N PRO A 23 -6.31 3.87 -12.60
CA PRO A 23 -5.17 4.53 -13.26
C PRO A 23 -3.86 4.25 -12.51
N ALA A 24 -2.75 4.23 -13.22
CA ALA A 24 -1.45 3.95 -12.57
C ALA A 24 -1.14 5.03 -11.52
N GLU A 25 -1.86 6.11 -11.54
CA GLU A 25 -1.63 7.20 -10.54
C GLU A 25 -2.37 6.86 -9.25
N LYS A 26 -3.59 6.40 -9.36
CA LYS A 26 -4.37 6.05 -8.15
C LYS A 26 -4.10 4.59 -7.78
N ILE A 27 -3.86 3.76 -8.75
CA ILE A 27 -3.58 2.33 -8.46
C ILE A 27 -2.06 2.12 -8.30
N VAL A 28 -1.66 1.51 -7.23
CA VAL A 28 -0.20 1.26 -7.00
C VAL A 28 -0.03 -0.17 -6.49
N ASN A 29 -0.18 -1.13 -7.35
CA ASN A 29 -0.03 -2.55 -6.91
C ASN A 29 1.45 -2.92 -6.90
N SER A 30 1.88 -3.55 -5.85
CA SER A 30 3.31 -3.94 -5.76
C SER A 30 3.46 -5.03 -4.70
N ASN A 31 4.49 -5.83 -4.80
CA ASN A 31 4.71 -6.93 -3.80
C ASN A 31 3.57 -7.95 -3.90
N GLY A 32 2.40 -7.58 -3.49
CA GLY A 32 1.25 -8.54 -3.56
C GLY A 32 -0.01 -7.88 -3.00
N GLU A 33 -0.18 -6.60 -3.19
CA GLU A 33 -1.39 -5.90 -2.67
C GLU A 33 -1.66 -4.63 -3.49
N LEU A 34 -2.75 -3.96 -3.22
CA LEU A 34 -3.09 -2.71 -3.96
C LEU A 34 -3.10 -1.54 -2.99
N TYR A 35 -2.40 -0.48 -3.30
CA TYR A 35 -2.40 0.70 -2.39
C TYR A 35 -2.53 1.98 -3.23
N HIS A 36 -3.03 3.02 -2.62
CA HIS A 36 -3.15 4.33 -3.34
C HIS A 36 -1.82 5.06 -3.18
N GLU A 37 -1.77 6.29 -3.57
CA GLU A 37 -0.50 7.05 -3.41
C GLU A 37 -0.36 7.45 -1.94
N GLN A 38 -1.47 7.57 -1.25
CA GLN A 38 -1.42 7.95 0.19
C GLN A 38 -2.20 6.92 1.02
N CYS A 39 -1.94 5.66 0.79
CA CYS A 39 -2.65 4.59 1.56
C CYS A 39 -1.60 3.61 2.09
N PHE A 40 -0.38 3.74 1.64
CA PHE A 40 0.71 2.84 2.12
C PHE A 40 0.85 2.99 3.63
N VAL A 41 0.20 2.13 4.40
CA VAL A 41 0.29 2.24 5.89
C VAL A 41 1.23 1.18 6.45
N CYS A 42 1.62 1.35 7.68
CA CYS A 42 2.51 0.37 8.34
C CYS A 42 1.63 -0.68 9.01
N ALA A 43 1.77 -1.92 8.65
CA ALA A 43 0.95 -3.00 9.27
C ALA A 43 1.05 -2.92 10.80
N GLN A 44 1.91 -2.07 11.32
CA GLN A 44 2.06 -1.93 12.80
C GLN A 44 1.49 -0.59 13.25
N CYS A 45 2.11 0.51 12.87
CA CYS A 45 1.59 1.84 13.29
C CYS A 45 0.41 2.25 12.40
N PHE A 46 0.20 1.51 11.34
CA PHE A 46 -0.94 1.81 10.41
C PHE A 46 -0.86 3.23 9.87
N GLN A 47 0.25 3.90 10.07
CA GLN A 47 0.38 5.28 9.56
C GLN A 47 0.60 5.22 8.05
N GLN A 48 -0.28 5.82 7.27
CA GLN A 48 -0.10 5.78 5.80
C GLN A 48 1.04 6.70 5.39
N PHE A 49 1.37 6.70 4.13
CA PHE A 49 2.49 7.55 3.66
C PHE A 49 2.26 7.97 2.20
N PRO A 50 2.22 9.26 1.97
CA PRO A 50 2.00 9.82 0.61
C PRO A 50 3.13 9.40 -0.33
N GLU A 51 4.17 8.81 0.21
CA GLU A 51 5.32 8.37 -0.64
C GLU A 51 4.81 7.43 -1.74
N GLY A 52 3.71 6.76 -1.49
CA GLY A 52 3.15 5.83 -2.51
C GLY A 52 4.03 4.59 -2.62
N LEU A 53 5.05 4.48 -1.80
CA LEU A 53 5.95 3.31 -1.87
C LEU A 53 6.99 3.39 -0.75
N PHE A 54 6.98 2.44 0.15
CA PHE A 54 7.97 2.43 1.27
C PHE A 54 8.53 1.02 1.42
N TYR A 55 8.40 0.42 2.58
CA TYR A 55 8.91 -0.96 2.76
C TYR A 55 7.74 -1.95 2.82
N GLU A 56 6.93 -1.98 1.79
CA GLU A 56 5.77 -2.90 1.78
C GLU A 56 6.25 -4.34 1.59
N PHE A 57 5.37 -5.30 1.71
CA PHE A 57 5.78 -6.73 1.55
C PHE A 57 4.61 -7.54 0.96
N GLU A 58 4.86 -8.78 0.62
CA GLU A 58 3.78 -9.63 0.04
C GLU A 58 2.79 -10.02 1.14
N GLY A 59 1.55 -9.62 1.02
CA GLY A 59 0.53 -9.99 2.05
C GLY A 59 0.59 -9.00 3.21
N ARG A 60 1.61 -8.18 3.27
CA ARG A 60 1.72 -7.20 4.39
C ARG A 60 2.49 -5.97 3.91
N LYS A 61 2.86 -5.09 4.80
CA LYS A 61 3.63 -3.89 4.38
C LYS A 61 4.16 -3.15 5.62
N TYR A 62 5.25 -2.44 5.47
CA TYR A 62 5.83 -1.71 6.63
C TYR A 62 6.44 -0.40 6.14
N CYS A 63 6.23 0.67 6.85
CA CYS A 63 6.82 1.97 6.42
C CYS A 63 8.27 2.03 6.90
N GLU A 64 8.98 3.08 6.59
CA GLU A 64 10.38 3.18 7.04
C GLU A 64 10.44 3.25 8.57
N HIS A 65 9.31 3.30 9.22
CA HIS A 65 9.30 3.37 10.72
C HIS A 65 9.56 1.98 11.29
N ASP A 66 8.67 1.05 11.06
CA ASP A 66 8.86 -0.32 11.62
C ASP A 66 10.12 -0.94 11.02
N PHE A 67 10.39 -0.64 9.77
CA PHE A 67 11.59 -1.21 9.12
C PHE A 67 12.87 -0.57 9.67
N GLN A 68 12.87 0.72 9.93
CA GLN A 68 14.11 1.33 10.50
C GLN A 68 14.26 0.86 11.95
N MET A 69 13.18 0.42 12.54
CA MET A 69 13.23 -0.08 13.94
C MET A 69 14.07 -1.36 13.92
N LEU A 70 13.87 -2.18 12.93
CA LEU A 70 14.66 -3.43 12.81
C LEU A 70 16.09 -3.02 12.49
N PHE A 71 16.24 -1.88 11.86
CA PHE A 71 17.59 -1.37 11.50
C PHE A 71 18.27 -2.32 10.49
N ALA A 72 17.48 -3.08 9.76
CA ALA A 72 18.06 -4.03 8.76
C ALA A 72 19.08 -4.95 9.46
N PRO A 73 18.57 -5.88 10.23
CA PRO A 73 19.42 -6.84 10.97
C PRO A 73 20.24 -7.68 9.98
N CYS A 74 21.50 -7.35 9.82
CA CYS A 74 22.37 -8.11 8.87
C CYS A 74 21.85 -7.96 7.44
ZN ZN B . -6.54 3.50 -0.90
ZN ZN C . 5.08 2.09 10.75
N MET A 5 -17.83 -0.62 5.23
CA MET A 5 -17.96 -0.75 3.75
C MET A 5 -18.06 -2.24 3.38
N ALA A 6 -18.52 -2.52 2.18
CA ALA A 6 -18.65 -3.94 1.75
C ALA A 6 -18.63 -4.01 0.22
N ASN A 7 -19.55 -3.34 -0.42
CA ASN A 7 -19.60 -3.35 -1.91
C ASN A 7 -18.69 -2.24 -2.46
N ALA A 8 -19.12 -1.54 -3.47
CA ALA A 8 -18.29 -0.43 -4.05
C ALA A 8 -16.99 -1.02 -4.62
N LEU A 9 -16.95 -2.32 -4.82
CA LEU A 9 -15.71 -2.95 -5.38
C LEU A 9 -15.68 -2.72 -6.89
N ALA A 10 -15.21 -1.58 -7.31
CA ALA A 10 -15.14 -1.29 -8.78
C ALA A 10 -13.97 -2.04 -9.40
N SER A 11 -14.12 -3.33 -9.59
CA SER A 11 -13.03 -4.17 -10.19
C SER A 11 -11.88 -4.32 -9.19
N ALA A 12 -11.50 -3.24 -8.55
CA ALA A 12 -10.38 -3.30 -7.56
C ALA A 12 -10.42 -2.06 -6.68
N THR A 13 -10.23 -2.22 -5.39
CA THR A 13 -10.25 -1.05 -4.47
C THR A 13 -8.99 -1.05 -3.61
N CYS A 14 -8.65 0.09 -3.05
CA CYS A 14 -7.42 0.18 -2.20
C CYS A 14 -7.52 -0.75 -0.99
N GLU A 15 -6.40 -1.03 -0.37
CA GLU A 15 -6.39 -1.94 0.80
C GLU A 15 -6.82 -1.20 2.08
N ARG A 16 -6.15 -0.12 2.40
CA ARG A 16 -6.48 0.63 3.65
C ARG A 16 -7.62 1.64 3.41
N CYS A 17 -7.84 2.04 2.19
CA CYS A 17 -8.91 3.04 1.92
C CYS A 17 -10.03 2.42 1.08
N LYS A 18 -9.78 1.31 0.43
CA LYS A 18 -10.83 0.66 -0.41
C LYS A 18 -11.37 1.67 -1.42
N GLY A 19 -10.52 2.45 -2.01
CA GLY A 19 -10.97 3.44 -3.02
C GLY A 19 -10.93 2.80 -4.40
N GLY A 20 -12.05 2.72 -5.07
CA GLY A 20 -12.08 2.10 -6.42
C GLY A 20 -11.09 2.82 -7.33
N PHE A 21 -10.00 2.18 -7.66
CA PHE A 21 -8.98 2.81 -8.55
C PHE A 21 -8.78 1.98 -9.82
N ALA A 22 -7.81 2.33 -10.62
CA ALA A 22 -7.55 1.56 -11.88
C ALA A 22 -6.29 2.11 -12.58
N PRO A 23 -6.28 3.39 -12.87
CA PRO A 23 -5.13 4.03 -13.55
C PRO A 23 -3.84 3.84 -12.73
N ALA A 24 -2.70 4.01 -13.36
CA ALA A 24 -1.42 3.84 -12.62
C ALA A 24 -1.28 4.91 -11.53
N GLU A 25 -2.01 5.98 -11.64
CA GLU A 25 -1.93 7.05 -10.60
C GLU A 25 -2.78 6.67 -9.40
N LYS A 26 -3.95 6.15 -9.66
CA LYS A 26 -4.84 5.74 -8.54
C LYS A 26 -4.48 4.32 -8.11
N ILE A 27 -4.27 3.44 -9.06
CA ILE A 27 -3.90 2.05 -8.70
C ILE A 27 -2.38 1.97 -8.52
N VAL A 28 -1.94 1.45 -7.41
CA VAL A 28 -0.48 1.32 -7.15
C VAL A 28 -0.22 -0.03 -6.51
N ASN A 29 -0.25 -1.09 -7.29
CA ASN A 29 -0.02 -2.44 -6.70
C ASN A 29 1.46 -2.64 -6.45
N SER A 30 1.80 -3.31 -5.38
CA SER A 30 3.23 -3.54 -5.05
C SER A 30 3.32 -4.72 -4.08
N ASN A 31 4.29 -5.58 -4.29
CA ASN A 31 4.47 -6.78 -3.40
C ASN A 31 3.31 -7.76 -3.60
N GLY A 32 2.10 -7.27 -3.64
CA GLY A 32 0.93 -8.19 -3.82
C GLY A 32 -0.37 -7.50 -3.38
N GLU A 33 -0.26 -6.42 -2.64
CA GLU A 33 -1.50 -5.71 -2.18
C GLU A 33 -1.77 -4.50 -3.09
N LEU A 34 -2.90 -3.85 -2.91
CA LEU A 34 -3.23 -2.65 -3.74
C LEU A 34 -3.27 -1.41 -2.85
N TYR A 35 -2.59 -0.37 -3.25
CA TYR A 35 -2.60 0.88 -2.44
C TYR A 35 -2.67 2.08 -3.39
N HIS A 36 -2.98 3.23 -2.87
CA HIS A 36 -3.03 4.46 -3.70
C HIS A 36 -1.66 5.13 -3.60
N GLU A 37 -1.47 6.23 -4.26
CA GLU A 37 -0.16 6.92 -4.15
C GLU A 37 -0.10 7.62 -2.78
N GLN A 38 -1.17 7.54 -2.03
CA GLN A 38 -1.20 8.18 -0.68
C GLN A 38 -2.06 7.33 0.27
N CYS A 39 -1.80 6.06 0.34
CA CYS A 39 -2.60 5.17 1.25
C CYS A 39 -1.66 4.17 1.93
N PHE A 40 -0.50 3.94 1.36
CA PHE A 40 0.47 2.97 1.94
C PHE A 40 0.51 3.12 3.47
N VAL A 41 0.06 2.11 4.19
CA VAL A 41 0.07 2.18 5.68
C VAL A 41 0.90 1.04 6.27
N CYS A 42 1.22 1.13 7.53
CA CYS A 42 2.02 0.06 8.19
C CYS A 42 1.09 -0.96 8.84
N ALA A 43 1.21 -2.21 8.47
CA ALA A 43 0.32 -3.26 9.08
C ALA A 43 0.51 -3.28 10.61
N GLN A 44 1.49 -2.56 11.10
CA GLN A 44 1.74 -2.54 12.57
C GLN A 44 1.21 -1.23 13.17
N CYS A 45 1.81 -0.12 12.82
CA CYS A 45 1.35 1.20 13.38
C CYS A 45 0.25 1.79 12.48
N PHE A 46 0.04 1.20 11.33
CA PHE A 46 -1.01 1.71 10.40
C PHE A 46 -0.71 3.16 10.03
N GLN A 47 0.52 3.58 10.17
CA GLN A 47 0.88 4.98 9.80
C GLN A 47 0.88 5.09 8.27
N GLN A 48 0.21 6.08 7.74
CA GLN A 48 0.16 6.24 6.26
C GLN A 48 1.37 7.07 5.80
N PHE A 49 1.71 6.97 4.54
CA PHE A 49 2.87 7.74 4.01
C PHE A 49 2.64 8.07 2.53
N PRO A 50 2.42 9.33 2.24
CA PRO A 50 2.17 9.81 0.86
C PRO A 50 3.40 9.61 -0.03
N GLU A 51 4.43 9.01 0.50
CA GLU A 51 5.67 8.78 -0.32
C GLU A 51 5.34 7.97 -1.57
N GLY A 52 4.24 7.25 -1.57
CA GLY A 52 3.87 6.44 -2.77
C GLY A 52 4.28 4.98 -2.53
N LEU A 53 5.32 4.78 -1.76
CA LEU A 53 5.78 3.39 -1.48
C LEU A 53 6.91 3.44 -0.44
N PHE A 54 6.60 3.11 0.78
CA PHE A 54 7.64 3.11 1.84
C PHE A 54 8.35 1.75 1.82
N TYR A 55 8.13 0.95 2.83
CA TYR A 55 8.75 -0.40 2.87
C TYR A 55 7.61 -1.44 2.88
N GLU A 56 7.05 -1.69 1.74
CA GLU A 56 5.92 -2.65 1.62
C GLU A 56 6.48 -4.06 1.55
N PHE A 57 5.67 -5.05 1.82
CA PHE A 57 6.15 -6.47 1.77
C PHE A 57 5.04 -7.39 1.27
N GLU A 58 5.39 -8.58 0.87
CA GLU A 58 4.39 -9.55 0.35
C GLU A 58 3.47 -10.01 1.49
N GLY A 59 2.20 -9.70 1.40
CA GLY A 59 1.24 -10.12 2.46
C GLY A 59 1.43 -9.27 3.72
N ARG A 60 2.43 -8.42 3.73
CA ARG A 60 2.66 -7.56 4.93
C ARG A 60 3.07 -6.15 4.47
N LYS A 61 2.48 -5.14 5.06
CA LYS A 61 2.82 -3.75 4.66
C LYS A 61 3.52 -3.02 5.81
N TYR A 62 4.55 -2.28 5.52
CA TYR A 62 5.28 -1.56 6.60
C TYR A 62 5.75 -0.21 6.09
N CYS A 63 6.04 0.68 6.99
CA CYS A 63 6.59 2.00 6.60
C CYS A 63 8.04 2.01 7.05
N GLU A 64 8.76 3.06 6.81
CA GLU A 64 10.18 3.08 7.25
C GLU A 64 10.25 2.86 8.77
N HIS A 65 9.14 2.96 9.45
CA HIS A 65 9.15 2.74 10.92
C HIS A 65 9.48 1.27 11.22
N ASP A 66 8.68 0.36 10.74
CA ASP A 66 8.95 -1.08 10.99
C ASP A 66 10.30 -1.44 10.37
N PHE A 67 10.62 -0.85 9.24
CA PHE A 67 11.91 -1.15 8.57
C PHE A 67 13.07 -0.59 9.41
N GLN A 68 12.94 0.62 9.91
CA GLN A 68 14.06 1.18 10.73
C GLN A 68 14.17 0.37 12.02
N MET A 69 13.11 -0.28 12.41
CA MET A 69 13.14 -1.12 13.65
C MET A 69 14.10 -2.27 13.39
N LEU A 70 14.05 -2.81 12.19
CA LEU A 70 14.99 -3.91 11.83
C LEU A 70 16.38 -3.30 11.71
N PHE A 71 16.43 -2.03 11.44
CA PHE A 71 17.73 -1.31 11.30
C PHE A 71 18.45 -1.79 10.04
N ALA A 72 17.77 -2.51 9.18
CA ALA A 72 18.41 -3.01 7.93
C ALA A 72 19.71 -3.75 8.27
N PRO A 73 19.57 -4.96 8.77
CA PRO A 73 20.72 -5.79 9.14
C PRO A 73 21.59 -6.07 7.90
N CYS A 74 22.70 -5.39 7.78
CA CYS A 74 23.58 -5.60 6.60
C CYS A 74 25.03 -5.81 7.09
ZN ZN B . -6.38 4.00 -1.16
ZN ZN C . 4.84 1.49 10.80
N MET A 5 -30.59 -0.76 -7.84
CA MET A 5 -30.29 -2.11 -7.26
C MET A 5 -29.14 -2.00 -6.26
N ALA A 6 -28.01 -1.51 -6.69
CA ALA A 6 -26.85 -1.37 -5.76
C ALA A 6 -25.89 -0.31 -6.30
N ASN A 7 -24.84 -0.01 -5.57
CA ASN A 7 -23.87 1.02 -6.03
C ASN A 7 -22.99 0.44 -7.15
N ALA A 8 -22.04 1.20 -7.61
CA ALA A 8 -21.14 0.69 -8.69
C ALA A 8 -20.33 -0.50 -8.18
N LEU A 9 -20.34 -1.59 -8.91
CA LEU A 9 -19.57 -2.79 -8.46
C LEU A 9 -18.07 -2.50 -8.54
N ALA A 10 -17.69 -1.48 -9.26
CA ALA A 10 -16.24 -1.14 -9.39
C ALA A 10 -15.49 -2.32 -10.00
N SER A 11 -14.19 -2.38 -9.81
CA SER A 11 -13.40 -3.51 -10.39
C SER A 11 -12.12 -3.71 -9.57
N ALA A 12 -11.70 -2.70 -8.85
CA ALA A 12 -10.47 -2.83 -8.03
C ALA A 12 -10.46 -1.74 -6.95
N THR A 13 -10.20 -2.11 -5.72
CA THR A 13 -10.18 -1.09 -4.63
C THR A 13 -8.85 -1.17 -3.87
N CYS A 14 -8.49 -0.13 -3.17
CA CYS A 14 -7.20 -0.12 -2.42
C CYS A 14 -7.18 -1.23 -1.36
N GLU A 15 -6.04 -1.83 -1.17
CA GLU A 15 -5.92 -2.93 -0.19
C GLU A 15 -5.95 -2.38 1.24
N ARG A 16 -5.70 -1.11 1.41
CA ARG A 16 -5.69 -0.53 2.79
C ARG A 16 -6.91 0.37 2.99
N CYS A 17 -7.24 1.16 2.01
CA CYS A 17 -8.41 2.08 2.16
C CYS A 17 -9.61 1.55 1.36
N LYS A 18 -9.39 0.59 0.51
CA LYS A 18 -10.51 0.03 -0.31
C LYS A 18 -11.16 1.14 -1.12
N GLY A 19 -10.37 2.01 -1.71
CA GLY A 19 -10.93 3.11 -2.52
C GLY A 19 -10.94 2.67 -3.99
N GLY A 20 -12.08 2.68 -4.61
CA GLY A 20 -12.16 2.26 -6.04
C GLY A 20 -11.21 3.10 -6.89
N PHE A 21 -10.08 2.54 -7.26
CA PHE A 21 -9.10 3.30 -8.09
C PHE A 21 -8.94 2.64 -9.46
N ALA A 22 -7.96 3.06 -10.23
CA ALA A 22 -7.75 2.45 -11.57
C ALA A 22 -6.50 3.06 -12.24
N PRO A 23 -6.48 4.38 -12.37
CA PRO A 23 -5.34 5.08 -13.00
C PRO A 23 -4.04 4.77 -12.25
N ALA A 24 -2.92 4.94 -12.90
CA ALA A 24 -1.61 4.68 -12.23
C ALA A 24 -1.40 5.64 -11.06
N GLU A 25 -2.10 6.74 -11.06
CA GLU A 25 -1.95 7.72 -9.95
C GLU A 25 -2.75 7.23 -8.75
N LYS A 26 -3.87 6.63 -8.99
CA LYS A 26 -4.71 6.11 -7.86
C LYS A 26 -4.35 4.65 -7.60
N ILE A 27 -4.21 3.87 -8.64
CA ILE A 27 -3.86 2.43 -8.45
C ILE A 27 -2.34 2.29 -8.31
N VAL A 28 -1.90 1.60 -7.29
CA VAL A 28 -0.44 1.40 -7.08
C VAL A 28 -0.22 0.01 -6.49
N ASN A 29 0.12 -0.95 -7.30
CA ASN A 29 0.33 -2.33 -6.77
C ASN A 29 1.74 -2.45 -6.19
N SER A 30 1.90 -3.32 -5.22
CA SER A 30 3.24 -3.50 -4.60
C SER A 30 3.28 -4.85 -3.87
N ASN A 31 4.24 -5.67 -4.21
CA ASN A 31 4.34 -7.02 -3.58
C ASN A 31 3.14 -7.89 -3.96
N GLY A 32 2.24 -7.36 -4.77
CA GLY A 32 1.05 -8.16 -5.20
C GLY A 32 -0.24 -7.46 -4.75
N GLU A 33 -0.20 -6.72 -3.67
CA GLU A 33 -1.44 -6.03 -3.17
C GLU A 33 -1.63 -4.72 -3.93
N LEU A 34 -2.74 -4.05 -3.70
CA LEU A 34 -3.01 -2.75 -4.39
C LEU A 34 -2.99 -1.63 -3.35
N TYR A 35 -2.32 -0.55 -3.65
CA TYR A 35 -2.26 0.58 -2.69
C TYR A 35 -2.48 1.89 -3.43
N HIS A 36 -2.80 2.93 -2.70
CA HIS A 36 -2.98 4.27 -3.33
C HIS A 36 -1.65 5.00 -3.22
N GLU A 37 -1.53 6.14 -3.82
CA GLU A 37 -0.24 6.88 -3.71
C GLU A 37 -0.14 7.50 -2.31
N GLN A 38 -1.07 7.14 -1.44
CA GLN A 38 -1.05 7.68 -0.05
C GLN A 38 -1.84 6.74 0.86
N CYS A 39 -1.64 5.46 0.72
CA CYS A 39 -2.37 4.47 1.59
C CYS A 39 -1.35 3.48 2.15
N PHE A 40 -0.15 3.48 1.63
CA PHE A 40 0.91 2.55 2.11
C PHE A 40 1.05 2.71 3.64
N VAL A 41 0.31 1.94 4.42
CA VAL A 41 0.38 2.09 5.91
C VAL A 41 1.30 1.06 6.55
N CYS A 42 1.70 1.32 7.76
CA CYS A 42 2.57 0.39 8.51
C CYS A 42 1.70 -0.66 9.21
N ALA A 43 2.03 -1.90 9.04
CA ALA A 43 1.19 -2.98 9.67
C ALA A 43 1.17 -2.81 11.20
N GLN A 44 1.95 -1.91 11.72
CA GLN A 44 1.98 -1.71 13.20
C GLN A 44 1.54 -0.29 13.55
N CYS A 45 2.25 0.71 13.09
CA CYS A 45 1.84 2.12 13.42
C CYS A 45 0.69 2.55 12.50
N PHE A 46 0.40 1.76 11.49
CA PHE A 46 -0.71 2.10 10.55
C PHE A 46 -0.50 3.48 9.94
N GLN A 47 0.69 4.00 10.01
CA GLN A 47 0.97 5.35 9.43
C GLN A 47 1.11 5.19 7.91
N GLN A 48 0.31 5.89 7.15
CA GLN A 48 0.39 5.77 5.67
C GLN A 48 1.67 6.42 5.16
N PHE A 49 1.97 6.24 3.91
CA PHE A 49 3.21 6.86 3.35
C PHE A 49 2.89 7.47 1.97
N PRO A 50 3.13 8.74 1.82
CA PRO A 50 2.87 9.46 0.56
C PRO A 50 3.72 8.86 -0.57
N GLU A 51 3.55 9.37 -1.77
CA GLU A 51 4.33 8.84 -2.93
C GLU A 51 3.79 7.47 -3.32
N GLY A 52 3.45 6.65 -2.35
CA GLY A 52 2.90 5.30 -2.65
C GLY A 52 4.04 4.29 -2.74
N LEU A 53 4.87 4.20 -1.73
CA LEU A 53 6.00 3.22 -1.77
C LEU A 53 6.77 3.24 -0.44
N PHE A 54 7.02 2.08 0.09
CA PHE A 54 7.79 1.97 1.36
C PHE A 54 8.26 0.53 1.52
N TYR A 55 8.32 0.02 2.73
CA TYR A 55 8.77 -1.39 2.91
C TYR A 55 7.54 -2.31 2.80
N GLU A 56 6.88 -2.28 1.68
CA GLU A 56 5.67 -3.13 1.48
C GLU A 56 6.07 -4.61 1.54
N PHE A 57 5.11 -5.49 1.64
CA PHE A 57 5.44 -6.95 1.69
C PHE A 57 4.25 -7.76 1.17
N GLU A 58 4.44 -9.04 0.95
CA GLU A 58 3.34 -9.89 0.42
C GLU A 58 2.28 -10.10 1.52
N GLY A 59 1.08 -9.65 1.29
CA GLY A 59 0.00 -9.82 2.32
C GLY A 59 0.34 -8.99 3.55
N ARG A 60 1.37 -8.18 3.47
CA ARG A 60 1.76 -7.33 4.64
C ARG A 60 2.36 -6.01 4.13
N LYS A 61 2.75 -5.14 5.03
CA LYS A 61 3.34 -3.84 4.61
C LYS A 61 4.00 -3.17 5.81
N TYR A 62 5.03 -2.39 5.57
CA TYR A 62 5.72 -1.69 6.69
C TYR A 62 6.33 -0.40 6.17
N CYS A 63 6.12 0.70 6.86
CA CYS A 63 6.70 1.98 6.40
C CYS A 63 8.17 2.03 6.84
N GLU A 64 8.88 3.06 6.44
CA GLU A 64 10.30 3.17 6.85
C GLU A 64 10.41 3.16 8.37
N HIS A 65 9.34 3.48 9.06
CA HIS A 65 9.38 3.51 10.55
C HIS A 65 9.58 2.08 11.10
N ASP A 66 8.60 1.23 10.94
CA ASP A 66 8.72 -0.15 11.47
C ASP A 66 10.01 -0.79 10.99
N PHE A 67 10.35 -0.61 9.75
CA PHE A 67 11.59 -1.22 9.22
C PHE A 67 12.83 -0.53 9.79
N GLN A 68 12.79 0.77 9.97
CA GLN A 68 14.00 1.44 10.55
C GLN A 68 13.99 1.21 12.07
N MET A 69 12.98 0.55 12.55
CA MET A 69 12.90 0.24 13.99
C MET A 69 13.67 -1.05 14.21
N LEU A 70 13.59 -1.94 13.26
CA LEU A 70 14.36 -3.21 13.35
C LEU A 70 15.80 -2.85 13.03
N PHE A 71 16.02 -2.30 11.86
CA PHE A 71 17.39 -1.88 11.46
C PHE A 71 17.35 -1.32 10.04
N ALA A 72 16.62 -1.96 9.16
CA ALA A 72 16.54 -1.48 7.74
C ALA A 72 17.95 -1.28 7.18
N PRO A 73 18.66 -2.38 7.02
CA PRO A 73 20.04 -2.36 6.48
C PRO A 73 20.04 -1.82 5.04
N CYS A 74 18.89 -1.74 4.44
CA CYS A 74 18.81 -1.23 3.03
C CYS A 74 19.57 -2.18 2.09
ZN ZN B . -6.29 3.44 -0.73
ZN ZN C . 5.18 2.25 10.82
N MET A 5 -14.06 -17.46 -20.62
CA MET A 5 -15.27 -16.72 -21.08
C MET A 5 -15.32 -15.36 -20.37
N ALA A 6 -15.51 -15.35 -19.08
CA ALA A 6 -15.57 -14.06 -18.34
C ALA A 6 -14.14 -13.57 -18.06
N ASN A 7 -13.33 -13.48 -19.08
CA ASN A 7 -11.92 -13.02 -18.89
C ASN A 7 -11.90 -11.49 -18.84
N ALA A 8 -12.38 -10.92 -17.77
CA ALA A 8 -12.39 -9.43 -17.64
C ALA A 8 -12.41 -9.04 -16.16
N LEU A 9 -11.46 -8.25 -15.73
CA LEU A 9 -11.42 -7.83 -14.30
C LEU A 9 -10.60 -6.55 -14.17
N ALA A 10 -11.11 -5.59 -13.44
CA ALA A 10 -10.36 -4.30 -13.27
C ALA A 10 -10.89 -3.57 -12.03
N SER A 11 -12.12 -3.83 -11.66
CA SER A 11 -12.70 -3.16 -10.46
C SER A 11 -12.00 -3.66 -9.20
N ALA A 12 -11.28 -2.79 -8.52
CA ALA A 12 -10.57 -3.21 -7.28
C ALA A 12 -10.53 -2.03 -6.31
N THR A 13 -10.26 -2.28 -5.05
CA THR A 13 -10.21 -1.17 -4.06
C THR A 13 -8.88 -1.20 -3.30
N CYS A 14 -8.50 -0.10 -2.73
CA CYS A 14 -7.21 -0.02 -1.97
C CYS A 14 -7.22 -0.97 -0.77
N GLU A 15 -6.07 -1.30 -0.26
CA GLU A 15 -5.98 -2.23 0.89
C GLU A 15 -6.29 -1.50 2.21
N ARG A 16 -5.68 -0.38 2.45
CA ARG A 16 -5.92 0.36 3.72
C ARG A 16 -7.10 1.33 3.59
N CYS A 17 -7.31 1.88 2.43
CA CYS A 17 -8.42 2.86 2.26
C CYS A 17 -9.59 2.23 1.50
N LYS A 18 -9.37 1.13 0.82
CA LYS A 18 -10.48 0.47 0.07
C LYS A 18 -11.10 1.48 -0.91
N GLY A 19 -10.28 2.29 -1.53
CA GLY A 19 -10.82 3.29 -2.50
C GLY A 19 -10.89 2.65 -3.88
N GLY A 20 -12.04 2.64 -4.49
CA GLY A 20 -12.18 2.01 -5.83
C GLY A 20 -11.27 2.72 -6.84
N PHE A 21 -10.12 2.16 -7.09
CA PHE A 21 -9.17 2.77 -8.07
C PHE A 21 -9.17 1.91 -9.34
N ALA A 22 -8.30 2.20 -10.28
CA ALA A 22 -8.28 1.38 -11.54
C ALA A 22 -7.20 1.86 -12.53
N PRO A 23 -7.21 3.15 -12.84
CA PRO A 23 -6.25 3.72 -13.82
C PRO A 23 -4.79 3.38 -13.47
N ALA A 24 -4.11 4.22 -12.71
CA ALA A 24 -2.69 3.92 -12.36
C ALA A 24 -2.21 4.89 -11.29
N GLU A 25 -2.44 6.16 -11.48
CA GLU A 25 -2.01 7.15 -10.45
C GLU A 25 -2.74 6.83 -9.15
N LYS A 26 -3.83 6.12 -9.27
CA LYS A 26 -4.61 5.73 -8.07
C LYS A 26 -4.41 4.24 -7.82
N ILE A 27 -4.16 3.47 -8.86
CA ILE A 27 -3.95 2.01 -8.69
C ILE A 27 -2.44 1.72 -8.61
N VAL A 28 -1.99 1.21 -7.49
CA VAL A 28 -0.54 0.89 -7.35
C VAL A 28 -0.43 -0.48 -6.71
N ASN A 29 0.19 -1.41 -7.36
CA ASN A 29 0.32 -2.78 -6.78
C ASN A 29 1.79 -3.07 -6.51
N SER A 30 2.07 -3.79 -5.46
CA SER A 30 3.47 -4.11 -5.12
C SER A 30 3.51 -5.47 -4.44
N ASN A 31 4.36 -6.36 -4.90
CA ASN A 31 4.45 -7.72 -4.29
C ASN A 31 3.14 -8.47 -4.47
N GLY A 32 2.14 -8.15 -3.67
CA GLY A 32 0.83 -8.85 -3.79
C GLY A 32 -0.28 -8.02 -3.13
N GLU A 33 -0.04 -6.75 -2.92
CA GLU A 33 -1.09 -5.89 -2.28
C GLU A 33 -1.37 -4.68 -3.17
N LEU A 34 -2.46 -3.99 -2.92
CA LEU A 34 -2.79 -2.79 -3.75
C LEU A 34 -2.78 -1.54 -2.86
N TYR A 35 -2.19 -0.47 -3.34
CA TYR A 35 -2.14 0.78 -2.54
C TYR A 35 -2.36 1.98 -3.46
N HIS A 36 -2.80 3.07 -2.91
CA HIS A 36 -3.00 4.31 -3.73
C HIS A 36 -1.67 5.04 -3.76
N GLU A 37 -1.62 6.16 -4.39
CA GLU A 37 -0.35 6.92 -4.40
C GLU A 37 -0.19 7.59 -3.03
N GLN A 38 -1.23 7.59 -2.25
CA GLN A 38 -1.17 8.21 -0.89
C GLN A 38 -1.92 7.31 0.10
N CYS A 39 -1.55 6.06 0.18
CA CYS A 39 -2.21 5.12 1.13
C CYS A 39 -1.18 4.19 1.73
N PHE A 40 0.07 4.28 1.32
CA PHE A 40 1.11 3.38 1.89
C PHE A 40 0.98 3.37 3.42
N VAL A 41 0.82 2.22 4.03
CA VAL A 41 0.66 2.18 5.53
C VAL A 41 1.53 1.08 6.14
N CYS A 42 1.76 1.18 7.43
CA CYS A 42 2.58 0.14 8.14
C CYS A 42 1.64 -0.96 8.64
N ALA A 43 1.94 -2.19 8.34
CA ALA A 43 1.07 -3.33 8.79
C ALA A 43 0.87 -3.29 10.31
N GLN A 44 1.71 -2.59 11.03
CA GLN A 44 1.56 -2.53 12.51
C GLN A 44 1.08 -1.15 12.95
N CYS A 45 1.89 -0.14 12.79
CA CYS A 45 1.47 1.23 13.21
C CYS A 45 0.43 1.78 12.24
N PHE A 46 0.30 1.17 11.08
CA PHE A 46 -0.70 1.65 10.08
C PHE A 46 -0.46 3.11 9.75
N GLN A 47 0.69 3.63 10.08
CA GLN A 47 0.98 5.06 9.78
C GLN A 47 0.83 5.25 8.27
N GLN A 48 0.05 6.21 7.85
CA GLN A 48 -0.15 6.43 6.39
C GLN A 48 1.04 7.18 5.79
N PHE A 49 1.40 6.84 4.60
CA PHE A 49 2.55 7.50 3.92
C PHE A 49 2.13 7.86 2.49
N PRO A 50 2.31 9.10 2.10
CA PRO A 50 1.95 9.58 0.74
C PRO A 50 2.71 8.79 -0.33
N GLU A 51 2.79 9.33 -1.52
CA GLU A 51 3.52 8.63 -2.61
C GLU A 51 5.02 8.74 -2.33
N GLY A 52 5.42 8.32 -1.17
CA GLY A 52 6.88 8.40 -0.81
C GLY A 52 7.50 7.01 -0.86
N LEU A 53 6.72 6.01 -1.18
CA LEU A 53 7.27 4.61 -1.23
C LEU A 53 7.74 4.22 0.16
N PHE A 54 8.00 2.96 0.36
CA PHE A 54 8.45 2.49 1.70
C PHE A 54 8.76 1.00 1.62
N TYR A 55 8.19 0.20 2.48
CA TYR A 55 8.48 -1.26 2.45
C TYR A 55 7.20 -2.05 2.20
N GLU A 56 6.44 -1.66 1.21
CA GLU A 56 5.17 -2.39 0.90
C GLU A 56 5.52 -3.84 0.52
N PHE A 57 4.72 -4.80 0.94
CA PHE A 57 5.03 -6.22 0.61
C PHE A 57 3.74 -6.98 0.23
N GLU A 58 3.87 -8.21 -0.19
CA GLU A 58 2.68 -9.01 -0.58
C GLU A 58 1.90 -9.43 0.66
N GLY A 59 0.64 -9.07 0.74
CA GLY A 59 -0.17 -9.44 1.93
C GLY A 59 0.42 -8.76 3.17
N ARG A 60 1.40 -7.92 2.99
CA ARG A 60 2.03 -7.23 4.15
C ARG A 60 2.45 -5.82 3.72
N LYS A 61 2.83 -5.00 4.65
CA LYS A 61 3.25 -3.61 4.30
C LYS A 61 3.95 -2.99 5.50
N TYR A 62 5.05 -2.31 5.27
CA TYR A 62 5.79 -1.70 6.41
C TYR A 62 6.39 -0.37 5.98
N CYS A 63 6.38 0.59 6.87
CA CYS A 63 6.97 1.91 6.54
C CYS A 63 8.36 2.00 7.15
N GLU A 64 9.12 2.98 6.75
CA GLU A 64 10.51 3.12 7.29
C GLU A 64 10.48 3.04 8.82
N HIS A 65 9.34 3.27 9.42
CA HIS A 65 9.27 3.21 10.91
C HIS A 65 9.51 1.78 11.39
N ASP A 66 8.58 0.89 11.16
CA ASP A 66 8.77 -0.51 11.62
C ASP A 66 10.06 -1.08 11.05
N PHE A 67 10.35 -0.77 9.82
CA PHE A 67 11.60 -1.29 9.19
C PHE A 67 12.83 -0.68 9.88
N GLN A 68 12.81 0.59 10.20
CA GLN A 68 14.01 1.18 10.88
C GLN A 68 14.01 0.71 12.33
N MET A 69 12.90 0.22 12.80
CA MET A 69 12.82 -0.29 14.20
C MET A 69 13.69 -1.54 14.28
N LEU A 70 13.64 -2.35 13.25
CA LEU A 70 14.49 -3.57 13.21
C LEU A 70 15.92 -3.12 12.96
N PHE A 71 16.05 -1.99 12.28
CA PHE A 71 17.40 -1.44 11.98
C PHE A 71 18.20 -2.46 11.15
N ALA A 72 17.84 -2.64 9.91
CA ALA A 72 18.58 -3.61 9.04
C ALA A 72 19.98 -3.08 8.77
N PRO A 73 20.99 -3.86 9.12
CA PRO A 73 22.39 -3.47 8.91
C PRO A 73 22.67 -3.31 7.41
N CYS A 74 21.76 -3.71 6.57
CA CYS A 74 21.95 -3.58 5.10
C CYS A 74 20.74 -2.88 4.48
ZN ZN B . -6.15 3.75 -0.94
ZN ZN C . 5.13 1.78 10.74
N MET A 5 -3.27 -10.09 -15.68
CA MET A 5 -3.87 -8.75 -15.43
C MET A 5 -5.35 -8.77 -15.84
N ALA A 6 -6.22 -8.41 -14.93
CA ALA A 6 -7.68 -8.40 -15.26
C ALA A 6 -8.01 -7.17 -16.10
N ASN A 7 -7.72 -6.00 -15.60
CA ASN A 7 -8.01 -4.75 -16.36
C ASN A 7 -9.50 -4.72 -16.75
N ALA A 8 -10.37 -4.96 -15.81
CA ALA A 8 -11.83 -4.95 -16.11
C ALA A 8 -12.34 -3.51 -16.14
N LEU A 9 -13.61 -3.31 -15.94
CA LEU A 9 -14.18 -1.93 -15.95
C LEU A 9 -13.75 -1.19 -14.67
N ALA A 10 -14.39 -0.08 -14.38
CA ALA A 10 -14.02 0.68 -13.15
C ALA A 10 -14.31 -0.18 -11.91
N SER A 11 -13.30 -0.84 -11.40
CA SER A 11 -13.50 -1.71 -10.20
C SER A 11 -12.19 -1.78 -9.41
N ALA A 12 -12.08 -2.73 -8.52
CA ALA A 12 -10.83 -2.88 -7.69
C ALA A 12 -10.73 -1.71 -6.70
N THR A 13 -10.59 -2.01 -5.44
CA THR A 13 -10.48 -0.92 -4.43
C THR A 13 -9.16 -1.05 -3.66
N CYS A 14 -8.76 0.00 -2.99
CA CYS A 14 -7.47 -0.03 -2.23
C CYS A 14 -7.50 -1.11 -1.15
N GLU A 15 -6.38 -1.75 -0.97
CA GLU A 15 -6.27 -2.85 0.03
C GLU A 15 -6.10 -2.27 1.44
N ARG A 16 -6.45 -1.02 1.63
CA ARG A 16 -6.28 -0.39 2.98
C ARG A 16 -7.37 0.67 3.15
N CYS A 17 -7.56 1.49 2.17
CA CYS A 17 -8.60 2.55 2.24
C CYS A 17 -9.84 2.09 1.47
N LYS A 18 -9.69 1.05 0.68
CA LYS A 18 -10.84 0.53 -0.12
C LYS A 18 -11.37 1.63 -1.05
N GLY A 19 -10.49 2.36 -1.67
CA GLY A 19 -10.93 3.44 -2.59
C GLY A 19 -10.97 2.88 -4.02
N GLY A 20 -12.10 2.93 -4.66
CA GLY A 20 -12.22 2.38 -6.04
C GLY A 20 -11.24 3.09 -6.98
N PHE A 21 -10.09 2.50 -7.21
CA PHE A 21 -9.09 3.14 -8.12
C PHE A 21 -9.07 2.35 -9.44
N ALA A 22 -8.16 2.64 -10.34
CA ALA A 22 -8.15 1.89 -11.63
C ALA A 22 -7.04 2.40 -12.58
N PRO A 23 -7.01 3.69 -12.84
CA PRO A 23 -6.02 4.29 -13.77
C PRO A 23 -4.59 3.90 -13.40
N ALA A 24 -3.92 4.67 -12.58
CA ALA A 24 -2.52 4.34 -12.21
C ALA A 24 -2.05 5.26 -11.07
N GLU A 25 -2.31 6.53 -11.19
CA GLU A 25 -1.91 7.47 -10.12
C GLU A 25 -2.64 7.07 -8.84
N LYS A 26 -3.72 6.35 -9.01
CA LYS A 26 -4.50 5.89 -7.83
C LYS A 26 -4.29 4.38 -7.66
N ILE A 27 -4.05 3.69 -8.74
CA ILE A 27 -3.84 2.21 -8.66
C ILE A 27 -2.33 1.91 -8.58
N VAL A 28 -1.90 1.33 -7.49
CA VAL A 28 -0.46 0.99 -7.34
C VAL A 28 -0.34 -0.38 -6.70
N ASN A 29 0.13 -1.37 -7.42
CA ASN A 29 0.25 -2.73 -6.83
C ASN A 29 1.71 -3.01 -6.49
N SER A 30 1.94 -3.78 -5.47
CA SER A 30 3.34 -4.09 -5.07
C SER A 30 3.38 -5.45 -4.38
N ASN A 31 4.29 -6.29 -4.76
CA ASN A 31 4.39 -7.65 -4.14
C ASN A 31 3.08 -8.43 -4.36
N GLY A 32 2.11 -8.21 -3.51
CA GLY A 32 0.81 -8.93 -3.67
C GLY A 32 -0.30 -8.12 -2.97
N GLU A 33 -0.32 -6.83 -3.18
CA GLU A 33 -1.36 -5.98 -2.53
C GLU A 33 -1.61 -4.74 -3.40
N LEU A 34 -2.70 -4.04 -3.16
CA LEU A 34 -3.00 -2.82 -3.97
C LEU A 34 -2.96 -1.60 -3.04
N TYR A 35 -2.22 -0.59 -3.41
CA TYR A 35 -2.14 0.62 -2.54
C TYR A 35 -2.35 1.87 -3.39
N HIS A 36 -2.84 2.91 -2.78
CA HIS A 36 -3.01 4.20 -3.51
C HIS A 36 -1.68 4.92 -3.47
N GLU A 37 -1.59 6.09 -4.06
CA GLU A 37 -0.30 6.82 -4.00
C GLU A 37 -0.14 7.44 -2.62
N GLN A 38 -1.15 7.31 -1.79
CA GLN A 38 -1.07 7.89 -0.42
C GLN A 38 -1.89 7.02 0.54
N CYS A 39 -1.69 5.72 0.48
CA CYS A 39 -2.43 4.80 1.39
C CYS A 39 -1.43 3.84 2.03
N PHE A 40 -0.27 3.71 1.44
CA PHE A 40 0.77 2.80 1.98
C PHE A 40 0.79 2.89 3.51
N VAL A 41 0.12 1.98 4.19
CA VAL A 41 0.09 2.03 5.69
C VAL A 41 1.00 0.96 6.28
N CYS A 42 1.33 1.11 7.53
CA CYS A 42 2.21 0.13 8.21
C CYS A 42 1.36 -1.00 8.80
N ALA A 43 1.63 -2.22 8.44
CA ALA A 43 0.82 -3.36 8.98
C ALA A 43 0.88 -3.35 10.51
N GLN A 44 1.67 -2.49 11.09
CA GLN A 44 1.76 -2.43 12.58
C GLN A 44 1.18 -1.09 13.08
N CYS A 45 1.78 0.01 12.73
CA CYS A 45 1.25 1.34 13.20
C CYS A 45 0.11 1.80 12.28
N PHE A 46 -0.08 1.13 11.18
CA PHE A 46 -1.17 1.52 10.22
C PHE A 46 -1.00 2.97 9.81
N GLN A 47 0.18 3.52 9.94
CA GLN A 47 0.40 4.93 9.54
C GLN A 47 0.61 4.97 8.03
N GLN A 48 -0.16 5.77 7.32
CA GLN A 48 -0.01 5.83 5.85
C GLN A 48 1.26 6.61 5.49
N PHE A 49 1.63 6.59 4.25
CA PHE A 49 2.86 7.32 3.82
C PHE A 49 2.74 7.73 2.35
N PRO A 50 2.78 9.01 2.09
CA PRO A 50 2.68 9.55 0.73
C PRO A 50 3.88 9.09 -0.12
N GLU A 51 4.78 8.36 0.49
CA GLU A 51 5.97 7.85 -0.26
C GLU A 51 5.52 7.12 -1.51
N GLY A 52 4.35 6.53 -1.47
CA GLY A 52 3.83 5.78 -2.65
C GLY A 52 4.59 4.44 -2.77
N LEU A 53 5.58 4.23 -1.94
CA LEU A 53 6.36 2.97 -1.99
C LEU A 53 7.39 2.96 -0.86
N PHE A 54 7.06 2.37 0.26
CA PHE A 54 8.03 2.31 1.39
C PHE A 54 8.51 0.86 1.55
N TYR A 55 8.37 0.29 2.71
CA TYR A 55 8.80 -1.12 2.90
C TYR A 55 7.58 -2.04 2.72
N GLU A 56 6.92 -1.92 1.61
CA GLU A 56 5.72 -2.76 1.35
C GLU A 56 6.14 -4.18 0.95
N PHE A 57 5.34 -5.17 1.26
CA PHE A 57 5.70 -6.58 0.90
C PHE A 57 4.42 -7.36 0.55
N GLU A 58 4.57 -8.58 0.11
CA GLU A 58 3.37 -9.40 -0.24
C GLU A 58 2.60 -9.78 1.03
N GLY A 59 1.36 -9.40 1.11
CA GLY A 59 0.55 -9.73 2.31
C GLY A 59 1.09 -8.95 3.53
N ARG A 60 2.06 -8.10 3.30
CA ARG A 60 2.63 -7.30 4.42
C ARG A 60 2.79 -5.85 3.98
N LYS A 61 3.20 -4.98 4.87
CA LYS A 61 3.36 -3.54 4.51
C LYS A 61 3.97 -2.81 5.71
N TYR A 62 5.05 -2.10 5.49
CA TYR A 62 5.68 -1.36 6.63
C TYR A 62 6.30 -0.06 6.14
N CYS A 63 6.24 0.96 6.93
CA CYS A 63 6.85 2.26 6.55
C CYS A 63 8.27 2.27 7.11
N GLU A 64 9.02 3.31 6.88
CA GLU A 64 10.40 3.35 7.42
C GLU A 64 10.32 3.49 8.95
N HIS A 65 9.17 3.28 9.52
CA HIS A 65 9.04 3.42 11.01
C HIS A 65 9.41 2.09 11.69
N ASP A 66 8.58 1.10 11.58
CA ASP A 66 8.91 -0.20 12.25
C ASP A 66 10.18 -0.76 11.63
N PHE A 67 10.41 -0.47 10.38
CA PHE A 67 11.60 -1.00 9.69
C PHE A 67 12.86 -0.21 10.08
N GLN A 68 12.79 1.08 10.27
CA GLN A 68 14.04 1.80 10.68
C GLN A 68 14.37 1.38 12.11
N MET A 69 13.37 0.93 12.83
CA MET A 69 13.60 0.47 14.23
C MET A 69 14.46 -0.80 14.15
N LEU A 70 14.15 -1.66 13.22
CA LEU A 70 14.98 -2.89 13.06
C LEU A 70 16.37 -2.46 12.62
N PHE A 71 16.44 -1.31 11.99
CA PHE A 71 17.74 -0.77 11.51
C PHE A 71 18.34 -1.72 10.48
N ALA A 72 17.97 -1.56 9.23
CA ALA A 72 18.52 -2.45 8.17
C ALA A 72 20.03 -2.18 8.01
N PRO A 73 20.82 -3.23 8.15
CA PRO A 73 22.29 -3.11 8.04
C PRO A 73 22.67 -2.68 6.62
N CYS A 74 21.73 -2.70 5.71
CA CYS A 74 22.03 -2.30 4.31
C CYS A 74 20.72 -1.93 3.60
ZN ZN B . -6.35 3.62 -0.87
ZN ZN C . 4.79 1.93 10.72
N MET A 5 -21.94 -15.92 -11.38
CA MET A 5 -21.81 -15.56 -9.94
C MET A 5 -21.45 -14.08 -9.81
N ALA A 6 -21.72 -13.50 -8.66
CA ALA A 6 -21.40 -12.06 -8.47
C ALA A 6 -19.88 -11.87 -8.47
N ASN A 7 -19.14 -12.88 -8.09
CA ASN A 7 -17.66 -12.77 -8.07
C ASN A 7 -17.12 -12.73 -9.51
N ALA A 8 -17.98 -12.95 -10.48
CA ALA A 8 -17.53 -12.93 -11.89
C ALA A 8 -17.06 -11.52 -12.27
N LEU A 9 -17.59 -10.52 -11.63
CA LEU A 9 -17.19 -9.12 -11.94
C LEU A 9 -16.92 -8.36 -10.64
N ALA A 10 -15.93 -7.51 -10.63
CA ALA A 10 -15.61 -6.73 -9.39
C ALA A 10 -14.76 -5.51 -9.77
N SER A 11 -14.98 -4.40 -9.11
CA SER A 11 -14.19 -3.17 -9.42
C SER A 11 -12.87 -3.19 -8.64
N ALA A 12 -11.89 -2.44 -9.07
CA ALA A 12 -10.59 -2.41 -8.36
C ALA A 12 -10.63 -1.35 -7.25
N THR A 13 -10.45 -1.77 -6.02
CA THR A 13 -10.48 -0.79 -4.89
C THR A 13 -9.20 -0.95 -4.06
N CYS A 14 -8.83 0.07 -3.31
CA CYS A 14 -7.59 0.00 -2.48
C CYS A 14 -7.73 -1.08 -1.41
N GLU A 15 -6.64 -1.41 -0.78
CA GLU A 15 -6.68 -2.46 0.27
C GLU A 15 -6.97 -1.83 1.63
N ARG A 16 -6.07 -1.01 2.11
CA ARG A 16 -6.26 -0.37 3.45
C ARG A 16 -7.32 0.73 3.40
N CYS A 17 -7.88 1.01 2.25
CA CYS A 17 -8.91 2.09 2.18
C CYS A 17 -10.07 1.67 1.27
N LYS A 18 -9.86 0.72 0.40
CA LYS A 18 -10.96 0.25 -0.51
C LYS A 18 -11.49 1.43 -1.33
N GLY A 19 -10.62 2.26 -1.83
CA GLY A 19 -11.08 3.41 -2.65
C GLY A 19 -11.04 3.00 -4.12
N GLY A 20 -12.15 3.08 -4.80
CA GLY A 20 -12.19 2.68 -6.24
C GLY A 20 -11.18 3.50 -7.03
N PHE A 21 -10.06 2.90 -7.36
CA PHE A 21 -9.02 3.63 -8.16
C PHE A 21 -8.90 2.99 -9.55
N ALA A 22 -7.95 3.43 -10.34
CA ALA A 22 -7.79 2.85 -11.71
C ALA A 22 -6.53 3.43 -12.38
N PRO A 23 -6.45 4.73 -12.48
CA PRO A 23 -5.28 5.40 -13.10
C PRO A 23 -3.99 5.01 -12.37
N ALA A 24 -2.88 4.97 -13.08
CA ALA A 24 -1.59 4.60 -12.44
C ALA A 24 -1.29 5.53 -11.26
N GLU A 25 -1.94 6.67 -11.20
CA GLU A 25 -1.69 7.61 -10.08
C GLU A 25 -2.49 7.15 -8.86
N LYS A 26 -3.71 6.70 -9.08
CA LYS A 26 -4.55 6.23 -7.94
C LYS A 26 -4.32 4.73 -7.73
N ILE A 27 -4.05 4.00 -8.78
CA ILE A 27 -3.81 2.54 -8.65
C ILE A 27 -2.31 2.28 -8.47
N VAL A 28 -1.95 1.60 -7.43
CA VAL A 28 -0.51 1.29 -7.18
C VAL A 28 -0.41 -0.10 -6.55
N ASN A 29 0.19 -1.03 -7.23
CA ASN A 29 0.31 -2.41 -6.66
C ASN A 29 1.74 -2.63 -6.16
N SER A 30 1.89 -3.35 -5.09
CA SER A 30 3.24 -3.62 -4.53
C SER A 30 3.20 -4.96 -3.78
N ASN A 31 4.14 -5.83 -4.05
CA ASN A 31 4.17 -7.16 -3.37
C ASN A 31 3.01 -8.03 -3.91
N GLY A 32 1.91 -7.42 -4.20
CA GLY A 32 0.72 -8.16 -4.72
C GLY A 32 -0.54 -7.44 -4.28
N GLU A 33 -0.44 -6.67 -3.22
CA GLU A 33 -1.63 -5.92 -2.72
C GLU A 33 -1.83 -4.65 -3.57
N LEU A 34 -2.92 -3.95 -3.35
CA LEU A 34 -3.17 -2.70 -4.12
C LEU A 34 -3.19 -1.52 -3.16
N TYR A 35 -2.45 -0.49 -3.48
CA TYR A 35 -2.41 0.71 -2.60
C TYR A 35 -2.63 1.97 -3.41
N HIS A 36 -3.04 3.02 -2.77
CA HIS A 36 -3.23 4.33 -3.46
C HIS A 36 -1.89 5.05 -3.42
N GLU A 37 -1.81 6.21 -4.01
CA GLU A 37 -0.54 6.96 -3.93
C GLU A 37 -0.43 7.61 -2.55
N GLN A 38 -1.26 7.18 -1.63
CA GLN A 38 -1.24 7.74 -0.25
C GLN A 38 -2.04 6.83 0.69
N CYS A 39 -1.77 5.55 0.63
CA CYS A 39 -2.49 4.58 1.51
C CYS A 39 -1.47 3.57 2.07
N PHE A 40 -0.30 3.48 1.46
CA PHE A 40 0.75 2.53 1.95
C PHE A 40 0.82 2.60 3.48
N VAL A 41 0.12 1.73 4.17
CA VAL A 41 0.12 1.77 5.67
C VAL A 41 1.11 0.80 6.28
N CYS A 42 1.43 1.01 7.53
CA CYS A 42 2.37 0.11 8.26
C CYS A 42 1.55 -1.00 8.92
N ALA A 43 2.01 -2.23 8.80
CA ALA A 43 1.27 -3.38 9.42
C ALA A 43 1.15 -3.20 10.94
N GLN A 44 1.80 -2.21 11.51
CA GLN A 44 1.70 -2.01 12.98
C GLN A 44 1.17 -0.60 13.28
N CYS A 45 1.91 0.42 12.93
CA CYS A 45 1.43 1.81 13.21
C CYS A 45 0.27 2.15 12.27
N PHE A 46 0.06 1.34 11.25
CA PHE A 46 -1.06 1.58 10.30
C PHE A 46 -1.01 3.02 9.75
N GLN A 47 0.16 3.61 9.72
CA GLN A 47 0.27 4.99 9.17
C GLN A 47 0.44 4.91 7.66
N GLN A 48 -0.40 5.59 6.91
CA GLN A 48 -0.26 5.55 5.43
C GLN A 48 0.94 6.40 5.02
N PHE A 49 1.47 6.17 3.86
CA PHE A 49 2.65 6.96 3.39
C PHE A 49 2.63 7.09 1.87
N PRO A 50 2.34 8.29 1.40
CA PRO A 50 2.28 8.58 -0.04
C PRO A 50 3.64 8.38 -0.72
N GLU A 51 4.54 7.69 -0.08
CA GLU A 51 5.88 7.45 -0.70
C GLU A 51 5.69 6.71 -2.04
N GLY A 52 4.53 6.13 -2.25
CA GLY A 52 4.28 5.39 -3.52
C GLY A 52 4.84 3.97 -3.39
N LEU A 53 5.74 3.77 -2.45
CA LEU A 53 6.34 2.43 -2.23
C LEU A 53 7.30 2.51 -1.05
N PHE A 54 6.82 2.28 0.14
CA PHE A 54 7.70 2.34 1.34
C PHE A 54 8.32 0.96 1.56
N TYR A 55 8.17 0.41 2.73
CA TYR A 55 8.74 -0.94 2.98
C TYR A 55 7.62 -1.99 2.90
N GLU A 56 6.91 -2.01 1.81
CA GLU A 56 5.80 -3.00 1.64
C GLU A 56 6.40 -4.41 1.64
N PHE A 57 5.58 -5.42 1.75
CA PHE A 57 6.12 -6.81 1.76
C PHE A 57 5.04 -7.78 1.29
N GLU A 58 5.43 -8.96 0.88
CA GLU A 58 4.44 -9.97 0.40
C GLU A 58 3.56 -10.41 1.57
N GLY A 59 2.30 -10.03 1.55
CA GLY A 59 1.39 -10.42 2.66
C GLY A 59 1.53 -9.44 3.83
N ARG A 60 2.53 -8.59 3.79
CA ARG A 60 2.72 -7.60 4.90
C ARG A 60 2.90 -6.20 4.31
N LYS A 61 3.16 -5.24 5.15
CA LYS A 61 3.35 -3.84 4.69
C LYS A 61 3.98 -3.02 5.81
N TYR A 62 5.07 -2.37 5.55
CA TYR A 62 5.73 -1.57 6.63
C TYR A 62 6.27 -0.26 6.06
N CYS A 63 6.32 0.77 6.86
CA CYS A 63 6.87 2.06 6.39
C CYS A 63 8.30 2.17 6.90
N GLU A 64 8.95 3.28 6.66
CA GLU A 64 10.36 3.42 7.15
C GLU A 64 10.36 3.52 8.67
N HIS A 65 9.20 3.43 9.29
CA HIS A 65 9.13 3.53 10.78
C HIS A 65 9.45 2.17 11.40
N ASP A 66 8.63 1.18 11.19
CA ASP A 66 8.91 -0.15 11.80
C ASP A 66 10.20 -0.71 11.22
N PHE A 67 10.44 -0.47 9.96
CA PHE A 67 11.68 -0.99 9.33
C PHE A 67 12.92 -0.27 9.88
N GLN A 68 12.85 1.02 10.12
CA GLN A 68 14.06 1.70 10.66
C GLN A 68 14.23 1.28 12.12
N MET A 69 13.18 0.79 12.72
CA MET A 69 13.27 0.32 14.13
C MET A 69 14.16 -0.91 14.14
N LEU A 70 14.01 -1.75 13.15
CA LEU A 70 14.86 -2.97 13.05
C LEU A 70 16.27 -2.50 12.68
N PHE A 71 16.35 -1.36 12.04
CA PHE A 71 17.65 -0.79 11.62
C PHE A 71 18.33 -1.74 10.62
N ALA A 72 17.56 -2.52 9.91
CA ALA A 72 18.14 -3.46 8.90
C ALA A 72 19.19 -4.35 9.57
N PRO A 73 18.72 -5.30 10.35
CA PRO A 73 19.60 -6.24 11.06
C PRO A 73 20.41 -7.08 10.06
N CYS A 74 20.04 -7.04 8.81
CA CYS A 74 20.77 -7.82 7.78
C CYS A 74 22.03 -7.06 7.36
ZN ZN B . -6.45 3.57 -0.82
ZN ZN C . 4.95 2.08 10.68
N MET A 5 -16.59 -15.16 -5.40
CA MET A 5 -17.16 -13.80 -5.63
C MET A 5 -16.89 -13.38 -7.08
N ALA A 6 -17.32 -12.20 -7.45
CA ALA A 6 -17.10 -11.73 -8.84
C ALA A 6 -15.61 -11.41 -9.04
N ASN A 7 -14.85 -12.34 -9.56
CA ASN A 7 -13.41 -12.10 -9.78
C ASN A 7 -13.22 -11.26 -11.05
N ALA A 8 -12.43 -10.21 -10.96
CA ALA A 8 -12.19 -9.34 -12.16
C ALA A 8 -13.53 -8.75 -12.64
N LEU A 9 -13.52 -8.13 -13.80
CA LEU A 9 -14.78 -7.53 -14.34
C LEU A 9 -15.35 -6.53 -13.33
N ALA A 10 -14.52 -5.98 -12.49
CA ALA A 10 -15.00 -5.00 -11.48
C ALA A 10 -13.85 -4.06 -11.08
N SER A 11 -14.16 -2.84 -10.73
CA SER A 11 -13.10 -1.88 -10.34
C SER A 11 -12.54 -2.28 -8.95
N ALA A 12 -11.29 -2.65 -8.90
CA ALA A 12 -10.69 -3.04 -7.59
C ALA A 12 -10.58 -1.81 -6.69
N THR A 13 -10.44 -2.01 -5.40
CA THR A 13 -10.34 -0.86 -4.46
C THR A 13 -9.02 -0.94 -3.70
N CYS A 14 -8.65 0.13 -3.03
CA CYS A 14 -7.36 0.15 -2.27
C CYS A 14 -7.40 -0.89 -1.15
N GLU A 15 -6.27 -1.45 -0.83
CA GLU A 15 -6.20 -2.48 0.22
C GLU A 15 -6.24 -1.85 1.62
N ARG A 16 -5.98 -0.57 1.72
CA ARG A 16 -6.01 0.08 3.07
C ARG A 16 -7.16 1.10 3.13
N CYS A 17 -7.38 1.82 2.08
CA CYS A 17 -8.46 2.84 2.08
C CYS A 17 -9.69 2.31 1.34
N LYS A 18 -9.53 1.26 0.58
CA LYS A 18 -10.69 0.69 -0.17
C LYS A 18 -11.25 1.73 -1.13
N GLY A 19 -10.39 2.44 -1.81
CA GLY A 19 -10.87 3.47 -2.78
C GLY A 19 -10.88 2.87 -4.18
N GLY A 20 -12.02 2.82 -4.81
CA GLY A 20 -12.10 2.23 -6.18
C GLY A 20 -11.14 2.98 -7.11
N PHE A 21 -9.99 2.40 -7.37
CA PHE A 21 -9.00 3.05 -8.27
C PHE A 21 -8.92 2.29 -9.60
N ALA A 22 -7.97 2.64 -10.44
CA ALA A 22 -7.84 1.94 -11.75
C ALA A 22 -6.62 2.47 -12.51
N PRO A 23 -6.57 3.77 -12.73
CA PRO A 23 -5.45 4.39 -13.46
C PRO A 23 -4.12 4.10 -12.75
N ALA A 24 -3.06 3.97 -13.50
CA ALA A 24 -1.72 3.66 -12.89
C ALA A 24 -1.36 4.74 -11.87
N GLU A 25 -2.02 5.87 -11.91
CA GLU A 25 -1.73 6.96 -10.94
C GLU A 25 -2.42 6.65 -9.62
N LYS A 26 -3.62 6.14 -9.67
CA LYS A 26 -4.36 5.82 -8.42
C LYS A 26 -4.12 4.34 -8.06
N ILE A 27 -3.97 3.50 -9.05
CA ILE A 27 -3.74 2.06 -8.77
C ILE A 27 -2.23 1.80 -8.62
N VAL A 28 -1.82 1.30 -7.50
CA VAL A 28 -0.38 1.01 -7.27
C VAL A 28 -0.25 -0.37 -6.63
N ASN A 29 -0.39 -1.41 -7.41
CA ASN A 29 -0.30 -2.79 -6.82
C ASN A 29 1.16 -3.14 -6.59
N SER A 30 1.43 -3.93 -5.58
CA SER A 30 2.84 -4.29 -5.28
C SER A 30 2.86 -5.56 -4.43
N ASN A 31 3.72 -6.49 -4.77
CA ASN A 31 3.82 -7.78 -3.99
C ASN A 31 2.55 -8.61 -4.20
N GLY A 32 1.41 -8.00 -4.07
CA GLY A 32 0.13 -8.76 -4.25
C GLY A 32 -1.03 -7.90 -3.75
N GLU A 33 -0.75 -6.94 -2.90
CA GLU A 33 -1.83 -6.07 -2.36
C GLU A 33 -1.93 -4.81 -3.23
N LEU A 34 -2.95 -4.02 -3.02
CA LEU A 34 -3.10 -2.77 -3.83
C LEU A 34 -3.04 -1.56 -2.90
N TYR A 35 -2.41 -0.51 -3.33
CA TYR A 35 -2.30 0.70 -2.48
C TYR A 35 -2.40 1.95 -3.37
N HIS A 36 -2.78 3.06 -2.77
CA HIS A 36 -2.86 4.34 -3.52
C HIS A 36 -1.51 5.04 -3.40
N GLU A 37 -1.39 6.21 -3.95
CA GLU A 37 -0.09 6.93 -3.82
C GLU A 37 0.01 7.50 -2.40
N GLN A 38 -1.09 7.51 -1.69
CA GLN A 38 -1.08 8.04 -0.30
C GLN A 38 -1.89 7.11 0.62
N CYS A 39 -1.65 5.84 0.53
CA CYS A 39 -2.39 4.87 1.41
C CYS A 39 -1.38 3.88 2.00
N PHE A 40 -0.22 3.81 1.42
CA PHE A 40 0.85 2.89 1.93
C PHE A 40 0.87 2.94 3.47
N VAL A 41 0.36 1.92 4.12
CA VAL A 41 0.33 1.93 5.63
C VAL A 41 1.25 0.86 6.22
N CYS A 42 1.52 0.99 7.49
CA CYS A 42 2.40 0.00 8.20
C CYS A 42 1.53 -1.12 8.77
N ALA A 43 1.86 -2.35 8.49
CA ALA A 43 1.05 -3.50 9.00
C ALA A 43 0.92 -3.43 10.53
N GLN A 44 1.76 -2.67 11.19
CA GLN A 44 1.67 -2.59 12.68
C GLN A 44 1.09 -1.23 13.10
N CYS A 45 1.80 -0.16 12.88
CA CYS A 45 1.28 1.19 13.29
C CYS A 45 0.17 1.63 12.33
N PHE A 46 0.00 0.93 11.23
CA PHE A 46 -1.07 1.29 10.25
C PHE A 46 -0.94 2.76 9.85
N GLN A 47 0.17 3.37 10.13
CA GLN A 47 0.35 4.80 9.75
C GLN A 47 0.60 4.87 8.24
N GLN A 48 -0.19 5.62 7.52
CA GLN A 48 0.01 5.70 6.06
C GLN A 48 1.14 6.68 5.74
N PHE A 49 1.48 6.80 4.50
CA PHE A 49 2.57 7.74 4.10
C PHE A 49 2.40 8.15 2.64
N PRO A 50 2.45 9.43 2.38
CA PRO A 50 2.31 9.97 1.02
C PRO A 50 3.47 9.50 0.14
N GLU A 51 4.47 8.93 0.75
CA GLU A 51 5.65 8.42 -0.03
C GLU A 51 5.15 7.53 -1.17
N GLY A 52 4.07 6.84 -0.95
CA GLY A 52 3.52 5.94 -2.02
C GLY A 52 4.58 4.91 -2.41
N LEU A 53 5.57 4.70 -1.58
CA LEU A 53 6.63 3.71 -1.91
C LEU A 53 7.58 3.55 -0.72
N PHE A 54 7.06 3.12 0.41
CA PHE A 54 7.95 2.93 1.60
C PHE A 54 8.46 1.48 1.64
N TYR A 55 8.02 0.69 2.59
CA TYR A 55 8.49 -0.74 2.64
C TYR A 55 7.28 -1.69 2.63
N GLU A 56 6.59 -1.77 1.53
CA GLU A 56 5.42 -2.70 1.44
C GLU A 56 5.90 -4.06 0.93
N PHE A 57 5.34 -5.14 1.42
CA PHE A 57 5.78 -6.49 0.95
C PHE A 57 4.57 -7.41 0.74
N GLU A 58 4.80 -8.62 0.31
CA GLU A 58 3.67 -9.55 0.06
C GLU A 58 3.12 -10.05 1.39
N GLY A 59 1.82 -9.92 1.60
CA GLY A 59 1.20 -10.38 2.88
C GLY A 59 1.74 -9.53 4.03
N ARG A 60 2.51 -8.51 3.75
CA ARG A 60 3.06 -7.65 4.83
C ARG A 60 3.17 -6.21 4.32
N LYS A 61 3.56 -5.30 5.18
CA LYS A 61 3.70 -3.88 4.76
C LYS A 61 4.29 -3.07 5.91
N TYR A 62 5.32 -2.32 5.65
CA TYR A 62 5.96 -1.52 6.74
C TYR A 62 6.40 -0.17 6.20
N CYS A 63 6.42 0.82 7.06
CA CYS A 63 6.86 2.18 6.63
C CYS A 63 8.27 2.40 7.14
N GLU A 64 8.81 3.59 6.94
CA GLU A 64 10.18 3.86 7.43
C GLU A 64 10.21 3.73 8.96
N HIS A 65 9.06 3.51 9.56
CA HIS A 65 9.01 3.38 11.05
C HIS A 65 9.35 1.94 11.46
N ASP A 66 8.52 0.99 11.12
CA ASP A 66 8.81 -0.41 11.50
C ASP A 66 10.13 -0.85 10.86
N PHE A 67 10.40 -0.38 9.67
CA PHE A 67 11.66 -0.78 9.00
C PHE A 67 12.86 -0.13 9.69
N GLN A 68 12.77 1.12 10.10
CA GLN A 68 13.94 1.73 10.79
C GLN A 68 14.06 1.11 12.17
N MET A 69 13.00 0.52 12.66
CA MET A 69 13.05 -0.14 13.99
C MET A 69 14.00 -1.33 13.86
N LEU A 70 13.92 -2.03 12.75
CA LEU A 70 14.83 -3.18 12.51
C LEU A 70 16.21 -2.61 12.20
N PHE A 71 16.24 -1.37 11.78
CA PHE A 71 17.52 -0.69 11.43
C PHE A 71 18.11 -1.32 10.17
N ALA A 72 17.76 -0.80 9.02
CA ALA A 72 18.29 -1.36 7.74
C ALA A 72 18.50 -0.22 6.73
N PRO A 73 19.48 0.61 7.02
CA PRO A 73 19.81 1.76 6.15
C PRO A 73 20.22 1.26 4.75
N CYS A 74 19.45 1.61 3.75
CA CYS A 74 19.78 1.17 2.36
C CYS A 74 20.95 1.99 1.83
ZN ZN B . -6.26 3.81 -0.99
ZN ZN C . 4.88 1.78 10.82
N MET A 5 -17.24 -6.15 -11.22
CA MET A 5 -16.81 -6.04 -12.65
C MET A 5 -16.54 -7.45 -13.19
N ALA A 6 -16.64 -7.62 -14.49
CA ALA A 6 -16.39 -8.96 -15.09
C ALA A 6 -15.94 -8.78 -16.55
N ASN A 7 -16.76 -8.16 -17.35
CA ASN A 7 -16.41 -7.94 -18.78
C ASN A 7 -16.26 -6.44 -19.06
N ALA A 8 -16.33 -5.63 -18.03
CA ALA A 8 -16.19 -4.16 -18.20
C ALA A 8 -15.03 -3.65 -17.36
N LEU A 9 -13.83 -3.71 -17.90
CA LEU A 9 -12.63 -3.24 -17.14
C LEU A 9 -12.53 -3.99 -15.81
N ALA A 10 -11.78 -3.45 -14.87
CA ALA A 10 -11.63 -4.12 -13.54
C ALA A 10 -11.19 -3.10 -12.51
N SER A 11 -11.91 -2.00 -12.40
CA SER A 11 -11.52 -0.95 -11.40
C SER A 11 -11.81 -1.47 -9.98
N ALA A 12 -10.85 -2.15 -9.39
CA ALA A 12 -11.05 -2.69 -8.02
C ALA A 12 -10.95 -1.56 -7.00
N THR A 13 -10.90 -1.89 -5.74
CA THR A 13 -10.80 -0.84 -4.68
C THR A 13 -9.48 -1.02 -3.91
N CYS A 14 -9.08 0.00 -3.18
CA CYS A 14 -7.81 -0.09 -2.42
C CYS A 14 -7.92 -1.12 -1.29
N GLU A 15 -6.80 -1.57 -0.79
CA GLU A 15 -6.81 -2.59 0.30
C GLU A 15 -6.88 -1.91 1.67
N ARG A 16 -6.09 -0.89 1.88
CA ARG A 16 -6.08 -0.19 3.19
C ARG A 16 -6.99 1.04 3.16
N CYS A 17 -7.92 1.09 2.24
CA CYS A 17 -8.84 2.26 2.17
C CYS A 17 -10.09 1.88 1.36
N LYS A 18 -9.98 0.93 0.47
CA LYS A 18 -11.16 0.50 -0.34
C LYS A 18 -11.64 1.66 -1.23
N GLY A 19 -10.72 2.39 -1.81
CA GLY A 19 -11.12 3.51 -2.70
C GLY A 19 -11.17 2.99 -4.14
N GLY A 20 -12.30 3.09 -4.79
CA GLY A 20 -12.41 2.60 -6.19
C GLY A 20 -11.41 3.33 -7.07
N PHE A 21 -10.29 2.70 -7.34
CA PHE A 21 -9.25 3.34 -8.20
C PHE A 21 -9.09 2.55 -9.51
N ALA A 22 -8.10 2.87 -10.29
CA ALA A 22 -7.90 2.14 -11.58
C ALA A 22 -6.62 2.63 -12.27
N PRO A 23 -6.53 3.92 -12.52
CA PRO A 23 -5.35 4.51 -13.18
C PRO A 23 -4.10 4.29 -12.30
N ALA A 24 -3.00 3.94 -12.91
CA ALA A 24 -1.75 3.71 -12.13
C ALA A 24 -1.41 4.94 -11.27
N GLU A 25 -1.99 6.07 -11.59
CA GLU A 25 -1.73 7.30 -10.79
C GLU A 25 -2.49 7.19 -9.47
N LYS A 26 -3.60 6.51 -9.48
CA LYS A 26 -4.41 6.36 -8.24
C LYS A 26 -4.11 5.00 -7.59
N ILE A 27 -4.17 3.94 -8.34
CA ILE A 27 -3.88 2.61 -7.77
C ILE A 27 -2.40 2.27 -7.92
N VAL A 28 -1.87 1.56 -6.96
CA VAL A 28 -0.44 1.16 -7.01
C VAL A 28 -0.36 -0.30 -6.55
N ASN A 29 0.34 -1.14 -7.25
CA ASN A 29 0.41 -2.56 -6.82
C ASN A 29 1.82 -2.90 -6.34
N SER A 30 1.90 -3.65 -5.29
CA SER A 30 3.22 -4.05 -4.73
C SER A 30 3.07 -5.41 -4.05
N ASN A 31 3.96 -6.34 -4.32
CA ASN A 31 3.85 -7.70 -3.70
C ASN A 31 2.68 -8.45 -4.34
N GLY A 32 1.57 -7.79 -4.50
CA GLY A 32 0.37 -8.42 -5.11
C GLY A 32 -0.88 -7.66 -4.68
N GLU A 33 -0.78 -6.88 -3.63
CA GLU A 33 -1.97 -6.11 -3.15
C GLU A 33 -2.05 -4.78 -3.88
N LEU A 34 -3.11 -4.03 -3.66
CA LEU A 34 -3.27 -2.71 -4.33
C LEU A 34 -3.25 -1.60 -3.28
N TYR A 35 -2.48 -0.57 -3.51
CA TYR A 35 -2.41 0.56 -2.53
C TYR A 35 -2.53 1.88 -3.29
N HIS A 36 -3.06 2.89 -2.66
CA HIS A 36 -3.15 4.22 -3.31
C HIS A 36 -1.79 4.88 -3.18
N GLU A 37 -1.66 6.10 -3.60
CA GLU A 37 -0.35 6.78 -3.45
C GLU A 37 -0.20 7.20 -1.99
N GLN A 38 -1.30 7.31 -1.29
CA GLN A 38 -1.26 7.70 0.14
C GLN A 38 -2.06 6.69 0.98
N CYS A 39 -1.77 5.42 0.80
CA CYS A 39 -2.50 4.37 1.58
C CYS A 39 -1.49 3.37 2.12
N PHE A 40 -0.27 3.42 1.65
CA PHE A 40 0.78 2.48 2.15
C PHE A 40 0.90 2.62 3.66
N VAL A 41 0.18 1.81 4.41
CA VAL A 41 0.24 1.89 5.90
C VAL A 41 1.21 0.86 6.48
N CYS A 42 1.63 1.09 7.68
CA CYS A 42 2.56 0.15 8.35
C CYS A 42 1.75 -0.94 9.05
N ALA A 43 2.04 -2.18 8.80
CA ALA A 43 1.28 -3.30 9.45
C ALA A 43 1.32 -3.14 10.97
N GLN A 44 2.11 -2.22 11.47
CA GLN A 44 2.19 -2.03 12.95
C GLN A 44 1.65 -0.65 13.34
N CYS A 45 2.31 0.41 12.94
CA CYS A 45 1.81 1.77 13.30
C CYS A 45 0.59 2.12 12.43
N PHE A 46 0.32 1.31 11.43
CA PHE A 46 -0.85 1.56 10.54
C PHE A 46 -0.83 3.00 10.01
N GLN A 47 0.31 3.61 9.97
CA GLN A 47 0.39 5.01 9.45
C GLN A 47 0.64 4.94 7.94
N GLN A 48 -0.21 5.54 7.15
CA GLN A 48 0.00 5.49 5.68
C GLN A 48 1.11 6.45 5.28
N PHE A 49 1.51 6.40 4.06
CA PHE A 49 2.61 7.30 3.59
C PHE A 49 2.43 7.63 2.10
N PRO A 50 2.74 8.86 1.74
CA PRO A 50 2.62 9.33 0.35
C PRO A 50 3.61 8.59 -0.55
N GLU A 51 3.91 9.14 -1.71
CA GLU A 51 4.87 8.47 -2.65
C GLU A 51 4.21 7.25 -3.29
N GLY A 52 3.50 6.47 -2.51
CA GLY A 52 2.83 5.27 -3.07
C GLY A 52 3.80 4.10 -3.08
N LEU A 53 4.75 4.09 -2.18
CA LEU A 53 5.74 2.97 -2.14
C LEU A 53 6.71 3.17 -0.97
N PHE A 54 6.82 2.20 -0.11
CA PHE A 54 7.77 2.31 1.04
C PHE A 54 8.35 0.92 1.35
N TYR A 55 8.40 0.53 2.59
CA TYR A 55 8.96 -0.81 2.91
C TYR A 55 7.82 -1.85 2.91
N GLU A 56 7.13 -1.95 1.81
CA GLU A 56 6.00 -2.93 1.72
C GLU A 56 6.56 -4.33 1.47
N PHE A 57 5.75 -5.35 1.63
CA PHE A 57 6.23 -6.74 1.39
C PHE A 57 5.05 -7.66 1.08
N GLU A 58 5.31 -8.88 0.67
CA GLU A 58 4.22 -9.83 0.34
C GLU A 58 3.48 -10.25 1.61
N GLY A 59 2.23 -9.91 1.73
CA GLY A 59 1.45 -10.28 2.93
C GLY A 59 1.84 -9.37 4.10
N ARG A 60 2.84 -8.55 3.93
CA ARG A 60 3.27 -7.64 5.03
C ARG A 60 3.34 -6.20 4.49
N LYS A 61 3.61 -5.26 5.35
CA LYS A 61 3.69 -3.83 4.92
C LYS A 61 4.37 -3.01 6.02
N TYR A 62 5.41 -2.30 5.70
CA TYR A 62 6.11 -1.50 6.74
C TYR A 62 6.60 -0.19 6.14
N CYS A 63 6.69 0.83 6.94
CA CYS A 63 7.19 2.14 6.45
C CYS A 63 8.63 2.30 6.97
N GLU A 64 9.25 3.41 6.71
CA GLU A 64 10.64 3.60 7.21
C GLU A 64 10.64 3.53 8.74
N HIS A 65 9.48 3.60 9.35
CA HIS A 65 9.40 3.55 10.84
C HIS A 65 9.66 2.12 11.32
N ASP A 66 8.76 1.21 11.07
CA ASP A 66 8.96 -0.19 11.53
C ASP A 66 10.28 -0.72 11.03
N PHE A 67 10.65 -0.37 9.82
CA PHE A 67 11.92 -0.87 9.26
C PHE A 67 13.11 -0.20 9.97
N GLN A 68 13.02 1.06 10.29
CA GLN A 68 14.16 1.71 11.00
C GLN A 68 14.06 1.35 12.49
N MET A 69 13.05 0.60 12.84
CA MET A 69 12.89 0.16 14.25
C MET A 69 13.72 -1.09 14.42
N LEU A 70 13.76 -1.90 13.40
CA LEU A 70 14.57 -3.14 13.44
C LEU A 70 16.02 -2.70 13.19
N PHE A 71 16.26 -2.15 12.03
CA PHE A 71 17.61 -1.65 11.68
C PHE A 71 17.63 -1.20 10.22
N ALA A 72 17.46 0.07 9.98
CA ALA A 72 17.47 0.59 8.58
C ALA A 72 18.19 1.95 8.54
N PRO A 73 19.49 1.90 8.72
CA PRO A 73 20.34 3.11 8.70
C PRO A 73 20.27 3.78 7.32
N CYS A 74 20.53 5.06 7.27
CA CYS A 74 20.47 5.78 5.96
C CYS A 74 21.68 5.37 5.10
ZN ZN B . -6.51 3.43 -0.84
ZN ZN C . 5.22 2.06 10.66
N MET A 5 -19.80 -13.42 -8.54
CA MET A 5 -19.76 -11.94 -8.32
C MET A 5 -18.45 -11.57 -7.63
N ALA A 6 -18.03 -12.34 -6.66
CA ALA A 6 -16.76 -12.04 -5.94
C ALA A 6 -15.57 -12.23 -6.89
N ASN A 7 -15.71 -13.08 -7.86
CA ASN A 7 -14.60 -13.32 -8.83
C ASN A 7 -14.92 -12.62 -10.15
N ALA A 8 -13.98 -12.58 -11.06
CA ALA A 8 -14.21 -11.92 -12.38
C ALA A 8 -14.59 -10.45 -12.16
N LEU A 9 -14.13 -9.86 -11.09
CA LEU A 9 -14.46 -8.43 -10.83
C LEU A 9 -13.71 -7.54 -11.82
N ALA A 10 -14.42 -6.73 -12.56
CA ALA A 10 -13.76 -5.84 -13.56
C ALA A 10 -13.26 -4.57 -12.85
N SER A 11 -13.01 -4.63 -11.57
CA SER A 11 -12.53 -3.44 -10.83
C SER A 11 -11.76 -3.89 -9.59
N ALA A 12 -11.19 -2.96 -8.86
CA ALA A 12 -10.43 -3.32 -7.63
C ALA A 12 -10.45 -2.14 -6.65
N THR A 13 -10.25 -2.41 -5.39
CA THR A 13 -10.26 -1.31 -4.38
C THR A 13 -8.95 -1.32 -3.58
N CYS A 14 -8.63 -0.22 -2.94
CA CYS A 14 -7.36 -0.13 -2.16
C CYS A 14 -7.38 -1.13 -0.99
N GLU A 15 -6.24 -1.38 -0.41
CA GLU A 15 -6.14 -2.35 0.70
C GLU A 15 -6.43 -1.65 2.05
N ARG A 16 -5.72 -0.60 2.34
CA ARG A 16 -5.93 0.11 3.64
C ARG A 16 -7.12 1.08 3.55
N CYS A 17 -7.53 1.43 2.37
CA CYS A 17 -8.67 2.40 2.24
C CYS A 17 -9.83 1.78 1.45
N LYS A 18 -9.57 0.75 0.67
CA LYS A 18 -10.66 0.11 -0.12
C LYS A 18 -11.31 1.15 -1.04
N GLY A 19 -10.51 2.00 -1.64
CA GLY A 19 -11.08 3.03 -2.56
C GLY A 19 -11.04 2.50 -3.98
N GLY A 20 -12.16 2.46 -4.65
CA GLY A 20 -12.20 1.95 -6.04
C GLY A 20 -11.25 2.76 -6.92
N PHE A 21 -10.13 2.20 -7.28
CA PHE A 21 -9.15 2.93 -8.14
C PHE A 21 -9.01 2.21 -9.49
N ALA A 22 -8.07 2.65 -10.30
CA ALA A 22 -7.88 1.99 -11.64
C ALA A 22 -6.62 2.57 -12.33
N PRO A 23 -6.57 3.88 -12.49
CA PRO A 23 -5.42 4.54 -13.14
C PRO A 23 -4.11 4.17 -12.43
N ALA A 24 -3.04 4.07 -13.17
CA ALA A 24 -1.72 3.72 -12.56
C ALA A 24 -1.38 4.69 -11.41
N GLU A 25 -2.01 5.83 -11.38
CA GLU A 25 -1.72 6.80 -10.30
C GLU A 25 -2.50 6.39 -9.06
N LYS A 26 -3.74 6.03 -9.22
CA LYS A 26 -4.57 5.61 -8.06
C LYS A 26 -4.32 4.13 -7.79
N ILE A 27 -3.97 3.38 -8.80
CA ILE A 27 -3.70 1.93 -8.61
C ILE A 27 -2.19 1.72 -8.51
N VAL A 28 -1.72 1.27 -7.38
CA VAL A 28 -0.26 1.02 -7.20
C VAL A 28 -0.08 -0.35 -6.59
N ASN A 29 -0.32 -1.39 -7.34
CA ASN A 29 -0.15 -2.77 -6.80
C ASN A 29 1.32 -3.15 -6.84
N SER A 30 1.80 -3.74 -5.78
CA SER A 30 3.23 -4.15 -5.75
C SER A 30 3.42 -5.20 -4.65
N ASN A 31 4.40 -6.05 -4.81
CA ASN A 31 4.66 -7.12 -3.79
C ASN A 31 3.48 -8.10 -3.77
N GLY A 32 2.40 -7.74 -3.12
CA GLY A 32 1.23 -8.65 -3.06
C GLY A 32 0.02 -7.91 -2.47
N GLU A 33 -0.09 -6.63 -2.72
CA GLU A 33 -1.24 -5.86 -2.17
C GLU A 33 -1.52 -4.65 -3.08
N LEU A 34 -2.61 -3.95 -2.84
CA LEU A 34 -2.95 -2.76 -3.68
C LEU A 34 -2.93 -1.51 -2.81
N TYR A 35 -2.26 -0.48 -3.24
CA TYR A 35 -2.24 0.78 -2.43
C TYR A 35 -2.45 1.98 -3.35
N HIS A 36 -3.00 3.04 -2.82
CA HIS A 36 -3.22 4.27 -3.63
C HIS A 36 -1.92 5.04 -3.66
N GLU A 37 -1.90 6.16 -4.31
CA GLU A 37 -0.67 6.98 -4.33
C GLU A 37 -0.56 7.68 -2.97
N GLN A 38 -1.58 7.55 -2.16
CA GLN A 38 -1.58 8.19 -0.81
C GLN A 38 -2.30 7.27 0.18
N CYS A 39 -1.90 6.02 0.25
CA CYS A 39 -2.55 5.07 1.20
C CYS A 39 -1.48 4.17 1.83
N PHE A 40 -0.29 4.17 1.29
CA PHE A 40 0.80 3.31 1.84
C PHE A 40 0.81 3.42 3.38
N VAL A 41 0.44 2.38 4.07
CA VAL A 41 0.42 2.42 5.57
C VAL A 41 1.26 1.29 6.16
N CYS A 42 1.54 1.40 7.44
CA CYS A 42 2.35 0.35 8.13
C CYS A 42 1.40 -0.67 8.75
N ALA A 43 1.53 -1.93 8.41
CA ALA A 43 0.62 -2.97 8.98
C ALA A 43 0.66 -2.94 10.51
N GLN A 44 1.60 -2.23 11.09
CA GLN A 44 1.68 -2.16 12.58
C GLN A 44 1.23 -0.78 13.07
N CYS A 45 2.00 0.24 12.82
CA CYS A 45 1.60 1.61 13.30
C CYS A 45 0.53 2.18 12.38
N PHE A 46 0.28 1.54 11.26
CA PHE A 46 -0.76 2.04 10.30
C PHE A 46 -0.45 3.47 9.87
N GLN A 47 0.75 3.93 10.12
CA GLN A 47 1.10 5.31 9.70
C GLN A 47 1.08 5.37 8.17
N GLN A 48 0.33 6.30 7.62
CA GLN A 48 0.25 6.41 6.14
C GLN A 48 1.41 7.25 5.62
N PHE A 49 1.63 7.22 4.32
CA PHE A 49 2.74 8.01 3.73
C PHE A 49 2.37 8.35 2.28
N PRO A 50 1.95 9.58 2.07
CA PRO A 50 1.55 10.06 0.73
C PRO A 50 2.72 9.96 -0.26
N GLU A 51 2.50 9.29 -1.37
CA GLU A 51 3.59 9.15 -2.39
C GLU A 51 4.89 8.80 -1.69
N GLY A 52 4.81 8.01 -0.65
CA GLY A 52 6.04 7.64 0.12
C GLY A 52 6.67 6.36 -0.46
N LEU A 53 5.86 5.40 -0.85
CA LEU A 53 6.44 4.13 -1.39
C LEU A 53 7.49 3.64 -0.38
N PHE A 54 7.04 3.23 0.77
CA PHE A 54 7.99 2.79 1.83
C PHE A 54 8.40 1.34 1.62
N TYR A 55 8.17 0.50 2.60
CA TYR A 55 8.55 -0.93 2.47
C TYR A 55 7.30 -1.80 2.40
N GLU A 56 6.54 -1.67 1.34
CA GLU A 56 5.32 -2.52 1.20
C GLU A 56 5.76 -3.96 0.95
N PHE A 57 5.07 -4.92 1.51
CA PHE A 57 5.48 -6.35 1.31
C PHE A 57 4.29 -7.18 0.83
N GLU A 58 4.55 -8.36 0.35
CA GLU A 58 3.45 -9.24 -0.14
C GLU A 58 2.64 -9.75 1.06
N GLY A 59 1.37 -9.43 1.12
CA GLY A 59 0.53 -9.89 2.26
C GLY A 59 0.84 -9.04 3.49
N ARG A 60 1.83 -8.19 3.40
CA ARG A 60 2.19 -7.32 4.57
C ARG A 60 2.46 -5.90 4.08
N LYS A 61 2.86 -5.02 4.97
CA LYS A 61 3.14 -3.61 4.57
C LYS A 61 3.84 -2.90 5.73
N TYR A 62 4.93 -2.25 5.46
CA TYR A 62 5.66 -1.54 6.56
C TYR A 62 6.24 -0.23 6.07
N CYS A 63 6.17 0.79 6.88
CA CYS A 63 6.75 2.09 6.49
C CYS A 63 8.21 2.14 6.95
N GLU A 64 8.91 3.20 6.68
CA GLU A 64 10.33 3.27 7.11
C GLU A 64 10.40 3.09 8.63
N HIS A 65 9.30 3.20 9.31
CA HIS A 65 9.31 3.04 10.80
C HIS A 65 9.49 1.56 11.15
N ASP A 66 8.53 0.74 10.85
CA ASP A 66 8.65 -0.70 11.18
C ASP A 66 9.92 -1.27 10.56
N PHE A 67 10.19 -0.91 9.34
CA PHE A 67 11.40 -1.44 8.67
C PHE A 67 12.67 -0.91 9.34
N GLN A 68 12.73 0.36 9.69
CA GLN A 68 13.97 0.87 10.36
C GLN A 68 13.99 0.33 11.79
N MET A 69 12.88 -0.16 12.26
CA MET A 69 12.81 -0.74 13.63
C MET A 69 13.61 -2.04 13.61
N LEU A 70 13.50 -2.78 12.53
CA LEU A 70 14.26 -4.05 12.41
C LEU A 70 15.70 -3.68 12.12
N PHE A 71 15.92 -2.50 11.60
CA PHE A 71 17.29 -2.02 11.28
C PHE A 71 17.99 -3.04 10.36
N ALA A 72 17.36 -3.36 9.25
CA ALA A 72 17.97 -4.33 8.31
C ALA A 72 19.31 -3.81 7.79
N PRO A 73 19.29 -2.61 7.27
CA PRO A 73 20.50 -1.98 6.73
C PRO A 73 21.62 -2.04 7.78
N CYS A 74 22.43 -3.06 7.72
CA CYS A 74 23.52 -3.21 8.71
C CYS A 74 24.41 -1.96 8.72
ZN ZN B . -6.47 3.64 -0.94
ZN ZN C . 5.10 1.84 10.72
N MET A 5 -15.38 -15.30 -7.01
CA MET A 5 -16.08 -15.25 -8.32
C MET A 5 -15.06 -15.31 -9.46
N ALA A 6 -14.08 -14.45 -9.43
CA ALA A 6 -13.03 -14.44 -10.50
C ALA A 6 -13.71 -14.31 -11.88
N ASN A 7 -14.79 -13.58 -11.95
CA ASN A 7 -15.50 -13.40 -13.24
C ASN A 7 -16.00 -11.96 -13.38
N ALA A 8 -15.96 -11.21 -12.30
CA ALA A 8 -16.43 -9.80 -12.36
C ALA A 8 -15.46 -8.97 -13.21
N LEU A 9 -14.26 -8.77 -12.72
CA LEU A 9 -13.25 -7.99 -13.50
C LEU A 9 -13.77 -6.56 -13.73
N ALA A 10 -13.45 -5.64 -12.85
CA ALA A 10 -13.93 -4.24 -13.02
C ALA A 10 -12.90 -3.28 -12.41
N SER A 11 -12.83 -3.23 -11.10
CA SER A 11 -11.86 -2.31 -10.43
C SER A 11 -11.67 -2.74 -8.98
N ALA A 12 -10.45 -3.00 -8.59
CA ALA A 12 -10.18 -3.42 -7.18
C ALA A 12 -10.24 -2.19 -6.27
N THR A 13 -10.01 -2.38 -4.99
CA THR A 13 -10.06 -1.23 -4.05
C THR A 13 -8.73 -1.13 -3.28
N CYS A 14 -8.41 0.04 -2.79
CA CYS A 14 -7.12 0.22 -2.03
C CYS A 14 -7.10 -0.65 -0.77
N GLU A 15 -5.93 -0.94 -0.28
CA GLU A 15 -5.80 -1.79 0.94
C GLU A 15 -6.17 -0.97 2.18
N ARG A 16 -5.67 0.22 2.28
CA ARG A 16 -5.96 1.06 3.49
C ARG A 16 -7.22 1.90 3.29
N CYS A 17 -7.37 2.51 2.15
CA CYS A 17 -8.56 3.37 1.91
C CYS A 17 -9.68 2.60 1.21
N LYS A 18 -9.38 1.46 0.64
CA LYS A 18 -10.44 0.67 -0.07
C LYS A 18 -11.11 1.56 -1.11
N GLY A 19 -10.34 2.38 -1.78
CA GLY A 19 -10.93 3.27 -2.82
C GLY A 19 -10.94 2.54 -4.16
N GLY A 20 -12.08 2.42 -4.77
CA GLY A 20 -12.15 1.71 -6.08
C GLY A 20 -11.26 2.43 -7.10
N PHE A 21 -10.06 1.96 -7.28
CA PHE A 21 -9.14 2.61 -8.25
C PHE A 21 -9.00 1.74 -9.51
N ALA A 22 -8.09 2.09 -10.39
CA ALA A 22 -7.92 1.28 -11.63
C ALA A 22 -6.71 1.81 -12.45
N PRO A 23 -6.72 3.08 -12.76
CA PRO A 23 -5.63 3.70 -13.54
C PRO A 23 -4.26 3.46 -12.87
N ALA A 24 -3.22 3.37 -13.64
CA ALA A 24 -1.86 3.13 -13.07
C ALA A 24 -1.48 4.24 -12.09
N GLU A 25 -2.15 5.37 -12.17
CA GLU A 25 -1.81 6.49 -11.23
C GLU A 25 -2.57 6.28 -9.92
N LYS A 26 -3.83 5.96 -9.99
CA LYS A 26 -4.62 5.74 -8.75
C LYS A 26 -4.36 4.31 -8.25
N ILE A 27 -4.25 3.38 -9.16
CA ILE A 27 -4.00 1.97 -8.74
C ILE A 27 -2.50 1.74 -8.60
N VAL A 28 -2.09 1.23 -7.46
CA VAL A 28 -0.65 0.94 -7.25
C VAL A 28 -0.54 -0.42 -6.58
N ASN A 29 0.12 -1.35 -7.21
CA ASN A 29 0.24 -2.70 -6.60
C ASN A 29 1.71 -2.97 -6.26
N SER A 30 1.94 -3.70 -5.22
CA SER A 30 3.33 -4.00 -4.80
C SER A 30 3.36 -5.35 -4.09
N ASN A 31 4.17 -6.27 -4.57
CA ASN A 31 4.26 -7.62 -3.94
C ASN A 31 2.96 -8.40 -4.17
N GLY A 32 1.84 -7.77 -3.93
CA GLY A 32 0.53 -8.46 -4.15
C GLY A 32 -0.61 -7.59 -3.59
N GLU A 33 -0.31 -6.69 -2.70
CA GLU A 33 -1.39 -5.82 -2.13
C GLU A 33 -1.59 -4.59 -3.03
N LEU A 34 -2.68 -3.89 -2.85
CA LEU A 34 -2.95 -2.68 -3.68
C LEU A 34 -2.91 -1.43 -2.80
N TYR A 35 -2.44 -0.34 -3.34
CA TYR A 35 -2.39 0.93 -2.54
C TYR A 35 -2.54 2.12 -3.49
N HIS A 36 -2.74 3.29 -2.93
CA HIS A 36 -2.87 4.52 -3.75
C HIS A 36 -1.53 5.26 -3.68
N GLU A 37 -1.43 6.39 -4.29
CA GLU A 37 -0.15 7.15 -4.21
C GLU A 37 -0.08 7.80 -2.82
N GLN A 38 -1.16 7.75 -2.08
CA GLN A 38 -1.18 8.34 -0.72
C GLN A 38 -2.03 7.47 0.21
N CYS A 39 -1.77 6.19 0.24
CA CYS A 39 -2.53 5.27 1.14
C CYS A 39 -1.57 4.28 1.78
N PHE A 40 -0.35 4.23 1.28
CA PHE A 40 0.68 3.29 1.84
C PHE A 40 0.59 3.31 3.38
N VAL A 41 0.65 2.16 4.01
CA VAL A 41 0.55 2.14 5.51
C VAL A 41 1.42 1.01 6.10
N CYS A 42 1.63 1.06 7.38
CA CYS A 42 2.43 0.01 8.07
C CYS A 42 1.50 -1.11 8.54
N ALA A 43 1.78 -2.33 8.18
CA ALA A 43 0.90 -3.47 8.60
C ALA A 43 0.84 -3.56 10.12
N GLN A 44 1.69 -2.84 10.82
CA GLN A 44 1.68 -2.90 12.30
C GLN A 44 1.14 -1.60 12.88
N CYS A 45 1.83 -0.50 12.69
CA CYS A 45 1.35 0.80 13.24
C CYS A 45 0.33 1.44 12.28
N PHE A 46 0.13 0.84 11.13
CA PHE A 46 -0.84 1.41 10.15
C PHE A 46 -0.48 2.88 9.86
N GLN A 47 0.77 3.22 10.03
CA GLN A 47 1.21 4.62 9.77
C GLN A 47 0.95 4.94 8.30
N GLN A 48 0.05 5.87 8.04
CA GLN A 48 -0.25 6.24 6.62
C GLN A 48 0.84 7.21 6.15
N PHE A 49 1.29 7.08 4.94
CA PHE A 49 2.37 7.98 4.45
C PHE A 49 2.18 8.27 2.96
N PRO A 50 1.97 9.53 2.64
CA PRO A 50 1.77 9.96 1.24
C PRO A 50 3.02 9.63 0.40
N GLU A 51 3.14 10.22 -0.76
CA GLU A 51 4.33 9.94 -1.63
C GLU A 51 4.17 8.55 -2.25
N GLY A 52 3.75 7.58 -1.49
CA GLY A 52 3.58 6.20 -2.03
C GLY A 52 4.93 5.50 -2.10
N LEU A 53 5.66 5.45 -1.01
CA LEU A 53 6.99 4.79 -1.03
C LEU A 53 7.47 4.55 0.40
N PHE A 54 7.89 3.36 0.69
CA PHE A 54 8.40 3.02 2.06
C PHE A 54 8.90 1.57 2.05
N TYR A 55 8.14 0.64 2.57
CA TYR A 55 8.61 -0.78 2.57
C TYR A 55 7.40 -1.74 2.52
N GLU A 56 6.51 -1.55 1.59
CA GLU A 56 5.32 -2.47 1.50
C GLU A 56 5.79 -3.84 1.02
N PHE A 57 5.17 -4.90 1.49
CA PHE A 57 5.59 -6.27 1.05
C PHE A 57 4.34 -7.14 0.80
N GLU A 58 4.55 -8.36 0.40
CA GLU A 58 3.39 -9.26 0.11
C GLU A 58 2.65 -9.61 1.40
N GLY A 59 1.43 -9.15 1.53
CA GLY A 59 0.63 -9.44 2.75
C GLY A 59 1.30 -8.84 3.98
N ARG A 60 2.36 -8.09 3.80
CA ARG A 60 3.05 -7.47 4.97
C ARG A 60 3.63 -6.11 4.54
N LYS A 61 2.85 -5.07 4.70
CA LYS A 61 3.35 -3.72 4.31
C LYS A 61 4.00 -3.05 5.52
N TYR A 62 5.10 -2.36 5.31
CA TYR A 62 5.79 -1.68 6.45
C TYR A 62 6.25 -0.28 6.02
N CYS A 63 6.24 0.65 6.93
CA CYS A 63 6.70 2.02 6.60
C CYS A 63 8.14 2.18 7.07
N GLU A 64 8.70 3.35 6.94
CA GLU A 64 10.11 3.56 7.40
C GLU A 64 10.18 3.29 8.91
N HIS A 65 9.06 3.15 9.56
CA HIS A 65 9.07 2.90 11.03
C HIS A 65 9.34 1.41 11.31
N ASP A 66 8.45 0.56 10.92
CA ASP A 66 8.64 -0.89 11.18
C ASP A 66 9.96 -1.36 10.58
N PHE A 67 10.31 -0.84 9.43
CA PHE A 67 11.58 -1.26 8.78
C PHE A 67 12.78 -0.67 9.51
N GLN A 68 12.71 0.57 9.95
CA GLN A 68 13.88 1.14 10.68
C GLN A 68 13.98 0.45 12.05
N MET A 69 12.89 -0.11 12.50
CA MET A 69 12.90 -0.81 13.81
C MET A 69 13.78 -2.05 13.64
N LEU A 70 13.66 -2.71 12.52
CA LEU A 70 14.51 -3.90 12.26
C LEU A 70 15.95 -3.40 12.07
N PHE A 71 16.06 -2.15 11.67
CA PHE A 71 17.40 -1.53 11.44
C PHE A 71 18.11 -2.24 10.28
N ALA A 72 17.88 -1.80 9.08
CA ALA A 72 18.54 -2.44 7.90
C ALA A 72 18.86 -1.37 6.85
N PRO A 73 19.79 -0.50 7.20
CA PRO A 73 20.21 0.60 6.29
C PRO A 73 20.82 0.02 5.01
N CYS A 74 21.13 -1.24 5.01
CA CYS A 74 21.73 -1.87 3.79
C CYS A 74 21.55 -3.40 3.87
ZN ZN B . -6.27 4.07 -1.22
ZN ZN C . 4.94 1.47 10.86
N MET A 5 -12.14 -14.97 -16.33
CA MET A 5 -11.00 -15.28 -15.43
C MET A 5 -9.82 -14.35 -15.77
N ALA A 6 -9.41 -14.34 -17.02
CA ALA A 6 -8.27 -13.47 -17.41
C ALA A 6 -8.78 -12.04 -17.67
N ASN A 7 -8.27 -11.38 -18.68
CA ASN A 7 -8.72 -9.99 -18.99
C ASN A 7 -8.36 -9.06 -17.83
N ALA A 8 -7.49 -9.49 -16.96
CA ALA A 8 -7.09 -8.64 -15.79
C ALA A 8 -8.31 -8.31 -14.93
N LEU A 9 -8.19 -7.39 -14.02
CA LEU A 9 -9.35 -7.03 -13.15
C LEU A 9 -10.05 -5.79 -13.72
N ALA A 10 -11.35 -5.85 -13.84
CA ALA A 10 -12.11 -4.69 -14.40
C ALA A 10 -12.09 -3.54 -13.39
N SER A 11 -12.05 -3.86 -12.11
CA SER A 11 -12.05 -2.80 -11.07
C SER A 11 -11.46 -3.36 -9.77
N ALA A 12 -11.02 -2.51 -8.88
CA ALA A 12 -10.43 -2.98 -7.60
C ALA A 12 -10.43 -1.84 -6.58
N THR A 13 -10.22 -2.15 -5.33
CA THR A 13 -10.20 -1.09 -4.28
C THR A 13 -8.86 -1.13 -3.53
N CYS A 14 -8.49 -0.04 -2.91
CA CYS A 14 -7.19 0.02 -2.18
C CYS A 14 -7.19 -0.93 -0.98
N GLU A 15 -6.03 -1.32 -0.53
CA GLU A 15 -5.93 -2.27 0.63
C GLU A 15 -6.37 -1.60 1.93
N ARG A 16 -5.75 -0.52 2.30
CA ARG A 16 -6.09 0.15 3.58
C ARG A 16 -7.29 1.08 3.42
N CYS A 17 -7.33 1.85 2.36
CA CYS A 17 -8.46 2.81 2.18
C CYS A 17 -9.62 2.16 1.43
N LYS A 18 -9.37 1.11 0.68
CA LYS A 18 -10.48 0.45 -0.07
C LYS A 18 -11.13 1.46 -1.03
N GLY A 19 -10.33 2.30 -1.64
CA GLY A 19 -10.90 3.31 -2.58
C GLY A 19 -10.95 2.71 -3.98
N GLY A 20 -12.09 2.72 -4.60
CA GLY A 20 -12.22 2.15 -5.97
C GLY A 20 -11.33 2.94 -6.93
N PHE A 21 -10.14 2.44 -7.19
CA PHE A 21 -9.21 3.15 -8.12
C PHE A 21 -9.06 2.34 -9.42
N ALA A 22 -8.15 2.73 -10.28
CA ALA A 22 -7.97 1.99 -11.57
C ALA A 22 -6.72 2.49 -12.29
N PRO A 23 -6.66 3.78 -12.57
CA PRO A 23 -5.50 4.38 -13.26
C PRO A 23 -4.22 4.13 -12.46
N ALA A 24 -3.14 3.81 -13.14
CA ALA A 24 -1.85 3.55 -12.43
C ALA A 24 -1.48 4.72 -11.53
N GLU A 25 -1.94 5.90 -11.83
CA GLU A 25 -1.62 7.09 -10.98
C GLU A 25 -2.47 7.03 -9.72
N LYS A 26 -3.61 6.40 -9.80
CA LYS A 26 -4.50 6.30 -8.61
C LYS A 26 -4.25 4.97 -7.89
N ILE A 27 -4.14 3.89 -8.63
CA ILE A 27 -3.90 2.58 -7.99
C ILE A 27 -2.42 2.22 -8.09
N VAL A 28 -1.93 1.53 -7.09
CA VAL A 28 -0.52 1.09 -7.09
C VAL A 28 -0.51 -0.36 -6.61
N ASN A 29 0.21 -1.22 -7.26
CA ASN A 29 0.23 -2.64 -6.83
C ASN A 29 1.65 -3.06 -6.45
N SER A 30 1.78 -3.86 -5.44
CA SER A 30 3.13 -4.31 -5.00
C SER A 30 2.97 -5.59 -4.16
N ASN A 31 3.79 -6.58 -4.40
CA ASN A 31 3.68 -7.86 -3.62
C ASN A 31 2.41 -8.61 -4.07
N GLY A 32 1.32 -7.91 -4.17
CA GLY A 32 0.04 -8.54 -4.58
C GLY A 32 -1.11 -7.65 -4.10
N GLU A 33 -0.84 -6.80 -3.15
CA GLU A 33 -1.91 -5.88 -2.62
C GLU A 33 -1.92 -4.60 -3.45
N LEU A 34 -2.97 -3.84 -3.34
CA LEU A 34 -3.07 -2.57 -4.12
C LEU A 34 -3.07 -1.38 -3.14
N TYR A 35 -2.46 -0.29 -3.51
CA TYR A 35 -2.41 0.89 -2.61
C TYR A 35 -2.60 2.18 -3.43
N HIS A 36 -2.77 3.28 -2.75
CA HIS A 36 -2.92 4.61 -3.43
C HIS A 36 -1.59 5.34 -3.33
N GLU A 37 -1.52 6.56 -3.78
CA GLU A 37 -0.24 7.31 -3.65
C GLU A 37 -0.08 7.77 -2.20
N GLN A 38 -1.09 7.59 -1.40
CA GLN A 38 -1.01 8.02 0.03
C GLN A 38 -1.82 7.04 0.90
N CYS A 39 -1.65 5.77 0.68
CA CYS A 39 -2.39 4.76 1.50
C CYS A 39 -1.37 3.74 2.02
N PHE A 40 -0.18 3.75 1.48
CA PHE A 40 0.89 2.81 1.93
C PHE A 40 0.96 2.88 3.46
N VAL A 41 0.36 1.93 4.15
CA VAL A 41 0.35 1.96 5.65
C VAL A 41 1.32 0.95 6.26
N CYS A 42 1.63 1.13 7.50
CA CYS A 42 2.53 0.19 8.22
C CYS A 42 1.69 -0.94 8.79
N ALA A 43 2.07 -2.17 8.55
CA ALA A 43 1.28 -3.32 9.05
C ALA A 43 1.20 -3.29 10.58
N GLN A 44 1.87 -2.36 11.22
CA GLN A 44 1.85 -2.28 12.70
C GLN A 44 1.29 -0.91 13.15
N CYS A 45 1.99 0.14 12.87
CA CYS A 45 1.49 1.50 13.29
C CYS A 45 0.37 1.94 12.35
N PHE A 46 0.20 1.24 11.26
CA PHE A 46 -0.89 1.59 10.29
C PHE A 46 -0.74 3.04 9.81
N GLN A 47 0.40 3.64 10.01
CA GLN A 47 0.60 5.04 9.54
C GLN A 47 0.75 5.03 8.02
N GLN A 48 0.02 5.86 7.33
CA GLN A 48 0.13 5.90 5.84
C GLN A 48 1.38 6.68 5.43
N PHE A 49 1.80 6.52 4.21
CA PHE A 49 3.02 7.24 3.74
C PHE A 49 2.74 7.84 2.35
N PRO A 50 2.96 9.13 2.22
CA PRO A 50 2.75 9.84 0.94
C PRO A 50 3.67 9.27 -0.14
N GLU A 51 3.58 9.79 -1.34
CA GLU A 51 4.44 9.28 -2.46
C GLU A 51 3.96 7.88 -2.88
N GLY A 52 3.43 7.12 -1.95
CA GLY A 52 2.94 5.76 -2.29
C GLY A 52 4.13 4.82 -2.49
N LEU A 53 4.99 4.72 -1.50
CA LEU A 53 6.17 3.82 -1.64
C LEU A 53 6.95 3.77 -0.32
N PHE A 54 7.13 2.59 0.22
CA PHE A 54 7.90 2.44 1.49
C PHE A 54 8.43 1.01 1.57
N TYR A 55 8.51 0.43 2.75
CA TYR A 55 9.02 -0.96 2.86
C TYR A 55 7.84 -1.94 2.73
N GLU A 56 7.15 -1.88 1.61
CA GLU A 56 6.00 -2.80 1.39
C GLU A 56 6.51 -4.25 1.27
N PHE A 57 5.66 -5.23 1.47
CA PHE A 57 6.11 -6.65 1.36
C PHE A 57 4.92 -7.57 1.04
N GLU A 58 5.19 -8.83 0.85
CA GLU A 58 4.12 -9.81 0.50
C GLU A 58 3.14 -9.99 1.66
N GLY A 59 1.89 -9.62 1.46
CA GLY A 59 0.86 -9.79 2.52
C GLY A 59 1.16 -8.87 3.70
N ARG A 60 2.25 -8.16 3.67
CA ARG A 60 2.59 -7.26 4.82
C ARG A 60 3.31 -6.02 4.30
N LYS A 61 2.93 -4.86 4.77
CA LYS A 61 3.61 -3.61 4.32
C LYS A 61 4.20 -2.92 5.54
N TYR A 62 5.31 -2.25 5.38
CA TYR A 62 5.95 -1.57 6.54
C TYR A 62 6.51 -0.22 6.09
N CYS A 63 6.23 0.83 6.82
CA CYS A 63 6.79 2.15 6.43
C CYS A 63 8.23 2.23 6.94
N GLU A 64 8.93 3.29 6.66
CA GLU A 64 10.33 3.40 7.13
C GLU A 64 10.37 3.28 8.66
N HIS A 65 9.25 3.46 9.31
CA HIS A 65 9.22 3.35 10.81
C HIS A 65 9.44 1.90 11.23
N ASP A 66 8.51 1.03 10.93
CA ASP A 66 8.67 -0.39 11.35
C ASP A 66 10.01 -0.95 10.86
N PHE A 67 10.35 -0.69 9.63
CA PHE A 67 11.62 -1.22 9.10
C PHE A 67 12.82 -0.54 9.79
N GLN A 68 12.73 0.72 10.14
CA GLN A 68 13.90 1.36 10.83
C GLN A 68 13.86 1.01 12.31
N MET A 69 12.83 0.30 12.72
CA MET A 69 12.75 -0.14 14.14
C MET A 69 13.56 -1.40 14.25
N LEU A 70 13.54 -2.20 13.21
CA LEU A 70 14.34 -3.45 13.20
C LEU A 70 15.76 -3.04 12.82
N PHE A 71 15.88 -2.43 11.67
CA PHE A 71 17.21 -1.93 11.18
C PHE A 71 17.08 -1.54 9.71
N ALA A 72 16.93 -0.26 9.44
CA ALA A 72 16.80 0.19 8.03
C ALA A 72 17.55 1.53 7.85
N PRO A 73 18.76 1.45 7.33
CA PRO A 73 19.59 2.64 7.10
C PRO A 73 18.87 3.59 6.12
N CYS A 74 18.28 4.63 6.63
CA CYS A 74 17.56 5.60 5.75
C CYS A 74 16.26 4.97 5.23
ZN ZN B . -6.19 3.71 -0.88
ZN ZN C . 5.02 2.00 10.77
N MET A 5 -17.47 -15.04 -6.90
CA MET A 5 -18.95 -15.21 -6.97
C MET A 5 -19.64 -13.98 -6.36
N ALA A 6 -20.90 -13.79 -6.64
CA ALA A 6 -21.64 -12.62 -6.09
C ALA A 6 -21.03 -11.32 -6.61
N ASN A 7 -21.55 -10.19 -6.21
CA ASN A 7 -21.00 -8.88 -6.67
C ASN A 7 -20.27 -8.19 -5.52
N ALA A 8 -19.87 -8.94 -4.53
CA ALA A 8 -19.16 -8.32 -3.37
C ALA A 8 -17.70 -8.03 -3.75
N LEU A 9 -17.38 -8.12 -5.02
CA LEU A 9 -15.98 -7.85 -5.47
C LEU A 9 -15.65 -6.36 -5.24
N ALA A 10 -16.63 -5.50 -5.36
CA ALA A 10 -16.39 -4.04 -5.15
C ALA A 10 -15.34 -3.54 -6.16
N SER A 11 -15.10 -4.29 -7.21
CA SER A 11 -14.10 -3.88 -8.24
C SER A 11 -12.72 -3.71 -7.58
N ALA A 12 -11.75 -3.25 -8.33
CA ALA A 12 -10.39 -3.05 -7.76
C ALA A 12 -10.40 -1.85 -6.83
N THR A 13 -10.14 -2.05 -5.56
CA THR A 13 -10.13 -0.92 -4.60
C THR A 13 -8.85 -0.94 -3.76
N CYS A 14 -8.50 0.18 -3.19
CA CYS A 14 -7.24 0.26 -2.37
C CYS A 14 -7.32 -0.69 -1.16
N GLU A 15 -6.18 -1.04 -0.62
CA GLU A 15 -6.15 -1.97 0.55
C GLU A 15 -6.68 -1.28 1.80
N ARG A 16 -6.09 -0.18 2.18
CA ARG A 16 -6.53 0.52 3.43
C ARG A 16 -7.68 1.48 3.16
N CYS A 17 -7.63 2.21 2.07
CA CYS A 17 -8.72 3.19 1.79
C CYS A 17 -9.84 2.54 0.97
N LYS A 18 -9.57 1.42 0.33
CA LYS A 18 -10.64 0.75 -0.48
C LYS A 18 -11.23 1.74 -1.47
N GLY A 19 -10.39 2.54 -2.07
CA GLY A 19 -10.90 3.53 -3.06
C GLY A 19 -10.90 2.90 -4.44
N GLY A 20 -12.04 2.85 -5.09
CA GLY A 20 -12.11 2.24 -6.44
C GLY A 20 -11.17 2.99 -7.38
N PHE A 21 -10.05 2.41 -7.70
CA PHE A 21 -9.07 3.08 -8.61
C PHE A 21 -8.93 2.30 -9.91
N ALA A 22 -7.95 2.65 -10.72
CA ALA A 22 -7.75 1.94 -12.01
C ALA A 22 -6.49 2.47 -12.71
N PRO A 23 -6.44 3.77 -12.94
CA PRO A 23 -5.28 4.40 -13.60
C PRO A 23 -4.00 4.13 -12.81
N ALA A 24 -2.90 3.96 -13.49
CA ALA A 24 -1.60 3.68 -12.80
C ALA A 24 -1.29 4.81 -11.80
N GLU A 25 -1.89 5.96 -11.96
CA GLU A 25 -1.63 7.08 -11.03
C GLU A 25 -2.37 6.80 -9.72
N LYS A 26 -3.52 6.18 -9.79
CA LYS A 26 -4.29 5.86 -8.56
C LYS A 26 -4.02 4.41 -8.16
N ILE A 27 -3.79 3.56 -9.12
CA ILE A 27 -3.51 2.13 -8.81
C ILE A 27 -2.00 1.95 -8.58
N VAL A 28 -1.62 1.57 -7.40
CA VAL A 28 -0.17 1.37 -7.10
C VAL A 28 0.02 -0.05 -6.54
N ASN A 29 -0.17 -1.06 -7.34
CA ASN A 29 -0.01 -2.44 -6.81
C ASN A 29 1.48 -2.77 -6.72
N SER A 30 1.88 -3.36 -5.62
CA SER A 30 3.32 -3.71 -5.45
C SER A 30 3.44 -4.90 -4.48
N ASN A 31 4.40 -5.76 -4.70
CA ASN A 31 4.60 -6.94 -3.80
C ASN A 31 3.34 -7.83 -3.85
N GLY A 32 2.37 -7.54 -3.02
CA GLY A 32 1.13 -8.36 -3.01
C GLY A 32 -0.02 -7.57 -2.38
N GLU A 33 -0.11 -6.30 -2.68
CA GLU A 33 -1.22 -5.47 -2.11
C GLU A 33 -1.50 -4.28 -3.04
N LEU A 34 -2.65 -3.67 -2.89
CA LEU A 34 -2.99 -2.50 -3.77
C LEU A 34 -3.12 -1.25 -2.90
N TYR A 35 -2.49 -0.18 -3.30
CA TYR A 35 -2.58 1.08 -2.49
C TYR A 35 -2.58 2.28 -3.43
N HIS A 36 -2.86 3.44 -2.90
CA HIS A 36 -2.86 4.69 -3.70
C HIS A 36 -1.50 5.35 -3.52
N GLU A 37 -1.35 6.56 -3.98
CA GLU A 37 -0.06 7.26 -3.80
C GLU A 37 0.04 7.76 -2.35
N GLN A 38 -1.05 7.73 -1.63
CA GLN A 38 -1.04 8.19 -0.22
C GLN A 38 -1.94 7.28 0.62
N CYS A 39 -1.73 6.00 0.55
CA CYS A 39 -2.55 5.04 1.35
C CYS A 39 -1.63 3.98 1.96
N PHE A 40 -0.46 3.82 1.39
CA PHE A 40 0.50 2.80 1.94
C PHE A 40 0.54 2.91 3.47
N VAL A 41 -0.06 1.96 4.15
CA VAL A 41 -0.08 2.01 5.65
C VAL A 41 0.84 0.94 6.24
N CYS A 42 1.12 1.07 7.50
CA CYS A 42 2.00 0.10 8.19
C CYS A 42 1.15 -1.03 8.79
N ALA A 43 1.48 -2.26 8.52
CA ALA A 43 0.70 -3.39 9.08
C ALA A 43 0.69 -3.32 10.61
N GLN A 44 1.51 -2.48 11.19
CA GLN A 44 1.55 -2.37 12.68
C GLN A 44 1.02 -1.00 13.12
N CYS A 45 1.73 0.06 12.82
CA CYS A 45 1.25 1.42 13.24
C CYS A 45 0.12 1.88 12.32
N PHE A 46 -0.13 1.16 11.25
CA PHE A 46 -1.22 1.54 10.30
C PHE A 46 -1.08 3.00 9.88
N GLN A 47 0.09 3.56 10.01
CA GLN A 47 0.29 4.98 9.61
C GLN A 47 0.44 5.03 8.09
N GLN A 48 -0.27 5.91 7.44
CA GLN A 48 -0.18 6.01 5.95
C GLN A 48 1.04 6.86 5.58
N PHE A 49 1.48 6.77 4.36
CA PHE A 49 2.68 7.56 3.94
C PHE A 49 2.46 8.10 2.51
N PRO A 50 2.64 9.40 2.35
CA PRO A 50 2.47 10.07 1.05
C PRO A 50 3.45 9.54 0.01
N GLU A 51 4.52 8.94 0.44
CA GLU A 51 5.52 8.41 -0.54
C GLU A 51 4.87 7.37 -1.44
N GLY A 52 3.76 6.82 -1.02
CA GLY A 52 3.03 5.81 -1.85
C GLY A 52 3.95 4.63 -2.19
N LEU A 53 4.94 4.39 -1.38
CA LEU A 53 5.87 3.25 -1.64
C LEU A 53 6.95 3.22 -0.55
N PHE A 54 6.74 2.44 0.49
CA PHE A 54 7.75 2.35 1.58
C PHE A 54 8.33 0.94 1.60
N TYR A 55 8.33 0.28 2.73
CA TYR A 55 8.88 -1.10 2.80
C TYR A 55 7.73 -2.10 2.77
N GLU A 56 7.01 -2.13 1.68
CA GLU A 56 5.86 -3.06 1.54
C GLU A 56 6.41 -4.49 1.35
N PHE A 57 5.59 -5.48 1.62
CA PHE A 57 6.05 -6.89 1.46
C PHE A 57 4.89 -7.76 0.98
N GLU A 58 5.16 -8.73 0.15
CA GLU A 58 4.07 -9.61 -0.37
C GLU A 58 3.36 -10.28 0.81
N GLY A 59 2.15 -9.87 1.10
CA GLY A 59 1.39 -10.47 2.24
C GLY A 59 1.49 -9.58 3.48
N ARG A 60 2.40 -8.63 3.47
CA ARG A 60 2.55 -7.72 4.64
C ARG A 60 2.82 -6.29 4.16
N LYS A 61 3.17 -5.41 5.05
CA LYS A 61 3.46 -4.00 4.64
C LYS A 61 4.08 -3.24 5.82
N TYR A 62 5.20 -2.60 5.60
CA TYR A 62 5.86 -1.85 6.71
C TYR A 62 6.42 -0.53 6.20
N CYS A 63 6.21 0.51 6.93
CA CYS A 63 6.77 1.83 6.52
C CYS A 63 8.20 1.91 7.02
N GLU A 64 8.86 3.02 6.84
CA GLU A 64 10.26 3.13 7.33
C GLU A 64 10.26 3.11 8.86
N HIS A 65 9.10 2.95 9.47
CA HIS A 65 9.03 2.92 10.96
C HIS A 65 9.38 1.52 11.47
N ASP A 66 8.66 0.53 11.04
CA ASP A 66 8.95 -0.86 11.50
C ASP A 66 10.29 -1.30 10.92
N PHE A 67 10.54 -0.94 9.70
CA PHE A 67 11.81 -1.34 9.05
C PHE A 67 13.00 -0.59 9.66
N GLN A 68 12.84 0.65 10.08
CA GLN A 68 14.01 1.34 10.69
C GLN A 68 14.23 0.75 12.08
N MET A 69 13.20 0.18 12.64
CA MET A 69 13.33 -0.46 13.97
C MET A 69 14.31 -1.62 13.81
N LEU A 70 14.15 -2.36 12.74
CA LEU A 70 15.09 -3.48 12.47
C LEU A 70 16.41 -2.82 12.09
N PHE A 71 16.36 -1.96 11.11
CA PHE A 71 17.57 -1.21 10.66
C PHE A 71 17.26 -0.51 9.33
N ALA A 72 17.24 -1.25 8.24
CA ALA A 72 16.94 -0.64 6.92
C ALA A 72 17.10 -1.65 5.78
N PRO A 73 18.27 -2.23 5.70
CA PRO A 73 18.59 -3.20 4.66
C PRO A 73 17.46 -4.22 4.54
N CYS A 74 16.85 -4.30 3.39
CA CYS A 74 15.72 -5.24 3.19
C CYS A 74 16.11 -6.65 3.68
ZN ZN B . -6.23 4.07 -1.25
ZN ZN C . 4.68 1.64 10.78
N MET A 5 -26.40 1.24 -12.68
CA MET A 5 -25.03 1.76 -12.96
C MET A 5 -24.01 0.64 -12.80
N ALA A 6 -24.03 -0.05 -11.69
CA ALA A 6 -23.06 -1.16 -11.46
C ALA A 6 -23.39 -2.31 -12.42
N ASN A 7 -22.56 -2.53 -13.41
CA ASN A 7 -22.81 -3.64 -14.38
C ASN A 7 -21.49 -4.01 -15.07
N ALA A 8 -20.82 -3.04 -15.62
CA ALA A 8 -19.52 -3.31 -16.31
C ALA A 8 -18.48 -2.27 -15.89
N LEU A 9 -18.61 -1.75 -14.69
CA LEU A 9 -17.64 -0.72 -14.21
C LEU A 9 -17.47 -0.86 -12.70
N ALA A 10 -16.28 -1.21 -12.26
CA ALA A 10 -16.03 -1.37 -10.80
C ALA A 10 -14.53 -1.38 -10.54
N SER A 11 -13.79 -2.19 -11.28
CA SER A 11 -12.31 -2.27 -11.09
C SER A 11 -11.99 -2.77 -9.68
N ALA A 12 -10.73 -2.85 -9.34
CA ALA A 12 -10.34 -3.33 -7.99
C ALA A 12 -10.42 -2.17 -6.98
N THR A 13 -10.22 -2.45 -5.72
CA THR A 13 -10.28 -1.37 -4.69
C THR A 13 -8.98 -1.35 -3.90
N CYS A 14 -8.68 -0.25 -3.25
CA CYS A 14 -7.42 -0.15 -2.46
C CYS A 14 -7.44 -1.13 -1.28
N GLU A 15 -6.30 -1.37 -0.70
CA GLU A 15 -6.22 -2.33 0.44
C GLU A 15 -6.55 -1.62 1.75
N ARG A 16 -5.88 -0.53 2.04
CA ARG A 16 -6.13 0.19 3.33
C ARG A 16 -7.35 1.11 3.21
N CYS A 17 -7.71 1.52 2.02
CA CYS A 17 -8.87 2.44 1.88
C CYS A 17 -10.00 1.78 1.07
N LYS A 18 -9.70 0.74 0.33
CA LYS A 18 -10.78 0.07 -0.48
C LYS A 18 -11.41 1.09 -1.43
N GLY A 19 -10.61 1.96 -2.01
CA GLY A 19 -11.16 2.97 -2.96
C GLY A 19 -11.14 2.39 -4.37
N GLY A 20 -12.28 2.30 -5.00
CA GLY A 20 -12.33 1.75 -6.39
C GLY A 20 -11.42 2.56 -7.31
N PHE A 21 -10.23 2.06 -7.57
CA PHE A 21 -9.29 2.81 -8.46
C PHE A 21 -9.13 2.04 -9.78
N ALA A 22 -8.20 2.45 -10.61
CA ALA A 22 -7.99 1.75 -11.91
C ALA A 22 -6.80 2.37 -12.66
N PRO A 23 -6.84 3.67 -12.88
CA PRO A 23 -5.75 4.37 -13.59
C PRO A 23 -4.41 4.15 -12.89
N ALA A 24 -3.32 4.19 -13.63
CA ALA A 24 -1.99 3.98 -13.02
C ALA A 24 -1.70 5.07 -11.98
N GLU A 25 -2.48 6.13 -12.00
CA GLU A 25 -2.27 7.23 -11.03
C GLU A 25 -2.97 6.88 -9.71
N LYS A 26 -4.16 6.34 -9.80
CA LYS A 26 -4.90 5.97 -8.55
C LYS A 26 -4.54 4.53 -8.17
N ILE A 27 -4.37 3.67 -9.14
CA ILE A 27 -4.02 2.26 -8.84
C ILE A 27 -2.50 2.13 -8.67
N VAL A 28 -2.06 1.57 -7.58
CA VAL A 28 -0.61 1.40 -7.35
C VAL A 28 -0.40 0.05 -6.67
N ASN A 29 0.17 -0.90 -7.36
CA ASN A 29 0.38 -2.24 -6.74
C ASN A 29 1.81 -2.35 -6.23
N SER A 30 2.01 -3.13 -5.20
CA SER A 30 3.36 -3.30 -4.62
C SER A 30 3.38 -4.60 -3.82
N ASN A 31 4.55 -5.14 -3.59
CA ASN A 31 4.67 -6.41 -2.81
C ASN A 31 3.63 -6.45 -1.70
N GLY A 32 2.52 -7.10 -1.93
CA GLY A 32 1.46 -7.18 -0.89
C GLY A 32 0.06 -7.08 -1.52
N GLU A 33 -0.31 -5.92 -1.99
CA GLU A 33 -1.66 -5.75 -2.59
C GLU A 33 -1.71 -4.47 -3.43
N LEU A 34 -2.87 -3.86 -3.49
CA LEU A 34 -3.02 -2.60 -4.28
C LEU A 34 -3.05 -1.43 -3.30
N TYR A 35 -2.46 -0.32 -3.66
CA TYR A 35 -2.45 0.86 -2.76
C TYR A 35 -2.65 2.14 -3.58
N HIS A 36 -3.04 3.20 -2.94
CA HIS A 36 -3.24 4.50 -3.64
C HIS A 36 -1.98 5.32 -3.48
N GLU A 37 -1.94 6.49 -4.04
CA GLU A 37 -0.75 7.34 -3.87
C GLU A 37 -0.80 7.95 -2.47
N GLN A 38 -1.81 7.57 -1.72
CA GLN A 38 -1.95 8.08 -0.33
C GLN A 38 -2.67 7.03 0.53
N CYS A 39 -2.17 5.82 0.50
CA CYS A 39 -2.79 4.73 1.31
C CYS A 39 -1.69 3.78 1.82
N PHE A 40 -0.47 3.97 1.38
CA PHE A 40 0.64 3.07 1.83
C PHE A 40 0.71 3.13 3.37
N VAL A 41 0.12 2.17 4.04
CA VAL A 41 0.14 2.18 5.54
C VAL A 41 1.03 1.07 6.08
N CYS A 42 1.31 1.13 7.36
CA CYS A 42 2.17 0.11 8.02
C CYS A 42 1.27 -0.91 8.74
N ALA A 43 1.43 -2.17 8.44
CA ALA A 43 0.60 -3.22 9.09
C ALA A 43 0.78 -3.17 10.62
N GLN A 44 1.68 -2.35 11.11
CA GLN A 44 1.90 -2.27 12.58
C GLN A 44 1.41 -0.92 13.11
N CYS A 45 2.01 0.16 12.68
CA CYS A 45 1.57 1.51 13.17
C CYS A 45 0.40 2.01 12.32
N PHE A 46 0.18 1.38 11.19
CA PHE A 46 -0.94 1.80 10.30
C PHE A 46 -0.75 3.24 9.82
N GLN A 47 0.42 3.80 10.02
CA GLN A 47 0.66 5.19 9.56
C GLN A 47 0.70 5.17 8.03
N GLN A 48 0.01 6.09 7.39
CA GLN A 48 -0.01 6.11 5.91
C GLN A 48 1.13 6.98 5.37
N PHE A 49 1.69 6.60 4.25
CA PHE A 49 2.80 7.38 3.65
C PHE A 49 2.55 7.53 2.15
N PRO A 50 1.81 8.57 1.79
CA PRO A 50 1.45 8.84 0.39
C PRO A 50 2.70 8.94 -0.49
N GLU A 51 2.67 8.29 -1.64
CA GLU A 51 3.85 8.32 -2.56
C GLU A 51 5.13 8.09 -1.76
N GLY A 52 5.05 7.30 -0.72
CA GLY A 52 6.26 7.04 0.11
C GLY A 52 7.02 5.83 -0.42
N LEU A 53 6.33 4.83 -0.92
CA LEU A 53 7.05 3.61 -1.42
C LEU A 53 8.05 3.20 -0.34
N PHE A 54 7.54 2.86 0.81
CA PHE A 54 8.42 2.49 1.94
C PHE A 54 8.82 1.01 1.86
N TYR A 55 8.45 0.22 2.85
CA TYR A 55 8.82 -1.22 2.83
C TYR A 55 7.57 -2.10 2.82
N GLU A 56 6.78 -2.03 1.78
CA GLU A 56 5.56 -2.87 1.72
C GLU A 56 6.01 -4.34 1.67
N PHE A 57 5.11 -5.28 1.86
CA PHE A 57 5.55 -6.71 1.83
C PHE A 57 4.41 -7.61 1.33
N GLU A 58 4.74 -8.75 0.77
CA GLU A 58 3.70 -9.67 0.25
C GLU A 58 2.80 -10.10 1.41
N GLY A 59 1.51 -9.91 1.28
CA GLY A 59 0.57 -10.30 2.37
C GLY A 59 0.76 -9.39 3.59
N ARG A 60 1.65 -8.42 3.49
CA ARG A 60 1.89 -7.51 4.64
C ARG A 60 2.24 -6.10 4.13
N LYS A 61 2.71 -5.24 4.99
CA LYS A 61 3.06 -3.86 4.57
C LYS A 61 3.73 -3.13 5.74
N TYR A 62 4.82 -2.47 5.50
CA TYR A 62 5.50 -1.73 6.61
C TYR A 62 6.14 -0.46 6.08
N CYS A 63 6.23 0.53 6.92
CA CYS A 63 6.88 1.80 6.49
C CYS A 63 8.31 1.78 7.02
N GLU A 64 9.05 2.82 6.76
CA GLU A 64 10.46 2.84 7.26
C GLU A 64 10.45 2.96 8.79
N HIS A 65 9.30 2.82 9.41
CA HIS A 65 9.24 2.92 10.90
C HIS A 65 9.61 1.58 11.54
N ASP A 66 8.76 0.60 11.45
CA ASP A 66 9.08 -0.72 12.07
C ASP A 66 10.30 -1.32 11.36
N PHE A 67 10.43 -1.01 10.10
CA PHE A 67 11.57 -1.57 9.32
C PHE A 67 12.88 -0.85 9.65
N GLN A 68 12.87 0.44 9.89
CA GLN A 68 14.18 1.09 10.25
C GLN A 68 14.60 0.58 11.62
N MET A 69 13.64 0.17 12.42
CA MET A 69 13.98 -0.38 13.76
C MET A 69 14.78 -1.65 13.54
N LEU A 70 14.36 -2.46 12.59
CA LEU A 70 15.12 -3.70 12.29
C LEU A 70 16.47 -3.29 11.70
N PHE A 71 16.52 -2.09 11.17
CA PHE A 71 17.76 -1.56 10.55
C PHE A 71 18.08 -2.33 9.27
N ALA A 72 17.10 -3.00 8.71
CA ALA A 72 17.32 -3.77 7.46
C ALA A 72 18.53 -4.71 7.63
N PRO A 73 18.33 -5.77 8.39
CA PRO A 73 19.38 -6.76 8.65
C PRO A 73 19.81 -7.44 7.36
N CYS A 74 19.06 -7.26 6.30
CA CYS A 74 19.40 -7.90 5.00
C CYS A 74 19.35 -9.42 5.12
ZN ZN B . -6.59 3.58 -1.15
ZN ZN C . 4.90 1.68 10.66
N MET A 5 -15.02 -3.14 -23.04
CA MET A 5 -14.39 -4.44 -23.43
C MET A 5 -13.80 -5.11 -22.18
N ALA A 6 -12.88 -4.45 -21.53
CA ALA A 6 -12.25 -5.05 -20.31
C ALA A 6 -13.27 -5.03 -19.16
N ASN A 7 -13.65 -6.18 -18.67
CA ASN A 7 -14.62 -6.24 -17.55
C ASN A 7 -13.92 -5.86 -16.24
N ALA A 8 -14.00 -4.62 -15.85
CA ALA A 8 -13.33 -4.18 -14.59
C ALA A 8 -14.06 -4.81 -13.39
N LEU A 9 -15.33 -5.09 -13.52
CA LEU A 9 -16.10 -5.70 -12.40
C LEU A 9 -15.95 -4.81 -11.15
N ALA A 10 -16.39 -3.58 -11.24
CA ALA A 10 -16.29 -2.64 -10.07
C ALA A 10 -14.81 -2.31 -9.82
N SER A 11 -13.92 -2.87 -10.59
CA SER A 11 -12.46 -2.61 -10.40
C SER A 11 -12.01 -3.09 -9.02
N ALA A 12 -10.73 -3.09 -8.77
CA ALA A 12 -10.22 -3.54 -7.45
C ALA A 12 -10.28 -2.39 -6.45
N THR A 13 -9.95 -2.64 -5.21
CA THR A 13 -9.99 -1.55 -4.18
C THR A 13 -8.65 -1.51 -3.43
N CYS A 14 -8.34 -0.38 -2.84
CA CYS A 14 -7.06 -0.24 -2.09
C CYS A 14 -6.98 -1.24 -0.92
N GLU A 15 -5.81 -1.43 -0.39
CA GLU A 15 -5.63 -2.40 0.73
C GLU A 15 -5.98 -1.73 2.07
N ARG A 16 -5.33 -0.64 2.38
CA ARG A 16 -5.59 0.04 3.69
C ARG A 16 -6.84 0.93 3.61
N CYS A 17 -7.23 1.35 2.43
CA CYS A 17 -8.41 2.24 2.32
C CYS A 17 -9.54 1.55 1.53
N LYS A 18 -9.24 0.53 0.79
CA LYS A 18 -10.30 -0.18 0.00
C LYS A 18 -11.02 0.83 -0.88
N GLY A 19 -10.29 1.74 -1.48
CA GLY A 19 -10.93 2.75 -2.37
C GLY A 19 -10.96 2.20 -3.80
N GLY A 20 -12.12 2.10 -4.38
CA GLY A 20 -12.22 1.57 -5.78
C GLY A 20 -11.37 2.43 -6.71
N PHE A 21 -10.23 1.92 -7.12
CA PHE A 21 -9.34 2.70 -8.02
C PHE A 21 -9.22 1.98 -9.37
N ALA A 22 -8.35 2.46 -10.23
CA ALA A 22 -8.18 1.81 -11.57
C ALA A 22 -6.99 2.44 -12.32
N PRO A 23 -7.03 3.76 -12.50
CA PRO A 23 -5.94 4.48 -13.20
C PRO A 23 -4.61 4.23 -12.50
N ALA A 24 -3.55 4.16 -13.26
CA ALA A 24 -2.19 3.92 -12.67
C ALA A 24 -1.88 4.98 -11.60
N GLU A 25 -2.54 6.11 -11.66
CA GLU A 25 -2.29 7.18 -10.66
C GLU A 25 -2.98 6.80 -9.35
N LYS A 26 -4.12 6.17 -9.44
CA LYS A 26 -4.85 5.77 -8.20
C LYS A 26 -4.57 4.30 -7.90
N ILE A 27 -4.21 3.54 -8.90
CA ILE A 27 -3.94 2.09 -8.68
C ILE A 27 -2.43 1.87 -8.59
N VAL A 28 -1.97 1.30 -7.50
CA VAL A 28 -0.52 1.02 -7.33
C VAL A 28 -0.37 -0.35 -6.69
N ASN A 29 0.29 -1.26 -7.34
CA ASN A 29 0.46 -2.62 -6.75
C ASN A 29 1.93 -2.85 -6.44
N SER A 30 2.21 -3.63 -5.43
CA SER A 30 3.62 -3.88 -5.06
C SER A 30 3.72 -5.27 -4.40
N ASN A 31 4.50 -6.15 -4.98
CA ASN A 31 4.66 -7.52 -4.40
C ASN A 31 3.36 -8.32 -4.59
N GLY A 32 2.23 -7.70 -4.36
CA GLY A 32 0.94 -8.41 -4.52
C GLY A 32 -0.19 -7.57 -3.90
N GLU A 33 0.14 -6.70 -2.99
CA GLU A 33 -0.91 -5.85 -2.34
C GLU A 33 -1.20 -4.64 -3.23
N LEU A 34 -2.28 -3.95 -2.97
CA LEU A 34 -2.64 -2.75 -3.78
C LEU A 34 -2.64 -1.51 -2.90
N TYR A 35 -2.21 -0.38 -3.42
CA TYR A 35 -2.20 0.87 -2.61
C TYR A 35 -2.48 2.06 -3.52
N HIS A 36 -2.90 3.16 -2.93
CA HIS A 36 -3.15 4.40 -3.71
C HIS A 36 -1.86 5.20 -3.71
N GLU A 37 -1.82 6.31 -4.40
CA GLU A 37 -0.58 7.12 -4.37
C GLU A 37 -0.55 7.89 -3.03
N GLN A 38 -1.43 7.53 -2.13
CA GLN A 38 -1.49 8.20 -0.81
C GLN A 38 -2.20 7.28 0.18
N CYS A 39 -1.80 6.04 0.24
CA CYS A 39 -2.44 5.09 1.20
C CYS A 39 -1.37 4.19 1.83
N PHE A 40 -0.20 4.15 1.24
CA PHE A 40 0.90 3.30 1.81
C PHE A 40 0.93 3.46 3.34
N VAL A 41 0.64 2.42 4.07
CA VAL A 41 0.62 2.54 5.57
C VAL A 41 1.48 1.45 6.22
N CYS A 42 1.65 1.53 7.51
CA CYS A 42 2.45 0.51 8.25
C CYS A 42 1.49 -0.59 8.73
N ALA A 43 1.67 -1.80 8.32
CA ALA A 43 0.76 -2.90 8.77
C ALA A 43 0.66 -2.93 10.30
N GLN A 44 1.49 -2.17 10.98
CA GLN A 44 1.44 -2.16 12.47
C GLN A 44 0.95 -0.80 12.97
N CYS A 45 1.75 0.24 12.79
CA CYS A 45 1.32 1.59 13.26
C CYS A 45 0.29 2.18 12.29
N PHE A 46 0.16 1.58 11.14
CA PHE A 46 -0.82 2.07 10.12
C PHE A 46 -0.55 3.53 9.75
N GLN A 47 0.63 4.03 10.04
CA GLN A 47 0.93 5.45 9.66
C GLN A 47 0.90 5.53 8.14
N GLN A 48 0.20 6.49 7.59
CA GLN A 48 0.11 6.59 6.11
C GLN A 48 1.27 7.43 5.56
N PHE A 49 1.68 7.13 4.36
CA PHE A 49 2.80 7.88 3.73
C PHE A 49 2.41 8.19 2.28
N PRO A 50 2.29 9.47 1.97
CA PRO A 50 1.89 9.92 0.62
C PRO A 50 2.87 9.41 -0.44
N GLU A 51 2.44 8.48 -1.27
CA GLU A 51 3.32 7.91 -2.35
C GLU A 51 4.78 7.93 -1.92
N GLY A 52 5.06 7.47 -0.73
CA GLY A 52 6.47 7.45 -0.24
C GLY A 52 7.15 6.14 -0.63
N LEU A 53 6.39 5.08 -0.78
CA LEU A 53 6.99 3.76 -1.14
C LEU A 53 7.94 3.32 -0.03
N PHE A 54 7.54 2.37 0.77
CA PHE A 54 8.41 1.91 1.89
C PHE A 54 8.68 0.41 1.77
N TYR A 55 8.55 -0.33 2.84
CA TYR A 55 8.79 -1.80 2.79
C TYR A 55 7.46 -2.50 2.48
N GLU A 56 6.82 -2.12 1.40
CA GLU A 56 5.52 -2.74 1.04
C GLU A 56 5.75 -4.18 0.54
N PHE A 57 4.94 -5.10 0.99
CA PHE A 57 5.10 -6.53 0.56
C PHE A 57 3.72 -7.14 0.29
N GLU A 58 3.69 -8.31 -0.28
CA GLU A 58 2.40 -8.98 -0.59
C GLU A 58 1.69 -9.40 0.71
N GLY A 59 0.58 -8.79 1.02
CA GLY A 59 -0.17 -9.16 2.25
C GLY A 59 0.48 -8.54 3.48
N ARG A 60 1.63 -7.93 3.33
CA ARG A 60 2.31 -7.31 4.51
C ARG A 60 3.11 -6.08 4.07
N LYS A 61 2.58 -4.91 4.29
CA LYS A 61 3.31 -3.67 3.90
C LYS A 61 3.76 -2.93 5.16
N TYR A 62 4.89 -2.28 5.13
CA TYR A 62 5.38 -1.56 6.35
C TYR A 62 6.10 -0.27 5.97
N CYS A 63 5.96 0.74 6.78
CA CYS A 63 6.68 2.01 6.49
C CYS A 63 8.07 1.92 7.10
N GLU A 64 9.00 2.66 6.59
CA GLU A 64 10.40 2.62 7.11
C GLU A 64 10.39 2.76 8.64
N HIS A 65 9.30 3.18 9.22
CA HIS A 65 9.26 3.35 10.70
C HIS A 65 9.46 1.99 11.41
N ASP A 66 8.49 1.13 11.34
CA ASP A 66 8.62 -0.19 12.03
C ASP A 66 9.83 -0.94 11.48
N PHE A 67 10.11 -0.78 10.22
CA PHE A 67 11.24 -1.50 9.61
C PHE A 67 12.58 -0.85 9.95
N GLN A 68 12.66 0.45 10.07
CA GLN A 68 13.97 1.05 10.44
C GLN A 68 14.22 0.74 11.92
N MET A 69 13.16 0.44 12.64
CA MET A 69 13.31 0.08 14.07
C MET A 69 14.01 -1.26 14.15
N LEU A 70 13.64 -2.17 13.28
CA LEU A 70 14.31 -3.50 13.26
C LEU A 70 15.75 -3.28 12.82
N PHE A 71 15.96 -2.23 12.05
CA PHE A 71 17.32 -1.89 11.55
C PHE A 71 17.80 -3.01 10.61
N ALA A 72 17.48 -2.92 9.35
CA ALA A 72 17.92 -3.96 8.38
C ALA A 72 18.56 -3.29 7.17
N PRO A 73 19.81 -2.91 7.32
CA PRO A 73 20.58 -2.25 6.25
C PRO A 73 20.73 -3.19 5.05
N CYS A 74 21.13 -2.67 3.92
CA CYS A 74 21.31 -3.52 2.71
C CYS A 74 22.49 -4.48 2.92
ZN ZN B . -6.28 3.57 -0.95
ZN ZN C . 5.00 2.16 10.88
N MET A 5 -19.94 -8.51 -2.75
CA MET A 5 -20.99 -7.73 -3.47
C MET A 5 -20.50 -7.40 -4.88
N ALA A 6 -21.40 -7.07 -5.77
CA ALA A 6 -20.99 -6.73 -7.16
C ALA A 6 -20.27 -5.37 -7.18
N ASN A 7 -19.76 -4.97 -8.31
CA ASN A 7 -19.06 -3.65 -8.39
C ASN A 7 -19.41 -2.96 -9.71
N ALA A 8 -20.48 -2.21 -9.71
CA ALA A 8 -20.90 -1.51 -10.96
C ALA A 8 -19.88 -0.41 -11.27
N LEU A 9 -19.65 0.48 -10.33
CA LEU A 9 -18.66 1.58 -10.56
C LEU A 9 -17.24 1.01 -10.39
N ALA A 10 -16.51 0.92 -11.46
CA ALA A 10 -15.11 0.37 -11.37
C ALA A 10 -15.15 -1.08 -10.91
N SER A 11 -14.02 -1.68 -10.67
CA SER A 11 -14.00 -3.10 -10.21
C SER A 11 -12.74 -3.35 -9.38
N ALA A 12 -12.17 -2.31 -8.81
CA ALA A 12 -10.94 -2.47 -7.98
C ALA A 12 -10.86 -1.33 -6.98
N THR A 13 -10.68 -1.64 -5.72
CA THR A 13 -10.59 -0.57 -4.68
C THR A 13 -9.28 -0.73 -3.89
N CYS A 14 -8.84 0.33 -3.26
CA CYS A 14 -7.57 0.28 -2.48
C CYS A 14 -7.68 -0.74 -1.34
N GLU A 15 -6.57 -1.21 -0.87
CA GLU A 15 -6.57 -2.22 0.22
C GLU A 15 -6.95 -1.53 1.54
N ARG A 16 -6.10 -0.65 2.01
CA ARG A 16 -6.37 0.04 3.31
C ARG A 16 -7.54 1.04 3.21
N CYS A 17 -7.57 1.83 2.17
CA CYS A 17 -8.67 2.85 2.05
C CYS A 17 -9.85 2.34 1.23
N LYS A 18 -9.66 1.33 0.41
CA LYS A 18 -10.80 0.80 -0.42
C LYS A 18 -11.34 1.93 -1.31
N GLY A 19 -10.46 2.68 -1.92
CA GLY A 19 -10.91 3.78 -2.82
C GLY A 19 -10.96 3.26 -4.25
N GLY A 20 -12.09 3.34 -4.90
CA GLY A 20 -12.20 2.85 -6.30
C GLY A 20 -11.18 3.56 -7.18
N PHE A 21 -10.08 2.90 -7.48
CA PHE A 21 -9.04 3.52 -8.35
C PHE A 21 -8.96 2.77 -9.68
N ALA A 22 -7.99 3.09 -10.50
CA ALA A 22 -7.86 2.40 -11.82
C ALA A 22 -6.60 2.86 -12.54
N PRO A 23 -6.48 4.16 -12.77
CA PRO A 23 -5.30 4.74 -13.45
C PRO A 23 -4.01 4.37 -12.71
N ALA A 24 -2.93 4.21 -13.43
CA ALA A 24 -1.63 3.85 -12.78
C ALA A 24 -1.27 4.90 -11.73
N GLU A 25 -1.88 6.06 -11.80
CA GLU A 25 -1.56 7.13 -10.81
C GLU A 25 -2.31 6.82 -9.51
N LYS A 26 -3.51 6.33 -9.62
CA LYS A 26 -4.30 5.99 -8.41
C LYS A 26 -4.05 4.54 -8.03
N ILE A 27 -3.81 3.70 -9.00
CA ILE A 27 -3.55 2.25 -8.72
C ILE A 27 -2.05 2.05 -8.49
N VAL A 28 -1.69 1.51 -7.35
CA VAL A 28 -0.25 1.26 -7.06
C VAL A 28 -0.13 -0.13 -6.44
N ASN A 29 -0.17 -1.16 -7.25
CA ASN A 29 -0.07 -2.54 -6.69
C ASN A 29 1.38 -2.87 -6.34
N SER A 30 1.57 -3.53 -5.23
CA SER A 30 2.94 -3.91 -4.80
C SER A 30 2.83 -5.04 -3.78
N ASN A 31 3.74 -5.98 -3.80
CA ASN A 31 3.67 -7.13 -2.84
C ASN A 31 2.43 -7.99 -3.13
N GLY A 32 1.57 -7.51 -3.99
CA GLY A 32 0.32 -8.27 -4.32
C GLY A 32 -0.89 -7.45 -3.87
N GLU A 33 -0.71 -6.63 -2.86
CA GLU A 33 -1.84 -5.79 -2.36
C GLU A 33 -2.00 -4.57 -3.26
N LEU A 34 -3.07 -3.83 -3.08
CA LEU A 34 -3.30 -2.61 -3.91
C LEU A 34 -3.32 -1.40 -2.99
N TYR A 35 -2.56 -0.40 -3.30
CA TYR A 35 -2.53 0.82 -2.44
C TYR A 35 -2.58 2.06 -3.32
N HIS A 36 -2.92 3.18 -2.75
CA HIS A 36 -2.95 4.46 -3.52
C HIS A 36 -1.56 5.08 -3.40
N GLU A 37 -1.41 6.29 -3.84
CA GLU A 37 -0.09 6.96 -3.71
C GLU A 37 0.08 7.42 -2.27
N GLN A 38 -1.00 7.45 -1.53
CA GLN A 38 -0.93 7.88 -0.10
C GLN A 38 -1.81 6.98 0.77
N CYS A 39 -1.61 5.69 0.69
CA CYS A 39 -2.42 4.75 1.52
C CYS A 39 -1.49 3.71 2.13
N PHE A 40 -0.33 3.51 1.55
CA PHE A 40 0.64 2.51 2.09
C PHE A 40 0.70 2.63 3.62
N VAL A 41 -0.07 1.83 4.32
CA VAL A 41 -0.07 1.91 5.81
C VAL A 41 0.93 0.92 6.40
N CYS A 42 1.09 0.94 7.70
CA CYS A 42 2.03 0.00 8.36
C CYS A 42 1.24 -1.17 8.98
N ALA A 43 1.58 -2.37 8.62
CA ALA A 43 0.86 -3.56 9.19
C ALA A 43 0.82 -3.48 10.72
N GLN A 44 1.60 -2.61 11.32
CA GLN A 44 1.61 -2.50 12.81
C GLN A 44 1.02 -1.15 13.25
N CYS A 45 1.72 -0.08 12.99
CA CYS A 45 1.20 1.27 13.41
C CYS A 45 0.08 1.71 12.48
N PHE A 46 -0.13 1.01 11.39
CA PHE A 46 -1.21 1.38 10.43
C PHE A 46 -1.02 2.82 9.94
N GLN A 47 0.17 3.35 10.05
CA GLN A 47 0.42 4.74 9.58
C GLN A 47 0.62 4.70 8.07
N GLN A 48 -0.07 5.55 7.34
CA GLN A 48 0.07 5.55 5.85
C GLN A 48 1.44 6.06 5.45
N PHE A 49 1.71 6.05 4.17
CA PHE A 49 3.03 6.54 3.66
C PHE A 49 2.87 7.01 2.21
N PRO A 50 3.16 8.28 1.99
CA PRO A 50 3.03 8.89 0.65
C PRO A 50 4.02 8.25 -0.33
N GLU A 51 4.26 8.88 -1.45
CA GLU A 51 5.21 8.33 -2.46
C GLU A 51 4.60 7.09 -3.13
N GLY A 52 3.51 6.60 -2.63
CA GLY A 52 2.87 5.39 -3.24
C GLY A 52 3.80 4.20 -3.08
N LEU A 53 4.66 4.22 -2.09
CA LEU A 53 5.59 3.09 -1.87
C LEU A 53 6.39 3.33 -0.59
N PHE A 54 6.71 2.28 0.12
CA PHE A 54 7.50 2.43 1.37
C PHE A 54 8.14 1.08 1.71
N TYR A 55 8.13 0.66 2.95
CA TYR A 55 8.75 -0.64 3.30
C TYR A 55 7.70 -1.76 3.15
N GLU A 56 7.01 -1.78 2.04
CA GLU A 56 5.98 -2.83 1.82
C GLU A 56 6.68 -4.20 1.71
N PHE A 57 5.95 -5.27 1.81
CA PHE A 57 6.59 -6.62 1.72
C PHE A 57 5.56 -7.63 1.23
N GLU A 58 5.99 -8.59 0.44
CA GLU A 58 5.02 -9.62 -0.07
C GLU A 58 4.35 -10.31 1.12
N GLY A 59 3.05 -10.19 1.24
CA GLY A 59 2.33 -10.83 2.38
C GLY A 59 2.33 -9.89 3.59
N ARG A 60 3.08 -8.82 3.52
CA ARG A 60 3.12 -7.87 4.67
C ARG A 60 3.18 -6.42 4.16
N LYS A 61 3.41 -5.49 5.04
CA LYS A 61 3.48 -4.06 4.61
C LYS A 61 3.93 -3.20 5.79
N TYR A 62 5.03 -2.49 5.66
CA TYR A 62 5.52 -1.65 6.79
C TYR A 62 6.08 -0.33 6.26
N CYS A 63 6.13 0.65 7.11
CA CYS A 63 6.70 1.96 6.70
C CYS A 63 8.12 2.05 7.25
N GLU A 64 8.78 3.15 7.02
CA GLU A 64 10.17 3.28 7.56
C GLU A 64 10.12 3.41 9.09
N HIS A 65 8.98 3.18 9.68
CA HIS A 65 8.88 3.31 11.17
C HIS A 65 9.37 2.02 11.84
N ASP A 66 8.58 0.97 11.80
CA ASP A 66 9.01 -0.30 12.44
C ASP A 66 10.27 -0.81 11.76
N PHE A 67 10.36 -0.58 10.48
CA PHE A 67 11.54 -1.08 9.72
C PHE A 67 12.78 -0.24 10.00
N GLN A 68 12.68 1.07 10.19
CA GLN A 68 13.94 1.81 10.49
C GLN A 68 14.42 1.38 11.88
N MET A 69 13.51 0.94 12.71
CA MET A 69 13.88 0.46 14.06
C MET A 69 14.78 -0.76 13.87
N LEU A 70 14.42 -1.61 12.95
CA LEU A 70 15.26 -2.82 12.68
C LEU A 70 16.55 -2.33 12.01
N PHE A 71 16.51 -1.13 11.48
CA PHE A 71 17.70 -0.54 10.81
C PHE A 71 17.93 -1.25 9.47
N ALA A 72 16.98 -2.04 9.04
CA ALA A 72 17.12 -2.77 7.73
C ALA A 72 18.46 -3.53 7.71
N PRO A 73 18.52 -4.60 8.46
CA PRO A 73 19.74 -5.43 8.55
C PRO A 73 20.05 -6.03 7.18
N CYS A 74 20.97 -5.43 6.45
CA CYS A 74 21.33 -5.95 5.11
C CYS A 74 22.30 -7.14 5.27
ZN ZN B . -6.29 3.90 -1.04
ZN ZN C . 4.65 1.77 10.93
N MET A 5 -18.30 -15.47 -13.64
CA MET A 5 -19.25 -14.50 -14.26
C MET A 5 -18.65 -13.96 -15.56
N ALA A 6 -19.46 -13.37 -16.40
CA ALA A 6 -18.94 -12.81 -17.69
C ALA A 6 -18.15 -11.52 -17.39
N ASN A 7 -16.86 -11.63 -17.24
CA ASN A 7 -16.02 -10.43 -16.96
C ASN A 7 -16.44 -9.83 -15.60
N ALA A 8 -15.92 -8.66 -15.29
CA ALA A 8 -16.28 -8.02 -13.98
C ALA A 8 -16.08 -6.51 -14.10
N LEU A 9 -16.92 -5.73 -13.45
CA LEU A 9 -16.78 -4.25 -13.51
C LEU A 9 -15.66 -3.79 -12.59
N ALA A 10 -15.12 -2.62 -12.84
CA ALA A 10 -14.01 -2.10 -11.99
C ALA A 10 -12.85 -3.10 -11.97
N SER A 11 -12.06 -3.11 -10.92
CA SER A 11 -10.92 -4.06 -10.85
C SER A 11 -10.71 -4.49 -9.40
N ALA A 12 -10.40 -3.56 -8.54
CA ALA A 12 -10.19 -3.90 -7.10
C ALA A 12 -10.20 -2.62 -6.27
N THR A 13 -9.97 -2.72 -4.98
CA THR A 13 -9.97 -1.52 -4.11
C THR A 13 -8.64 -1.43 -3.36
N CYS A 14 -8.30 -0.27 -2.87
CA CYS A 14 -7.00 -0.10 -2.14
C CYS A 14 -7.03 -0.87 -0.81
N GLU A 15 -5.89 -1.10 -0.24
CA GLU A 15 -5.84 -1.87 1.04
C GLU A 15 -6.33 -1.03 2.22
N ARG A 16 -5.64 0.03 2.52
CA ARG A 16 -6.03 0.88 3.68
C ARG A 16 -7.32 1.65 3.42
N CYS A 17 -7.43 2.29 2.30
CA CYS A 17 -8.65 3.11 2.02
C CYS A 17 -9.73 2.27 1.31
N LYS A 18 -9.36 1.19 0.65
CA LYS A 18 -10.39 0.37 -0.05
C LYS A 18 -11.11 1.24 -1.09
N GLY A 19 -10.36 2.04 -1.79
CA GLY A 19 -10.99 2.92 -2.84
C GLY A 19 -10.95 2.18 -4.18
N GLY A 20 -12.09 1.99 -4.79
CA GLY A 20 -12.12 1.28 -6.10
C GLY A 20 -11.24 2.03 -7.10
N PHE A 21 -10.04 1.57 -7.33
CA PHE A 21 -9.12 2.26 -8.29
C PHE A 21 -9.01 1.42 -9.56
N ALA A 22 -8.14 1.82 -10.46
CA ALA A 22 -7.97 1.05 -11.72
C ALA A 22 -6.84 1.67 -12.56
N PRO A 23 -6.95 2.95 -12.86
CA PRO A 23 -5.94 3.66 -13.66
C PRO A 23 -4.58 3.64 -12.93
N ALA A 24 -3.50 3.66 -13.66
CA ALA A 24 -2.15 3.64 -13.01
C ALA A 24 -1.98 4.89 -12.14
N GLU A 25 -2.82 5.88 -12.32
CA GLU A 25 -2.71 7.12 -11.49
C GLU A 25 -3.37 6.88 -10.13
N LYS A 26 -4.21 5.88 -10.04
CA LYS A 26 -4.89 5.57 -8.75
C LYS A 26 -4.49 4.17 -8.29
N ILE A 27 -4.39 3.24 -9.21
CA ILE A 27 -4.01 1.85 -8.83
C ILE A 27 -2.49 1.79 -8.61
N VAL A 28 -2.07 1.35 -7.45
CA VAL A 28 -0.61 1.23 -7.17
C VAL A 28 -0.36 -0.08 -6.45
N ASN A 29 0.22 -1.05 -7.13
CA ASN A 29 0.48 -2.35 -6.48
C ASN A 29 1.96 -2.42 -6.09
N SER A 30 2.28 -3.15 -5.06
CA SER A 30 3.69 -3.25 -4.63
C SER A 30 3.91 -4.59 -3.92
N ASN A 31 4.88 -5.35 -4.37
CA ASN A 31 5.18 -6.69 -3.77
C ASN A 31 4.02 -7.66 -4.01
N GLY A 32 2.81 -7.22 -3.79
CA GLY A 32 1.64 -8.12 -4.01
C GLY A 32 0.35 -7.44 -3.53
N GLU A 33 0.46 -6.50 -2.62
CA GLU A 33 -0.76 -5.80 -2.11
C GLU A 33 -1.07 -4.59 -3.00
N LEU A 34 -2.18 -3.94 -2.78
CA LEU A 34 -2.55 -2.76 -3.61
C LEU A 34 -2.65 -1.52 -2.71
N TYR A 35 -2.25 -0.39 -3.23
CA TYR A 35 -2.30 0.88 -2.44
C TYR A 35 -2.59 2.05 -3.37
N HIS A 36 -2.77 3.21 -2.79
CA HIS A 36 -3.03 4.45 -3.59
C HIS A 36 -1.78 5.32 -3.49
N GLU A 37 -1.80 6.46 -4.12
CA GLU A 37 -0.62 7.37 -4.00
C GLU A 37 -0.67 8.04 -2.63
N GLN A 38 -1.68 7.72 -1.86
CA GLN A 38 -1.81 8.30 -0.50
C GLN A 38 -2.53 7.30 0.42
N CYS A 39 -2.05 6.08 0.45
CA CYS A 39 -2.68 5.05 1.33
C CYS A 39 -1.60 4.11 1.87
N PHE A 40 -0.38 4.27 1.44
CA PHE A 40 0.72 3.40 1.95
C PHE A 40 0.75 3.49 3.48
N VAL A 41 0.41 2.42 4.18
CA VAL A 41 0.41 2.48 5.68
C VAL A 41 1.22 1.31 6.25
N CYS A 42 1.46 1.36 7.54
CA CYS A 42 2.23 0.28 8.23
C CYS A 42 1.25 -0.73 8.84
N ALA A 43 1.34 -1.97 8.46
CA ALA A 43 0.40 -3.00 9.02
C ALA A 43 0.50 -3.05 10.55
N GLN A 44 1.47 -2.39 11.12
CA GLN A 44 1.62 -2.41 12.60
C GLN A 44 1.20 -1.06 13.19
N CYS A 45 1.93 -0.01 12.92
CA CYS A 45 1.57 1.33 13.48
C CYS A 45 0.53 2.02 12.58
N PHE A 46 0.28 1.46 11.42
CA PHE A 46 -0.71 2.07 10.49
C PHE A 46 -0.25 3.47 10.09
N GLN A 47 1.02 3.76 10.23
CA GLN A 47 1.53 5.10 9.85
C GLN A 47 1.36 5.25 8.33
N GLN A 48 0.60 6.22 7.90
CA GLN A 48 0.37 6.41 6.44
C GLN A 48 1.49 7.26 5.84
N PHE A 49 1.86 6.96 4.62
CA PHE A 49 2.95 7.75 3.96
C PHE A 49 2.50 8.07 2.52
N PRO A 50 2.38 9.34 2.22
CA PRO A 50 1.93 9.80 0.88
C PRO A 50 2.87 9.27 -0.22
N GLU A 51 2.40 8.30 -0.96
CA GLU A 51 3.22 7.70 -2.08
C GLU A 51 4.71 7.78 -1.77
N GLY A 52 5.10 7.37 -0.58
CA GLY A 52 6.54 7.43 -0.21
C GLY A 52 7.22 6.11 -0.57
N LEU A 53 6.47 5.12 -0.99
CA LEU A 53 7.07 3.80 -1.34
C LEU A 53 8.01 3.39 -0.20
N PHE A 54 7.46 3.24 0.98
CA PHE A 54 8.30 2.87 2.15
C PHE A 54 8.64 1.37 2.09
N TYR A 55 8.10 0.59 2.98
CA TYR A 55 8.41 -0.87 2.96
C TYR A 55 7.12 -1.70 2.86
N GLU A 56 6.33 -1.44 1.84
CA GLU A 56 5.07 -2.23 1.67
C GLU A 56 5.43 -3.67 1.32
N PHE A 57 4.52 -4.59 1.42
CA PHE A 57 4.85 -6.01 1.10
C PHE A 57 3.62 -6.74 0.55
N GLU A 58 3.80 -7.93 0.04
CA GLU A 58 2.65 -8.72 -0.50
C GLU A 58 1.73 -9.16 0.63
N GLY A 59 0.49 -8.76 0.60
CA GLY A 59 -0.46 -9.15 1.67
C GLY A 59 -0.07 -8.46 2.98
N ARG A 60 1.02 -7.74 2.98
CA ARG A 60 1.47 -7.02 4.21
C ARG A 60 1.85 -5.59 3.84
N LYS A 61 2.39 -4.85 4.77
CA LYS A 61 2.78 -3.44 4.46
C LYS A 61 3.47 -2.82 5.68
N TYR A 62 4.56 -2.13 5.47
CA TYR A 62 5.27 -1.50 6.62
C TYR A 62 5.93 -0.22 6.17
N CYS A 63 6.02 0.74 7.04
CA CYS A 63 6.70 2.01 6.68
C CYS A 63 8.14 1.92 7.14
N GLU A 64 8.93 2.91 6.85
CA GLU A 64 10.35 2.88 7.29
C GLU A 64 10.42 2.90 8.82
N HIS A 65 9.30 2.85 9.48
CA HIS A 65 9.31 2.86 10.97
C HIS A 65 9.58 1.46 11.53
N ASP A 66 8.63 0.57 11.45
CA ASP A 66 8.84 -0.80 11.98
C ASP A 66 10.01 -1.46 11.25
N PHE A 67 10.21 -1.09 10.02
CA PHE A 67 11.30 -1.71 9.24
C PHE A 67 12.66 -1.09 9.59
N GLN A 68 12.73 0.18 9.86
CA GLN A 68 14.07 0.75 10.24
C GLN A 68 14.37 0.29 11.67
N MET A 69 13.38 -0.24 12.33
CA MET A 69 13.57 -0.74 13.71
C MET A 69 14.25 -2.09 13.60
N LEU A 70 13.86 -2.86 12.60
CA LEU A 70 14.51 -4.20 12.40
C LEU A 70 15.92 -3.92 11.89
N PHE A 71 16.06 -3.60 10.62
CA PHE A 71 17.40 -3.28 10.06
C PHE A 71 17.23 -2.48 8.76
N ALA A 72 16.96 -1.21 8.85
CA ALA A 72 16.79 -0.39 7.61
C ALA A 72 16.91 1.10 7.95
N PRO A 73 18.08 1.49 8.42
CA PRO A 73 18.35 2.90 8.79
C PRO A 73 18.27 3.79 7.55
N CYS A 74 17.16 4.44 7.35
CA CYS A 74 17.01 5.34 6.16
C CYS A 74 17.48 6.75 6.52
ZN ZN B . -6.44 3.72 -0.97
ZN ZN C . 5.06 1.66 10.91
N MET A 5 -29.24 3.08 -14.21
CA MET A 5 -28.04 2.39 -13.67
C MET A 5 -27.10 3.42 -13.05
N ALA A 6 -26.81 4.48 -13.76
CA ALA A 6 -25.89 5.53 -13.23
C ALA A 6 -24.51 4.92 -12.95
N ASN A 7 -23.69 5.61 -12.19
CA ASN A 7 -22.33 5.08 -11.88
C ASN A 7 -22.45 4.00 -10.80
N ALA A 8 -21.83 2.87 -11.01
CA ALA A 8 -21.90 1.77 -10.01
C ALA A 8 -20.73 0.81 -10.21
N LEU A 9 -19.81 1.17 -11.09
CA LEU A 9 -18.63 0.28 -11.34
C LEU A 9 -17.56 0.54 -10.28
N ALA A 10 -17.53 -0.26 -9.24
CA ALA A 10 -16.51 -0.06 -8.17
C ALA A 10 -15.12 -0.42 -8.72
N SER A 11 -15.05 -1.35 -9.63
CA SER A 11 -13.74 -1.76 -10.21
C SER A 11 -12.77 -2.16 -9.10
N ALA A 12 -11.50 -2.19 -9.38
CA ALA A 12 -10.50 -2.57 -8.33
C ALA A 12 -10.51 -1.51 -7.22
N THR A 13 -10.33 -1.91 -5.99
CA THR A 13 -10.33 -0.94 -4.87
C THR A 13 -9.04 -1.06 -4.07
N CYS A 14 -8.66 -0.02 -3.36
CA CYS A 14 -7.40 -0.04 -2.56
C CYS A 14 -7.48 -1.10 -1.46
N GLU A 15 -6.35 -1.46 -0.90
CA GLU A 15 -6.32 -2.49 0.17
C GLU A 15 -6.60 -1.85 1.53
N ARG A 16 -5.95 -0.75 1.83
CA ARG A 16 -6.16 -0.10 3.16
C ARG A 16 -7.31 0.91 3.09
N CYS A 17 -7.65 1.38 1.92
CA CYS A 17 -8.75 2.39 1.82
C CYS A 17 -9.89 1.86 0.94
N LYS A 18 -9.68 0.79 0.20
CA LYS A 18 -10.76 0.24 -0.66
C LYS A 18 -11.30 1.34 -1.58
N GLY A 19 -10.50 2.30 -1.92
CA GLY A 19 -10.96 3.39 -2.83
C GLY A 19 -10.96 2.89 -4.27
N GLY A 20 -12.10 2.93 -4.91
CA GLY A 20 -12.17 2.46 -6.33
C GLY A 20 -11.22 3.28 -7.18
N PHE A 21 -10.06 2.76 -7.47
CA PHE A 21 -9.06 3.51 -8.29
C PHE A 21 -8.93 2.86 -9.67
N ALA A 22 -7.95 3.28 -10.43
CA ALA A 22 -7.75 2.69 -11.80
C ALA A 22 -6.45 3.23 -12.41
N PRO A 23 -6.31 4.53 -12.49
CA PRO A 23 -5.11 5.15 -13.08
C PRO A 23 -3.85 4.70 -12.32
N ALA A 24 -2.75 4.55 -13.02
CA ALA A 24 -1.48 4.11 -12.36
C ALA A 24 -1.13 5.04 -11.21
N GLU A 25 -1.59 6.26 -11.24
CA GLU A 25 -1.28 7.22 -10.14
C GLU A 25 -2.07 6.82 -8.90
N LYS A 26 -3.25 6.28 -9.11
CA LYS A 26 -4.09 5.86 -7.95
C LYS A 26 -3.94 4.35 -7.74
N ILE A 27 -3.57 3.63 -8.78
CA ILE A 27 -3.39 2.16 -8.65
C ILE A 27 -1.91 1.86 -8.41
N VAL A 28 -1.59 1.30 -7.28
CA VAL A 28 -0.16 0.96 -6.99
C VAL A 28 -0.12 -0.45 -6.40
N ASN A 29 -0.22 -1.45 -7.22
CA ASN A 29 -0.19 -2.85 -6.70
C ASN A 29 1.25 -3.26 -6.48
N SER A 30 1.49 -4.01 -5.45
CA SER A 30 2.88 -4.46 -5.14
C SER A 30 2.80 -5.67 -4.21
N ASN A 31 3.68 -6.61 -4.38
CA ASN A 31 3.65 -7.85 -3.53
C ASN A 31 2.46 -8.71 -3.93
N GLY A 32 1.35 -8.09 -4.24
CA GLY A 32 0.13 -8.86 -4.63
C GLY A 32 -1.10 -8.07 -4.20
N GLU A 33 -0.93 -7.13 -3.30
CA GLU A 33 -2.08 -6.30 -2.83
C GLU A 33 -2.14 -5.00 -3.63
N LEU A 34 -3.13 -4.17 -3.36
CA LEU A 34 -3.26 -2.88 -4.10
C LEU A 34 -3.15 -1.71 -3.12
N TYR A 35 -2.54 -0.64 -3.55
CA TYR A 35 -2.40 0.56 -2.65
C TYR A 35 -2.50 1.84 -3.48
N HIS A 36 -2.82 2.92 -2.85
CA HIS A 36 -2.91 4.23 -3.56
C HIS A 36 -1.54 4.90 -3.46
N GLU A 37 -1.39 6.05 -4.05
CA GLU A 37 -0.09 6.76 -3.94
C GLU A 37 -0.02 7.39 -2.55
N GLN A 38 -1.04 7.19 -1.75
CA GLN A 38 -1.04 7.76 -0.36
C GLN A 38 -1.89 6.88 0.55
N CYS A 39 -1.71 5.58 0.46
CA CYS A 39 -2.48 4.65 1.33
C CYS A 39 -1.51 3.65 1.96
N PHE A 40 -0.33 3.53 1.41
CA PHE A 40 0.68 2.59 1.96
C PHE A 40 0.72 2.73 3.50
N VAL A 41 0.13 1.78 4.19
CA VAL A 41 0.11 1.86 5.69
C VAL A 41 1.04 0.82 6.31
N CYS A 42 1.37 1.00 7.55
CA CYS A 42 2.27 0.04 8.26
C CYS A 42 1.42 -1.05 8.93
N ALA A 43 1.67 -2.29 8.61
CA ALA A 43 0.88 -3.40 9.23
C ALA A 43 1.00 -3.33 10.76
N GLN A 44 1.86 -2.48 11.27
CA GLN A 44 2.03 -2.36 12.74
C GLN A 44 1.43 -1.04 13.24
N CYS A 45 1.96 0.08 12.80
CA CYS A 45 1.41 1.40 13.26
C CYS A 45 0.23 1.79 12.37
N PHE A 46 0.05 1.11 11.28
CA PHE A 46 -1.08 1.43 10.34
C PHE A 46 -1.01 2.88 9.90
N GLN A 47 0.14 3.50 10.02
CA GLN A 47 0.27 4.92 9.59
C GLN A 47 0.40 4.95 8.07
N GLN A 48 -0.39 5.75 7.41
CA GLN A 48 -0.31 5.82 5.92
C GLN A 48 0.77 6.81 5.53
N PHE A 49 1.39 6.63 4.39
CA PHE A 49 2.47 7.55 3.97
C PHE A 49 2.28 7.94 2.49
N PRO A 50 2.35 9.23 2.22
CA PRO A 50 2.20 9.77 0.85
C PRO A 50 3.34 9.26 -0.04
N GLU A 51 4.30 8.60 0.53
CA GLU A 51 5.45 8.08 -0.27
C GLU A 51 4.93 7.24 -1.44
N GLY A 52 3.77 6.64 -1.28
CA GLY A 52 3.21 5.80 -2.37
C GLY A 52 4.04 4.52 -2.51
N LEU A 53 5.04 4.36 -1.69
CA LEU A 53 5.90 3.14 -1.74
C LEU A 53 6.94 3.20 -0.63
N PHE A 54 6.88 2.28 0.30
CA PHE A 54 7.87 2.28 1.42
C PHE A 54 8.41 0.86 1.62
N TYR A 55 8.31 0.31 2.80
CA TYR A 55 8.83 -1.07 3.03
C TYR A 55 7.67 -2.07 2.89
N GLU A 56 6.92 -1.94 1.83
CA GLU A 56 5.78 -2.87 1.60
C GLU A 56 6.31 -4.29 1.41
N PHE A 57 5.48 -5.29 1.58
CA PHE A 57 5.98 -6.70 1.41
C PHE A 57 4.83 -7.64 1.04
N GLU A 58 5.15 -8.88 0.79
CA GLU A 58 4.10 -9.88 0.41
C GLU A 58 3.23 -10.22 1.63
N GLY A 59 1.95 -9.96 1.53
CA GLY A 59 1.05 -10.25 2.68
C GLY A 59 1.44 -9.39 3.88
N ARG A 60 2.33 -8.44 3.66
CA ARG A 60 2.76 -7.56 4.78
C ARG A 60 2.92 -6.13 4.26
N LYS A 61 3.23 -5.20 5.12
CA LYS A 61 3.39 -3.79 4.70
C LYS A 61 4.01 -2.99 5.85
N TYR A 62 5.08 -2.29 5.60
CA TYR A 62 5.72 -1.50 6.70
C TYR A 62 6.28 -0.19 6.14
N CYS A 63 6.32 0.82 6.95
CA CYS A 63 6.89 2.11 6.50
C CYS A 63 8.31 2.20 7.04
N GLU A 64 9.00 3.28 6.78
CA GLU A 64 10.38 3.40 7.31
C GLU A 64 10.33 3.56 8.83
N HIS A 65 9.18 3.35 9.43
CA HIS A 65 9.08 3.49 10.91
C HIS A 65 9.51 2.20 11.60
N ASP A 66 8.69 1.17 11.57
CA ASP A 66 9.09 -0.10 12.24
C ASP A 66 10.35 -0.64 11.59
N PHE A 67 10.51 -0.40 10.32
CA PHE A 67 11.69 -0.92 9.59
C PHE A 67 12.95 -0.10 9.91
N GLN A 68 12.86 1.20 10.09
CA GLN A 68 14.12 1.94 10.43
C GLN A 68 14.55 1.51 11.83
N MET A 69 13.61 1.06 12.62
CA MET A 69 13.95 0.59 14.00
C MET A 69 14.81 -0.66 13.84
N LEU A 70 14.46 -1.51 12.90
CA LEU A 70 15.27 -2.73 12.66
C LEU A 70 16.60 -2.28 12.06
N PHE A 71 16.61 -1.08 11.52
CA PHE A 71 17.84 -0.53 10.90
C PHE A 71 18.16 -1.31 9.62
N ALA A 72 17.17 -1.54 8.79
CA ALA A 72 17.41 -2.30 7.53
C ALA A 72 18.31 -1.47 6.60
N PRO A 73 19.42 -2.06 6.20
CA PRO A 73 20.39 -1.39 5.31
C PRO A 73 19.75 -1.09 3.95
N CYS A 74 18.59 -1.65 3.69
CA CYS A 74 17.90 -1.41 2.39
C CYS A 74 18.80 -1.86 1.22
ZN ZN B . -6.34 3.62 -1.14
ZN ZN C . 4.85 1.91 10.72
N MET A 5 -15.41 9.19 -19.46
CA MET A 5 -15.70 8.20 -18.38
C MET A 5 -14.57 8.24 -17.34
N ALA A 6 -13.35 8.03 -17.78
CA ALA A 6 -12.19 8.05 -16.82
C ALA A 6 -12.39 6.99 -15.73
N ASN A 7 -13.21 6.00 -15.98
CA ASN A 7 -13.45 4.94 -14.96
C ASN A 7 -12.66 3.69 -15.33
N ALA A 8 -12.61 3.37 -16.60
CA ALA A 8 -11.86 2.15 -17.05
C ALA A 8 -12.40 0.92 -16.30
N LEU A 9 -13.67 0.92 -15.97
CA LEU A 9 -14.27 -0.24 -15.24
C LEU A 9 -13.51 -0.47 -13.92
N ALA A 10 -13.59 0.48 -13.02
CA ALA A 10 -12.89 0.32 -11.71
C ALA A 10 -13.46 -0.89 -10.98
N SER A 11 -12.81 -2.02 -11.07
CA SER A 11 -13.31 -3.25 -10.38
C SER A 11 -12.30 -3.68 -9.30
N ALA A 12 -11.73 -2.73 -8.61
CA ALA A 12 -10.74 -3.06 -7.53
C ALA A 12 -10.69 -1.93 -6.51
N THR A 13 -10.50 -2.25 -5.26
CA THR A 13 -10.44 -1.19 -4.21
C THR A 13 -9.09 -1.25 -3.49
N CYS A 14 -8.74 -0.21 -2.79
CA CYS A 14 -7.45 -0.16 -2.06
C CYS A 14 -7.41 -1.25 -0.98
N GLU A 15 -6.26 -1.84 -0.79
CA GLU A 15 -6.11 -2.92 0.22
C GLU A 15 -5.89 -2.32 1.61
N ARG A 16 -6.19 -1.06 1.78
CA ARG A 16 -6.01 -0.41 3.11
C ARG A 16 -7.13 0.58 3.32
N CYS A 17 -7.40 1.39 2.33
CA CYS A 17 -8.50 2.39 2.46
C CYS A 17 -9.74 1.85 1.73
N LYS A 18 -9.57 0.80 0.98
CA LYS A 18 -10.72 0.20 0.23
C LYS A 18 -11.37 1.27 -0.65
N GLY A 19 -10.56 2.03 -1.35
CA GLY A 19 -11.12 3.08 -2.25
C GLY A 19 -11.14 2.55 -3.68
N GLY A 20 -12.29 2.48 -4.29
CA GLY A 20 -12.39 1.96 -5.68
C GLY A 20 -11.47 2.78 -6.59
N PHE A 21 -10.29 2.29 -6.88
CA PHE A 21 -9.36 3.04 -7.77
C PHE A 21 -9.27 2.34 -9.12
N ALA A 22 -8.39 2.79 -9.98
CA ALA A 22 -8.26 2.15 -11.32
C ALA A 22 -7.08 2.77 -12.09
N PRO A 23 -7.07 4.09 -12.22
CA PRO A 23 -5.99 4.79 -12.93
C PRO A 23 -4.62 4.48 -12.31
N ALA A 24 -3.60 4.39 -13.11
CA ALA A 24 -2.24 4.06 -12.60
C ALA A 24 -1.82 5.03 -11.50
N GLU A 25 -2.32 6.24 -11.52
CA GLU A 25 -1.93 7.22 -10.47
C GLU A 25 -2.59 6.82 -9.15
N LYS A 26 -3.75 6.22 -9.22
CA LYS A 26 -4.45 5.80 -7.97
C LYS A 26 -4.22 4.30 -7.75
N ILE A 27 -3.81 3.59 -8.78
CA ILE A 27 -3.56 2.13 -8.65
C ILE A 27 -2.06 1.88 -8.59
N VAL A 28 -1.57 1.48 -7.45
CA VAL A 28 -0.12 1.20 -7.30
C VAL A 28 0.04 -0.18 -6.65
N ASN A 29 0.56 -1.13 -7.36
CA ASN A 29 0.72 -2.49 -6.78
C ASN A 29 2.16 -2.69 -6.32
N SER A 30 2.36 -3.45 -5.29
CA SER A 30 3.74 -3.70 -4.79
C SER A 30 3.78 -5.06 -4.08
N ASN A 31 4.73 -5.88 -4.43
CA ASN A 31 4.85 -7.24 -3.80
C ASN A 31 3.66 -8.10 -4.25
N GLY A 32 2.48 -7.77 -3.81
CA GLY A 32 1.27 -8.55 -4.19
C GLY A 32 0.03 -7.89 -3.59
N GLU A 33 0.03 -6.59 -3.51
CA GLU A 33 -1.14 -5.86 -2.92
C GLU A 33 -1.39 -4.57 -3.71
N LEU A 34 -2.49 -3.90 -3.46
CA LEU A 34 -2.78 -2.64 -4.20
C LEU A 34 -2.73 -1.47 -3.21
N TYR A 35 -2.02 -0.44 -3.54
CA TYR A 35 -1.93 0.73 -2.62
C TYR A 35 -2.21 2.00 -3.41
N HIS A 36 -2.91 2.93 -2.80
CA HIS A 36 -3.18 4.22 -3.48
C HIS A 36 -1.88 5.00 -3.51
N GLU A 37 -1.83 6.12 -4.16
CA GLU A 37 -0.57 6.90 -4.16
C GLU A 37 -0.44 7.61 -2.81
N GLN A 38 -1.34 7.34 -1.91
CA GLN A 38 -1.28 7.97 -0.57
C GLN A 38 -2.02 7.07 0.43
N CYS A 39 -1.74 5.79 0.40
CA CYS A 39 -2.42 4.85 1.34
C CYS A 39 -1.37 3.93 1.95
N PHE A 40 -0.20 3.87 1.35
CA PHE A 40 0.89 2.99 1.88
C PHE A 40 0.93 3.11 3.42
N VAL A 41 0.28 2.21 4.12
CA VAL A 41 0.26 2.28 5.62
C VAL A 41 1.12 1.17 6.23
N CYS A 42 1.47 1.34 7.48
CA CYS A 42 2.29 0.31 8.18
C CYS A 42 1.35 -0.73 8.81
N ALA A 43 1.58 -1.98 8.53
CA ALA A 43 0.71 -3.06 9.09
C ALA A 43 0.57 -2.92 10.61
N GLN A 44 1.44 -2.16 11.25
CA GLN A 44 1.35 -2.01 12.73
C GLN A 44 0.93 -0.58 13.09
N CYS A 45 1.76 0.40 12.83
CA CYS A 45 1.40 1.81 13.18
C CYS A 45 0.31 2.31 12.23
N PHE A 46 0.04 1.59 11.17
CA PHE A 46 -1.02 1.99 10.21
C PHE A 46 -0.80 3.43 9.74
N GLN A 47 0.39 3.94 9.88
CA GLN A 47 0.67 5.33 9.43
C GLN A 47 0.83 5.32 7.91
N GLN A 48 0.06 6.14 7.21
CA GLN A 48 0.17 6.15 5.72
C GLN A 48 1.38 6.99 5.31
N PHE A 49 1.76 6.88 4.07
CA PHE A 49 2.95 7.64 3.58
C PHE A 49 2.80 7.91 2.07
N PRO A 50 2.66 9.17 1.71
CA PRO A 50 2.52 9.57 0.30
C PRO A 50 3.81 9.27 -0.48
N GLU A 51 4.76 8.62 0.15
CA GLU A 51 6.04 8.30 -0.52
C GLU A 51 5.77 7.57 -1.84
N GLY A 52 4.65 6.89 -1.94
CA GLY A 52 4.33 6.17 -3.21
C GLY A 52 4.82 4.72 -3.10
N LEU A 53 5.79 4.48 -2.24
CA LEU A 53 6.32 3.09 -2.09
C LEU A 53 7.38 3.07 -0.98
N PHE A 54 6.97 2.89 0.24
CA PHE A 54 7.96 2.85 1.36
C PHE A 54 8.49 1.43 1.51
N TYR A 55 8.14 0.72 2.56
CA TYR A 55 8.63 -0.67 2.73
C TYR A 55 7.43 -1.64 2.74
N GLU A 56 6.55 -1.51 1.78
CA GLU A 56 5.37 -2.43 1.71
C GLU A 56 5.86 -3.86 1.45
N PHE A 57 5.03 -4.84 1.68
CA PHE A 57 5.46 -6.26 1.44
C PHE A 57 4.27 -7.09 0.93
N GLU A 58 4.54 -8.26 0.42
CA GLU A 58 3.44 -9.13 -0.10
C GLU A 58 2.59 -9.64 1.07
N GLY A 59 1.36 -9.22 1.14
CA GLY A 59 0.48 -9.67 2.27
C GLY A 59 0.79 -8.85 3.52
N ARG A 60 1.89 -8.14 3.51
CA ARG A 60 2.26 -7.30 4.68
C ARG A 60 2.53 -5.87 4.22
N LYS A 61 3.05 -5.04 5.07
CA LYS A 61 3.32 -3.63 4.67
C LYS A 61 3.98 -2.90 5.85
N TYR A 62 5.06 -2.22 5.59
CA TYR A 62 5.75 -1.48 6.70
C TYR A 62 6.36 -0.20 6.15
N CYS A 63 6.33 0.85 6.91
CA CYS A 63 6.94 2.12 6.46
C CYS A 63 8.38 2.14 6.95
N GLU A 64 9.11 3.19 6.71
CA GLU A 64 10.51 3.23 7.20
C GLU A 64 10.52 3.17 8.73
N HIS A 65 9.36 3.19 9.34
CA HIS A 65 9.29 3.13 10.82
C HIS A 65 9.50 1.69 11.31
N ASP A 66 8.53 0.84 11.12
CA ASP A 66 8.68 -0.56 11.58
C ASP A 66 9.93 -1.17 10.94
N PHE A 67 10.20 -0.80 9.72
CA PHE A 67 11.41 -1.35 9.05
C PHE A 67 12.66 -0.85 9.77
N GLN A 68 12.75 0.43 10.08
CA GLN A 68 13.95 0.93 10.80
C GLN A 68 13.87 0.48 12.26
N MET A 69 12.80 -0.17 12.61
CA MET A 69 12.66 -0.68 14.00
C MET A 69 13.48 -1.97 14.06
N LEU A 70 13.56 -2.63 12.94
CA LEU A 70 14.35 -3.89 12.84
C LEU A 70 15.66 -3.56 12.14
N PHE A 71 15.70 -2.45 11.45
CA PHE A 71 16.92 -2.05 10.71
C PHE A 71 17.91 -1.35 11.65
N ALA A 72 18.09 -1.87 12.84
CA ALA A 72 19.04 -1.25 13.81
C ALA A 72 18.69 0.24 13.99
N PRO A 73 17.64 0.49 14.73
CA PRO A 73 17.19 1.87 15.00
C PRO A 73 18.27 2.63 15.77
N CYS A 74 18.95 3.54 15.11
CA CYS A 74 20.01 4.32 15.79
C CYS A 74 19.75 5.82 15.59
ZN ZN B . -6.43 3.56 -0.73
ZN ZN C . 5.00 2.00 10.67
N MET A 5 -25.93 -6.33 -13.53
CA MET A 5 -26.43 -5.20 -14.36
C MET A 5 -25.68 -3.92 -14.01
N ALA A 6 -24.70 -4.02 -13.14
CA ALA A 6 -23.91 -2.81 -12.75
C ALA A 6 -23.05 -2.34 -13.92
N ASN A 7 -22.60 -3.28 -14.73
CA ASN A 7 -21.75 -2.93 -15.91
C ASN A 7 -20.38 -2.42 -15.43
N ALA A 8 -20.36 -1.31 -14.74
CA ALA A 8 -19.06 -0.76 -14.26
C ALA A 8 -19.29 -0.02 -12.93
N LEU A 9 -18.63 -0.43 -11.88
CA LEU A 9 -18.80 0.24 -10.57
C LEU A 9 -17.61 -0.11 -9.66
N ALA A 10 -16.96 0.88 -9.11
CA ALA A 10 -15.79 0.62 -8.22
C ALA A 10 -14.74 -0.22 -8.95
N SER A 11 -14.85 -1.53 -8.88
CA SER A 11 -13.88 -2.42 -9.59
C SER A 11 -12.48 -2.22 -9.00
N ALA A 12 -12.06 -3.11 -8.12
CA ALA A 12 -10.71 -3.00 -7.51
C ALA A 12 -10.66 -1.78 -6.57
N THR A 13 -10.46 -2.03 -5.30
CA THR A 13 -10.39 -0.90 -4.32
C THR A 13 -9.09 -0.99 -3.51
N CYS A 14 -8.66 0.09 -2.92
CA CYS A 14 -7.40 0.08 -2.13
C CYS A 14 -7.50 -0.93 -0.98
N GLU A 15 -6.38 -1.42 -0.54
CA GLU A 15 -6.37 -2.44 0.55
C GLU A 15 -6.64 -1.77 1.91
N ARG A 16 -6.08 -0.62 2.15
CA ARG A 16 -6.31 0.04 3.48
C ARG A 16 -7.42 1.09 3.39
N CYS A 17 -7.53 1.79 2.29
CA CYS A 17 -8.58 2.84 2.17
C CYS A 17 -9.78 2.31 1.38
N LYS A 18 -9.60 1.23 0.65
CA LYS A 18 -10.73 0.66 -0.15
C LYS A 18 -11.27 1.73 -1.09
N GLY A 19 -10.40 2.48 -1.72
CA GLY A 19 -10.86 3.53 -2.67
C GLY A 19 -10.91 2.93 -4.07
N GLY A 20 -12.06 2.93 -4.69
CA GLY A 20 -12.18 2.35 -6.06
C GLY A 20 -11.22 3.07 -7.00
N PHE A 21 -10.11 2.44 -7.30
CA PHE A 21 -9.12 3.06 -8.22
C PHE A 21 -9.05 2.25 -9.53
N ALA A 22 -8.11 2.57 -10.39
CA ALA A 22 -7.99 1.83 -11.67
C ALA A 22 -6.76 2.31 -12.46
N PRO A 23 -6.68 3.61 -12.71
CA PRO A 23 -5.54 4.19 -13.45
C PRO A 23 -4.22 3.89 -12.74
N ALA A 24 -3.16 3.73 -13.47
CA ALA A 24 -1.83 3.43 -12.84
C ALA A 24 -1.47 4.54 -11.84
N GLU A 25 -2.12 5.67 -11.92
CA GLU A 25 -1.81 6.77 -10.96
C GLU A 25 -2.52 6.48 -9.64
N LYS A 26 -3.73 5.99 -9.70
CA LYS A 26 -4.48 5.69 -8.45
C LYS A 26 -4.22 4.24 -8.05
N ILE A 27 -4.11 3.36 -9.02
CA ILE A 27 -3.83 1.93 -8.71
C ILE A 27 -2.33 1.72 -8.57
N VAL A 28 -1.89 1.25 -7.42
CA VAL A 28 -0.43 1.02 -7.22
C VAL A 28 -0.23 -0.36 -6.61
N ASN A 29 -0.47 -1.40 -7.36
CA ASN A 29 -0.29 -2.78 -6.82
C ASN A 29 1.19 -3.13 -6.83
N SER A 30 1.68 -3.66 -5.76
CA SER A 30 3.12 -4.02 -5.70
C SER A 30 3.32 -5.02 -4.56
N ASN A 31 4.40 -5.76 -4.59
CA ASN A 31 4.67 -6.78 -3.53
C ASN A 31 3.57 -7.84 -3.52
N GLY A 32 2.41 -7.51 -3.02
CA GLY A 32 1.30 -8.51 -2.99
C GLY A 32 0.02 -7.85 -2.46
N GLU A 33 -0.19 -6.59 -2.76
CA GLU A 33 -1.41 -5.90 -2.27
C GLU A 33 -1.72 -4.68 -3.17
N LEU A 34 -2.78 -3.97 -2.89
CA LEU A 34 -3.13 -2.78 -3.71
C LEU A 34 -3.09 -1.53 -2.83
N TYR A 35 -2.38 -0.52 -3.25
CA TYR A 35 -2.30 0.72 -2.43
C TYR A 35 -2.43 1.94 -3.33
N HIS A 36 -2.78 3.06 -2.75
CA HIS A 36 -2.89 4.33 -3.53
C HIS A 36 -1.55 5.04 -3.43
N GLU A 37 -1.46 6.24 -3.94
CA GLU A 37 -0.17 6.98 -3.84
C GLU A 37 -0.02 7.52 -2.41
N GLN A 38 -1.09 7.50 -1.65
CA GLN A 38 -1.02 8.01 -0.24
C GLN A 38 -1.82 7.09 0.69
N CYS A 39 -1.63 5.80 0.56
CA CYS A 39 -2.35 4.84 1.44
C CYS A 39 -1.33 3.85 2.02
N PHE A 40 -0.15 3.81 1.44
CA PHE A 40 0.92 2.88 1.94
C PHE A 40 0.95 2.95 3.47
N VAL A 41 0.30 2.02 4.14
CA VAL A 41 0.27 2.05 5.63
C VAL A 41 1.26 1.05 6.22
N CYS A 42 1.43 1.09 7.51
CA CYS A 42 2.35 0.14 8.20
C CYS A 42 1.52 -1.03 8.74
N ALA A 43 1.89 -2.23 8.41
CA ALA A 43 1.13 -3.41 8.91
C ALA A 43 1.07 -3.41 10.44
N GLN A 44 1.74 -2.49 11.08
CA GLN A 44 1.71 -2.45 12.58
C GLN A 44 1.12 -1.11 13.05
N CYS A 45 1.80 -0.01 12.82
CA CYS A 45 1.26 1.30 13.27
C CYS A 45 0.15 1.77 12.31
N PHE A 46 0.00 1.09 11.21
CA PHE A 46 -1.06 1.47 10.22
C PHE A 46 -0.85 2.91 9.76
N GLN A 47 0.31 3.46 10.00
CA GLN A 47 0.57 4.86 9.56
C GLN A 47 0.72 4.87 8.04
N GLN A 48 -0.04 5.68 7.36
CA GLN A 48 0.06 5.72 5.88
C GLN A 48 1.37 6.39 5.47
N PHE A 49 1.61 6.47 4.19
CA PHE A 49 2.87 7.09 3.71
C PHE A 49 2.66 7.68 2.31
N PRO A 50 2.88 8.97 2.18
CA PRO A 50 2.70 9.67 0.89
C PRO A 50 3.67 9.12 -0.16
N GLU A 51 3.68 9.72 -1.33
CA GLU A 51 4.60 9.25 -2.43
C GLU A 51 4.12 7.88 -2.94
N GLY A 52 3.66 7.03 -2.06
CA GLY A 52 3.18 5.69 -2.49
C GLY A 52 4.37 4.75 -2.65
N LEU A 53 5.25 4.72 -1.68
CA LEU A 53 6.43 3.83 -1.76
C LEU A 53 7.24 3.87 -0.46
N PHE A 54 7.33 2.76 0.22
CA PHE A 54 8.12 2.71 1.48
C PHE A 54 8.67 1.30 1.68
N TYR A 55 8.57 0.75 2.86
CA TYR A 55 9.10 -0.63 3.07
C TYR A 55 7.96 -1.64 2.88
N GLU A 56 7.32 -1.59 1.74
CA GLU A 56 6.19 -2.52 1.46
C GLU A 56 6.72 -3.97 1.42
N PHE A 57 5.84 -4.93 1.61
CA PHE A 57 6.27 -6.35 1.58
C PHE A 57 5.19 -7.21 0.91
N GLU A 58 5.52 -8.41 0.53
CA GLU A 58 4.52 -9.29 -0.14
C GLU A 58 3.45 -9.73 0.85
N GLY A 59 2.20 -9.48 0.55
CA GLY A 59 1.10 -9.89 1.47
C GLY A 59 1.08 -8.98 2.70
N ARG A 60 2.02 -8.08 2.80
CA ARG A 60 2.07 -7.16 3.98
C ARG A 60 2.70 -5.83 3.56
N LYS A 61 3.10 -5.03 4.50
CA LYS A 61 3.73 -3.73 4.15
C LYS A 61 4.22 -3.04 5.44
N TYR A 62 5.27 -2.26 5.34
CA TYR A 62 5.80 -1.58 6.55
C TYR A 62 6.38 -0.22 6.15
N CYS A 63 6.10 0.80 6.92
CA CYS A 63 6.66 2.13 6.59
C CYS A 63 8.07 2.19 7.16
N GLU A 64 8.80 3.24 6.90
CA GLU A 64 10.18 3.34 7.43
C GLU A 64 10.14 3.22 8.97
N HIS A 65 9.01 3.47 9.57
CA HIS A 65 8.93 3.37 11.06
C HIS A 65 9.20 1.92 11.50
N ASP A 66 8.31 1.02 11.19
CA ASP A 66 8.50 -0.39 11.61
C ASP A 66 9.86 -0.90 11.14
N PHE A 67 10.21 -0.64 9.91
CA PHE A 67 11.50 -1.13 9.38
C PHE A 67 12.69 -0.43 10.06
N GLN A 68 12.56 0.81 10.49
CA GLN A 68 13.72 1.47 11.15
C GLN A 68 13.93 0.82 12.52
N MET A 69 12.89 0.24 13.06
CA MET A 69 13.01 -0.44 14.38
C MET A 69 13.81 -1.71 14.16
N LEU A 70 13.60 -2.35 13.03
CA LEU A 70 14.36 -3.59 12.72
C LEU A 70 15.79 -3.17 12.38
N PHE A 71 15.95 -1.93 12.00
CA PHE A 71 17.29 -1.38 11.64
C PHE A 71 17.84 -2.10 10.39
N ALA A 72 17.06 -2.95 9.78
CA ALA A 72 17.53 -3.69 8.56
C ALA A 72 18.89 -4.34 8.83
N PRO A 73 18.87 -5.43 9.56
CA PRO A 73 20.09 -6.18 9.90
C PRO A 73 20.76 -6.72 8.63
N CYS A 74 22.07 -6.64 8.55
CA CYS A 74 22.78 -7.14 7.34
C CYS A 74 22.83 -8.67 7.38
ZN ZN B . -6.21 3.75 -0.94
ZN ZN C . 4.79 1.89 10.84
#